data_4YL6
# 
_entry.id   4YL6 
# 
_audit_conform.dict_name       mmcif_pdbx.dic 
_audit_conform.dict_version    5.380 
_audit_conform.dict_location   http://mmcif.pdb.org/dictionaries/ascii/mmcif_pdbx.dic 
# 
loop_
_database_2.database_id 
_database_2.database_code 
_database_2.pdbx_database_accession 
_database_2.pdbx_DOI 
PDB   4YL6         pdb_00004yl6 10.2210/pdb4yl6/pdb 
WWPDB D_1000207605 ?            ?                   
# 
loop_
_pdbx_database_related.db_name 
_pdbx_database_related.details 
_pdbx_database_related.db_id 
_pdbx_database_related.content_type 
PDB . 4YKC unspecified 
PDB . 4YKD unspecified 
# 
_pdbx_database_status.status_code                     REL 
_pdbx_database_status.status_code_sf                  REL 
_pdbx_database_status.status_code_mr                  ? 
_pdbx_database_status.entry_id                        4YL6 
_pdbx_database_status.recvd_initial_deposition_date   2015-03-05 
_pdbx_database_status.SG_entry                        N 
_pdbx_database_status.deposit_site                    RCSB 
_pdbx_database_status.process_site                    PDBJ 
_pdbx_database_status.status_code_cs                  ? 
_pdbx_database_status.methods_development_category    ? 
_pdbx_database_status.pdb_format_compatible           Y 
_pdbx_database_status.status_code_nmr_data            ? 
# 
loop_
_audit_author.name 
_audit_author.pdbx_ordinal 
'Ding, J.'   1 
'Wang, X.'   2 
'Wang, D.C.' 3 
# 
_citation.abstract                  ? 
_citation.abstract_id_CAS           ? 
_citation.book_id_ISBN              ? 
_citation.book_publisher            ? 
_citation.book_publisher_city       ? 
_citation.book_title                ? 
_citation.coordinate_linkage        ? 
_citation.country                   UK 
_citation.database_id_Medline       ? 
_citation.details                   ? 
_citation.id                        primary 
_citation.journal_abbrev            Structure 
_citation.journal_id_ASTM           STRUE6 
_citation.journal_id_CSD            2005 
_citation.journal_id_ISSN           0969-2126 
_citation.journal_full              ? 
_citation.journal_issue             ? 
_citation.journal_volume            23 
_citation.language                  ? 
_citation.page_first                1087 
_citation.page_last                 1096 
_citation.title                     
;Structural Insights into the Molecular Recognition between Cerebral Cavernous Malformation 2 and Mitogen-Activated Protein Kinase Kinase Kinase 3
;
_citation.year                      2015 
_citation.database_id_CSD           ? 
_citation.pdbx_database_id_DOI      10.1016/j.str.2015.04.003 
_citation.pdbx_database_id_PubMed   25982527 
_citation.unpublished_flag          ? 
# 
loop_
_citation_author.citation_id 
_citation_author.name 
_citation_author.ordinal 
_citation_author.identifier_ORCID 
primary 'Wang, X.'   1 ? 
primary 'Hou, Y.'    2 ? 
primary 'Deng, K.'   3 ? 
primary 'Zhang, Y.'  4 ? 
primary 'Wang, D.C.' 5 ? 
primary 'Ding, J.'   6 ? 
# 
_cell.angle_alpha                  90.00 
_cell.angle_alpha_esd              ? 
_cell.angle_beta                   90.00 
_cell.angle_beta_esd               ? 
_cell.angle_gamma                  90.00 
_cell.angle_gamma_esd              ? 
_cell.entry_id                     4YL6 
_cell.details                      ? 
_cell.formula_units_Z              ? 
_cell.length_a                     61.210 
_cell.length_a_esd                 ? 
_cell.length_b                     61.210 
_cell.length_b_esd                 ? 
_cell.length_c                     68.980 
_cell.length_c_esd                 ? 
_cell.volume                       ? 
_cell.volume_esd                   ? 
_cell.Z_PDB                        8 
_cell.reciprocal_angle_alpha       ? 
_cell.reciprocal_angle_beta        ? 
_cell.reciprocal_angle_gamma       ? 
_cell.reciprocal_angle_alpha_esd   ? 
_cell.reciprocal_angle_beta_esd    ? 
_cell.reciprocal_angle_gamma_esd   ? 
_cell.reciprocal_length_a          ? 
_cell.reciprocal_length_b          ? 
_cell.reciprocal_length_c          ? 
_cell.reciprocal_length_a_esd      ? 
_cell.reciprocal_length_b_esd      ? 
_cell.reciprocal_length_c_esd      ? 
_cell.pdbx_unique_axis             ? 
# 
_symmetry.entry_id                         4YL6 
_symmetry.cell_setting                     ? 
_symmetry.Int_Tables_number                96 
_symmetry.space_group_name_Hall            ? 
_symmetry.space_group_name_H-M             'P 43 21 2' 
_symmetry.pdbx_full_space_group_name_H-M   ? 
# 
loop_
_entity.id 
_entity.type 
_entity.src_method 
_entity.pdbx_description 
_entity.formula_weight 
_entity.pdbx_number_of_molecules 
_entity.pdbx_ec 
_entity.pdbx_mutation 
_entity.pdbx_fragment 
_entity.details 
1 polymer man Malcavernin                                        11302.810 1  ? ? 
'truncated fragment of C-terminal adaptor domain, UNP residues 290-376' ? 
2 polymer syn 'Mitogen-activated protein kinase kinase kinase 3' 2593.955  1  ? ? 'UNP residues 1-22' ? 
3 water   nat water                                              18.015    70 ? ? ? ? 
# 
loop_
_entity_name_com.entity_id 
_entity_name_com.name 
1 'Cerebral cavernous malformations 2 protein' 
2 'MAPK/ERK kinase kinase 3,MEKK 3'            
# 
loop_
_entity_poly.entity_id 
_entity_poly.type 
_entity_poly.nstd_linkage 
_entity_poly.nstd_monomer 
_entity_poly.pdbx_seq_one_letter_code 
_entity_poly.pdbx_seq_one_letter_code_can 
_entity_poly.pdbx_strand_id 
_entity_poly.pdbx_target_identifier 
1 'polypeptide(L)' no no 
;MELSASATELLQDYMLTLRTKLSSQEIQQFAALLHEYRNGASIHEFCINLRQLYGDSRKFLLLGLRPFIPEKDSQHFENF
LETIGVKDLEHHHHHH
;
;MELSASATELLQDYMLTLRTKLSSQEIQQFAALLHEYRNGASIHEFCINLRQLYGDSRKFLLLGLRPFIPEKDSQHFENF
LETIGVKDLEHHHHHH
;
A ? 
2 'polypeptide(L)' no no MDEQEALNSIMNDLVALQMNRR                                                                              
MDEQEALNSIMNDLVALQMNRR                                                                              B ? 
# 
loop_
_entity_poly_seq.entity_id 
_entity_poly_seq.num 
_entity_poly_seq.mon_id 
_entity_poly_seq.hetero 
1 1  MET n 
1 2  GLU n 
1 3  LEU n 
1 4  SER n 
1 5  ALA n 
1 6  SER n 
1 7  ALA n 
1 8  THR n 
1 9  GLU n 
1 10 LEU n 
1 11 LEU n 
1 12 GLN n 
1 13 ASP n 
1 14 TYR n 
1 15 MET n 
1 16 LEU n 
1 17 THR n 
1 18 LEU n 
1 19 ARG n 
1 20 THR n 
1 21 LYS n 
1 22 LEU n 
1 23 SER n 
1 24 SER n 
1 25 GLN n 
1 26 GLU n 
1 27 ILE n 
1 28 GLN n 
1 29 GLN n 
1 30 PHE n 
1 31 ALA n 
1 32 ALA n 
1 33 LEU n 
1 34 LEU n 
1 35 HIS n 
1 36 GLU n 
1 37 TYR n 
1 38 ARG n 
1 39 ASN n 
1 40 GLY n 
1 41 ALA n 
1 42 SER n 
1 43 ILE n 
1 44 HIS n 
1 45 GLU n 
1 46 PHE n 
1 47 CYS n 
1 48 ILE n 
1 49 ASN n 
1 50 LEU n 
1 51 ARG n 
1 52 GLN n 
1 53 LEU n 
1 54 TYR n 
1 55 GLY n 
1 56 ASP n 
1 57 SER n 
1 58 ARG n 
1 59 LYS n 
1 60 PHE n 
1 61 LEU n 
1 62 LEU n 
1 63 LEU n 
1 64 GLY n 
1 65 LEU n 
1 66 ARG n 
1 67 PRO n 
1 68 PHE n 
1 69 ILE n 
1 70 PRO n 
1 71 GLU n 
1 72 LYS n 
1 73 ASP n 
1 74 SER n 
1 75 GLN n 
1 76 HIS n 
1 77 PHE n 
1 78 GLU n 
1 79 ASN n 
1 80 PHE n 
1 81 LEU n 
1 82 GLU n 
1 83 THR n 
1 84 ILE n 
1 85 GLY n 
1 86 VAL n 
1 87 LYS n 
1 88 ASP n 
1 89 LEU n 
1 90 GLU n 
1 91 HIS n 
1 92 HIS n 
1 93 HIS n 
1 94 HIS n 
1 95 HIS n 
1 96 HIS n 
2 1  MET n 
2 2  ASP n 
2 3  GLU n 
2 4  GLN n 
2 5  GLU n 
2 6  ALA n 
2 7  LEU n 
2 8  ASN n 
2 9  SER n 
2 10 ILE n 
2 11 MET n 
2 12 ASN n 
2 13 ASP n 
2 14 LEU n 
2 15 VAL n 
2 16 ALA n 
2 17 LEU n 
2 18 GLN n 
2 19 MET n 
2 20 ASN n 
2 21 ARG n 
2 22 ARG n 
# 
_entity_src_gen.entity_id                          1 
_entity_src_gen.pdbx_src_id                        1 
_entity_src_gen.pdbx_alt_source_flag               sample 
_entity_src_gen.pdbx_seq_type                      'Biological sequence' 
_entity_src_gen.pdbx_beg_seq_num                   1 
_entity_src_gen.pdbx_end_seq_num                   96 
_entity_src_gen.gene_src_common_name               Human 
_entity_src_gen.gene_src_genus                     ? 
_entity_src_gen.pdbx_gene_src_gene                 CCM2 
_entity_src_gen.gene_src_species                   ? 
_entity_src_gen.gene_src_strain                    ? 
_entity_src_gen.gene_src_tissue                    ? 
_entity_src_gen.gene_src_tissue_fraction           ? 
_entity_src_gen.gene_src_details                   ? 
_entity_src_gen.pdbx_gene_src_fragment             ? 
_entity_src_gen.pdbx_gene_src_scientific_name      'Homo sapiens' 
_entity_src_gen.pdbx_gene_src_ncbi_taxonomy_id     9606 
_entity_src_gen.pdbx_gene_src_variant              ? 
_entity_src_gen.pdbx_gene_src_cell_line            ? 
_entity_src_gen.pdbx_gene_src_atcc                 ? 
_entity_src_gen.pdbx_gene_src_organ                ? 
_entity_src_gen.pdbx_gene_src_organelle            ? 
_entity_src_gen.pdbx_gene_src_cell                 ? 
_entity_src_gen.pdbx_gene_src_cellular_location    ? 
_entity_src_gen.host_org_common_name               ? 
_entity_src_gen.pdbx_host_org_scientific_name      'Escherichia coli BL21(DE3)' 
_entity_src_gen.pdbx_host_org_ncbi_taxonomy_id     469008 
_entity_src_gen.host_org_genus                     ? 
_entity_src_gen.pdbx_host_org_gene                 ? 
_entity_src_gen.pdbx_host_org_organ                ? 
_entity_src_gen.host_org_species                   ? 
_entity_src_gen.pdbx_host_org_tissue               ? 
_entity_src_gen.pdbx_host_org_tissue_fraction      ? 
_entity_src_gen.pdbx_host_org_strain               'BL21(DE3)' 
_entity_src_gen.pdbx_host_org_variant              ? 
_entity_src_gen.pdbx_host_org_cell_line            ? 
_entity_src_gen.pdbx_host_org_atcc                 ? 
_entity_src_gen.pdbx_host_org_culture_collection   ? 
_entity_src_gen.pdbx_host_org_cell                 ? 
_entity_src_gen.pdbx_host_org_organelle            ? 
_entity_src_gen.pdbx_host_org_cellular_location    ? 
_entity_src_gen.pdbx_host_org_vector_type          Plasmid 
_entity_src_gen.pdbx_host_org_vector               ? 
_entity_src_gen.host_org_details                   ? 
_entity_src_gen.expression_system_id               ? 
_entity_src_gen.plasmid_name                       pET22b 
_entity_src_gen.plasmid_details                    ? 
_entity_src_gen.pdbx_description                   ? 
# 
_pdbx_entity_src_syn.entity_id              2 
_pdbx_entity_src_syn.pdbx_src_id            1 
_pdbx_entity_src_syn.pdbx_alt_source_flag   sample 
_pdbx_entity_src_syn.pdbx_beg_seq_num       1 
_pdbx_entity_src_syn.pdbx_end_seq_num       22 
_pdbx_entity_src_syn.organism_scientific    'Homo sapiens' 
_pdbx_entity_src_syn.organism_common_name   Human 
_pdbx_entity_src_syn.ncbi_taxonomy_id       9606 
_pdbx_entity_src_syn.details                ? 
# 
loop_
_struct_ref.id 
_struct_ref.db_name 
_struct_ref.db_code 
_struct_ref.pdbx_db_accession 
_struct_ref.pdbx_db_isoform 
_struct_ref.entity_id 
_struct_ref.pdbx_seq_one_letter_code 
_struct_ref.pdbx_align_begin 
1 UNP CCM2_HUMAN Q9BSQ5 ? 1 
;ELSASATELLQDYMLTLRTKLSSQEIQQFAALLHEYRNGASIHEFCINLRQLYGDSRKFLLLGLRPFIPEKDSQHFENFL
ETIGVKD
;
290 
2 UNP M3K3_HUMAN Q99759 ? 2 MDEQEALNSIMNDLVALQMNRR                                                                     1   
# 
loop_
_struct_ref_seq.align_id 
_struct_ref_seq.ref_id 
_struct_ref_seq.pdbx_PDB_id_code 
_struct_ref_seq.pdbx_strand_id 
_struct_ref_seq.seq_align_beg 
_struct_ref_seq.pdbx_seq_align_beg_ins_code 
_struct_ref_seq.seq_align_end 
_struct_ref_seq.pdbx_seq_align_end_ins_code 
_struct_ref_seq.pdbx_db_accession 
_struct_ref_seq.db_align_beg 
_struct_ref_seq.pdbx_db_align_beg_ins_code 
_struct_ref_seq.db_align_end 
_struct_ref_seq.pdbx_db_align_end_ins_code 
_struct_ref_seq.pdbx_auth_seq_align_beg 
_struct_ref_seq.pdbx_auth_seq_align_end 
1 1 4YL6 A 2 ? 88 ? Q9BSQ5 290 ? 376 ? 290 376 
2 2 4YL6 B 1 ? 22 ? Q99759 1   ? 22  ? 1   22  
# 
loop_
_struct_ref_seq_dif.align_id 
_struct_ref_seq_dif.pdbx_pdb_id_code 
_struct_ref_seq_dif.mon_id 
_struct_ref_seq_dif.pdbx_pdb_strand_id 
_struct_ref_seq_dif.seq_num 
_struct_ref_seq_dif.pdbx_pdb_ins_code 
_struct_ref_seq_dif.pdbx_seq_db_name 
_struct_ref_seq_dif.pdbx_seq_db_accession_code 
_struct_ref_seq_dif.db_mon_id 
_struct_ref_seq_dif.pdbx_seq_db_seq_num 
_struct_ref_seq_dif.details 
_struct_ref_seq_dif.pdbx_auth_seq_num 
_struct_ref_seq_dif.pdbx_ordinal 
1 4YL6 MET A 1  ? UNP Q9BSQ5 ? ? 'expression tag' 289 1 
1 4YL6 LEU A 89 ? UNP Q9BSQ5 ? ? 'expression tag' 377 2 
1 4YL6 GLU A 90 ? UNP Q9BSQ5 ? ? 'expression tag' 378 3 
1 4YL6 HIS A 91 ? UNP Q9BSQ5 ? ? 'expression tag' 379 4 
1 4YL6 HIS A 92 ? UNP Q9BSQ5 ? ? 'expression tag' 380 5 
1 4YL6 HIS A 93 ? UNP Q9BSQ5 ? ? 'expression tag' 381 6 
1 4YL6 HIS A 94 ? UNP Q9BSQ5 ? ? 'expression tag' 382 7 
1 4YL6 HIS A 95 ? UNP Q9BSQ5 ? ? 'expression tag' 383 8 
1 4YL6 HIS A 96 ? UNP Q9BSQ5 ? ? 'expression tag' 384 9 
# 
loop_
_chem_comp.id 
_chem_comp.type 
_chem_comp.mon_nstd_flag 
_chem_comp.name 
_chem_comp.pdbx_synonyms 
_chem_comp.formula 
_chem_comp.formula_weight 
ALA 'L-peptide linking' y ALANINE         ? 'C3 H7 N O2'     89.093  
ARG 'L-peptide linking' y ARGININE        ? 'C6 H15 N4 O2 1' 175.209 
ASN 'L-peptide linking' y ASPARAGINE      ? 'C4 H8 N2 O3'    132.118 
ASP 'L-peptide linking' y 'ASPARTIC ACID' ? 'C4 H7 N O4'     133.103 
CYS 'L-peptide linking' y CYSTEINE        ? 'C3 H7 N O2 S'   121.158 
GLN 'L-peptide linking' y GLUTAMINE       ? 'C5 H10 N2 O3'   146.144 
GLU 'L-peptide linking' y 'GLUTAMIC ACID' ? 'C5 H9 N O4'     147.129 
GLY 'peptide linking'   y GLYCINE         ? 'C2 H5 N O2'     75.067  
HIS 'L-peptide linking' y HISTIDINE       ? 'C6 H10 N3 O2 1' 156.162 
HOH non-polymer         . WATER           ? 'H2 O'           18.015  
ILE 'L-peptide linking' y ISOLEUCINE      ? 'C6 H13 N O2'    131.173 
LEU 'L-peptide linking' y LEUCINE         ? 'C6 H13 N O2'    131.173 
LYS 'L-peptide linking' y LYSINE          ? 'C6 H15 N2 O2 1' 147.195 
MET 'L-peptide linking' y METHIONINE      ? 'C5 H11 N O2 S'  149.211 
PHE 'L-peptide linking' y PHENYLALANINE   ? 'C9 H11 N O2'    165.189 
PRO 'L-peptide linking' y PROLINE         ? 'C5 H9 N O2'     115.130 
SER 'L-peptide linking' y SERINE          ? 'C3 H7 N O3'     105.093 
THR 'L-peptide linking' y THREONINE       ? 'C4 H9 N O3'     119.119 
TYR 'L-peptide linking' y TYROSINE        ? 'C9 H11 N O3'    181.189 
VAL 'L-peptide linking' y VALINE          ? 'C5 H11 N O2'    117.146 
# 
_exptl.absorpt_coefficient_mu     ? 
_exptl.absorpt_correction_T_max   ? 
_exptl.absorpt_correction_T_min   ? 
_exptl.absorpt_correction_type    ? 
_exptl.absorpt_process_details    ? 
_exptl.entry_id                   4YL6 
_exptl.crystals_number            ? 
_exptl.details                    ? 
_exptl.method                     'X-RAY DIFFRACTION' 
_exptl.method_details             ? 
# 
_exptl_crystal.colour                      ? 
_exptl_crystal.density_diffrn              ? 
_exptl_crystal.density_Matthews            2.32 
_exptl_crystal.density_method              ? 
_exptl_crystal.density_percent_sol         47.09 
_exptl_crystal.description                 ? 
_exptl_crystal.F_000                       ? 
_exptl_crystal.id                          1 
_exptl_crystal.preparation                 ? 
_exptl_crystal.size_max                    ? 
_exptl_crystal.size_mid                    ? 
_exptl_crystal.size_min                    ? 
_exptl_crystal.size_rad                    ? 
_exptl_crystal.colour_lustre               ? 
_exptl_crystal.colour_modifier             ? 
_exptl_crystal.colour_primary              ? 
_exptl_crystal.density_meas                ? 
_exptl_crystal.density_meas_esd            ? 
_exptl_crystal.density_meas_gt             ? 
_exptl_crystal.density_meas_lt             ? 
_exptl_crystal.density_meas_temp           ? 
_exptl_crystal.density_meas_temp_esd       ? 
_exptl_crystal.density_meas_temp_gt        ? 
_exptl_crystal.density_meas_temp_lt        ? 
_exptl_crystal.pdbx_crystal_image_url      ? 
_exptl_crystal.pdbx_crystal_image_format   ? 
_exptl_crystal.pdbx_mosaicity              ? 
_exptl_crystal.pdbx_mosaicity_esd          ? 
# 
_exptl_crystal_grow.apparatus       ? 
_exptl_crystal_grow.atmosphere      ? 
_exptl_crystal_grow.crystal_id      1 
_exptl_crystal_grow.details         ? 
_exptl_crystal_grow.method          'VAPOR DIFFUSION, SITTING DROP' 
_exptl_crystal_grow.method_ref      ? 
_exptl_crystal_grow.pH              7.0 
_exptl_crystal_grow.pressure        ? 
_exptl_crystal_grow.pressure_esd    ? 
_exptl_crystal_grow.seeding         ? 
_exptl_crystal_grow.seeding_ref     ? 
_exptl_crystal_grow.temp            293 
_exptl_crystal_grow.temp_details    ? 
_exptl_crystal_grow.temp_esd        ? 
_exptl_crystal_grow.time            ? 
_exptl_crystal_grow.pdbx_details    '3.5 M Sodium Formate' 
_exptl_crystal_grow.pdbx_pH_range   ? 
# 
_diffrn.ambient_environment    ? 
_diffrn.ambient_temp           100 
_diffrn.ambient_temp_details   ? 
_diffrn.ambient_temp_esd       ? 
_diffrn.crystal_id             1 
_diffrn.crystal_support        ? 
_diffrn.crystal_treatment      ? 
_diffrn.details                ? 
_diffrn.id                     1 
_diffrn.ambient_pressure       ? 
_diffrn.ambient_pressure_esd   ? 
_diffrn.ambient_pressure_gt    ? 
_diffrn.ambient_pressure_lt    ? 
_diffrn.ambient_temp_gt        ? 
_diffrn.ambient_temp_lt        ? 
# 
_diffrn_detector.details                      ? 
_diffrn_detector.detector                     'IMAGE PLATE' 
_diffrn_detector.diffrn_id                    1 
_diffrn_detector.type                         'RIGAKU RAXIS IV++' 
_diffrn_detector.area_resol_mean              ? 
_diffrn_detector.dtime                        ? 
_diffrn_detector.pdbx_frames_total            ? 
_diffrn_detector.pdbx_collection_time_total   ? 
_diffrn_detector.pdbx_collection_date         2012-04-05 
# 
_diffrn_radiation.collimation                      ? 
_diffrn_radiation.diffrn_id                        1 
_diffrn_radiation.filter_edge                      ? 
_diffrn_radiation.inhomogeneity                    ? 
_diffrn_radiation.monochromator                    ? 
_diffrn_radiation.polarisn_norm                    ? 
_diffrn_radiation.polarisn_ratio                   ? 
_diffrn_radiation.probe                            ? 
_diffrn_radiation.type                             ? 
_diffrn_radiation.xray_symbol                      ? 
_diffrn_radiation.wavelength_id                    1 
_diffrn_radiation.pdbx_monochromatic_or_laue_m_l   M 
_diffrn_radiation.pdbx_wavelength_list             ? 
_diffrn_radiation.pdbx_wavelength                  ? 
_diffrn_radiation.pdbx_diffrn_protocol             'SINGLE WAVELENGTH' 
_diffrn_radiation.pdbx_analyzer                    ? 
_diffrn_radiation.pdbx_scattering_type             x-ray 
# 
_diffrn_radiation_wavelength.id           1 
_diffrn_radiation_wavelength.wavelength   1.5418 
_diffrn_radiation_wavelength.wt           1.0 
# 
_diffrn_source.current                     ? 
_diffrn_source.details                     ? 
_diffrn_source.diffrn_id                   1 
_diffrn_source.power                       ? 
_diffrn_source.size                        ? 
_diffrn_source.source                      'ROTATING ANODE' 
_diffrn_source.target                      ? 
_diffrn_source.type                        'RIGAKU FR-E SUPERBRIGHT' 
_diffrn_source.voltage                     ? 
_diffrn_source.take-off_angle              ? 
_diffrn_source.pdbx_wavelength_list        1.5418 
_diffrn_source.pdbx_wavelength             ? 
_diffrn_source.pdbx_synchrotron_beamline   ? 
_diffrn_source.pdbx_synchrotron_site       ? 
# 
_reflns.B_iso_Wilson_estimate            27.40 
_reflns.entry_id                         4YL6 
_reflns.data_reduction_details           ? 
_reflns.data_reduction_method            ? 
_reflns.d_resolution_high                2.10 
_reflns.d_resolution_low                 45.78 
_reflns.details                          ? 
_reflns.limit_h_max                      ? 
_reflns.limit_h_min                      ? 
_reflns.limit_k_max                      ? 
_reflns.limit_k_min                      ? 
_reflns.limit_l_max                      ? 
_reflns.limit_l_min                      ? 
_reflns.number_all                       ? 
_reflns.number_obs                       8073 
_reflns.observed_criterion               ? 
_reflns.observed_criterion_F_max         ? 
_reflns.observed_criterion_F_min         ? 
_reflns.observed_criterion_I_max         ? 
_reflns.observed_criterion_I_min         ? 
_reflns.observed_criterion_sigma_F       ? 
_reflns.observed_criterion_sigma_I       ? 
_reflns.percent_possible_obs             99.4 
_reflns.R_free_details                   ? 
_reflns.Rmerge_F_all                     ? 
_reflns.Rmerge_F_obs                     ? 
_reflns.Friedel_coverage                 ? 
_reflns.number_gt                        ? 
_reflns.threshold_expression             ? 
_reflns.pdbx_redundancy                  11.0 
_reflns.pdbx_Rmerge_I_obs                ? 
_reflns.pdbx_Rmerge_I_all                ? 
_reflns.pdbx_Rsym_value                  0.055 
_reflns.pdbx_netI_over_av_sigmaI         ? 
_reflns.pdbx_netI_over_sigmaI            31.2 
_reflns.pdbx_res_netI_over_av_sigmaI_2   ? 
_reflns.pdbx_res_netI_over_sigmaI_2      ? 
_reflns.pdbx_chi_squared                 ? 
_reflns.pdbx_scaling_rejects             ? 
_reflns.pdbx_d_res_high_opt              ? 
_reflns.pdbx_d_res_low_opt               ? 
_reflns.pdbx_d_res_opt_method            ? 
_reflns.phase_calculation_details        ? 
_reflns.pdbx_Rrim_I_all                  ? 
_reflns.pdbx_Rpim_I_all                  ? 
_reflns.pdbx_d_opt                       ? 
_reflns.pdbx_number_measured_all         ? 
_reflns.pdbx_diffrn_id                   1 
_reflns.pdbx_ordinal                     1 
_reflns.pdbx_CC_half                     ? 
_reflns.pdbx_R_split                     ? 
# 
_reflns_shell.d_res_high                  2.10 
_reflns_shell.d_res_low                   2.21 
_reflns_shell.meanI_over_sigI_all         ? 
_reflns_shell.meanI_over_sigI_obs         5.9 
_reflns_shell.number_measured_all         ? 
_reflns_shell.number_measured_obs         ? 
_reflns_shell.number_possible             ? 
_reflns_shell.number_unique_all           ? 
_reflns_shell.number_unique_obs           ? 
_reflns_shell.percent_possible_all        96.4 
_reflns_shell.percent_possible_obs        ? 
_reflns_shell.Rmerge_F_all                ? 
_reflns_shell.Rmerge_F_obs                ? 
_reflns_shell.Rmerge_I_all                ? 
_reflns_shell.Rmerge_I_obs                0.298 
_reflns_shell.meanI_over_sigI_gt          ? 
_reflns_shell.meanI_over_uI_all           ? 
_reflns_shell.meanI_over_uI_gt            ? 
_reflns_shell.number_measured_gt          ? 
_reflns_shell.number_unique_gt            ? 
_reflns_shell.percent_possible_gt         ? 
_reflns_shell.Rmerge_F_gt                 ? 
_reflns_shell.Rmerge_I_gt                 ? 
_reflns_shell.pdbx_redundancy             6.8 
_reflns_shell.pdbx_Rsym_value             ? 
_reflns_shell.pdbx_chi_squared            ? 
_reflns_shell.pdbx_netI_over_sigmaI_all   ? 
_reflns_shell.pdbx_netI_over_sigmaI_obs   ? 
_reflns_shell.pdbx_Rrim_I_all             ? 
_reflns_shell.pdbx_Rpim_I_all             ? 
_reflns_shell.pdbx_rejects                ? 
_reflns_shell.pdbx_ordinal                1 
_reflns_shell.pdbx_diffrn_id              1 
_reflns_shell.pdbx_CC_half                ? 
_reflns_shell.pdbx_R_split                ? 
# 
_refine.aniso_B[1][1]                            -4.2116 
_refine.aniso_B[1][2]                            -0.0000 
_refine.aniso_B[1][3]                            0.0000 
_refine.aniso_B[2][2]                            -4.2116 
_refine.aniso_B[2][3]                            -0.0000 
_refine.aniso_B[3][3]                            8.4233 
_refine.B_iso_max                                ? 
_refine.B_iso_mean                               ? 
_refine.B_iso_min                                ? 
_refine.correlation_coeff_Fo_to_Fc               ? 
_refine.correlation_coeff_Fo_to_Fc_free          ? 
_refine.details                                  ? 
_refine.diff_density_max                         ? 
_refine.diff_density_max_esd                     ? 
_refine.diff_density_min                         ? 
_refine.diff_density_min_esd                     ? 
_refine.diff_density_rms                         ? 
_refine.diff_density_rms_esd                     ? 
_refine.entry_id                                 4YL6 
_refine.pdbx_refine_id                           'X-RAY DIFFRACTION' 
_refine.ls_abs_structure_details                 ? 
_refine.ls_abs_structure_Flack                   ? 
_refine.ls_abs_structure_Flack_esd               ? 
_refine.ls_abs_structure_Rogers                  ? 
_refine.ls_abs_structure_Rogers_esd              ? 
_refine.ls_d_res_high                            2.100 
_refine.ls_d_res_low                             45.78 
_refine.ls_extinction_coef                       ? 
_refine.ls_extinction_coef_esd                   ? 
_refine.ls_extinction_expression                 ? 
_refine.ls_extinction_method                     ? 
_refine.ls_goodness_of_fit_all                   ? 
_refine.ls_goodness_of_fit_all_esd               ? 
_refine.ls_goodness_of_fit_obs                   ? 
_refine.ls_goodness_of_fit_obs_esd               ? 
_refine.ls_hydrogen_treatment                    ? 
_refine.ls_matrix_type                           ? 
_refine.ls_number_constraints                    ? 
_refine.ls_number_parameters                     ? 
_refine.ls_number_reflns_all                     ? 
_refine.ls_number_reflns_obs                     8036 
_refine.ls_number_reflns_R_free                  370 
_refine.ls_number_reflns_R_work                  ? 
_refine.ls_number_restraints                     ? 
_refine.ls_percent_reflns_obs                    99.27 
_refine.ls_percent_reflns_R_free                 4.60 
_refine.ls_R_factor_all                          ? 
_refine.ls_R_factor_obs                          0.2049 
_refine.ls_R_factor_R_free                       0.2372 
_refine.ls_R_factor_R_free_error                 ? 
_refine.ls_R_factor_R_free_error_details         ? 
_refine.ls_R_factor_R_work                       0.2033 
_refine.ls_R_Fsqd_factor_obs                     ? 
_refine.ls_R_I_factor_obs                        ? 
_refine.ls_redundancy_reflns_all                 ? 
_refine.ls_redundancy_reflns_obs                 ? 
_refine.ls_restrained_S_all                      ? 
_refine.ls_restrained_S_obs                      ? 
_refine.ls_shift_over_esd_max                    ? 
_refine.ls_shift_over_esd_mean                   ? 
_refine.ls_structure_factor_coef                 ? 
_refine.ls_weighting_details                     ? 
_refine.ls_weighting_scheme                      ? 
_refine.ls_wR_factor_all                         ? 
_refine.ls_wR_factor_obs                         ? 
_refine.ls_wR_factor_R_free                      ? 
_refine.ls_wR_factor_R_work                      ? 
_refine.occupancy_max                            ? 
_refine.occupancy_min                            ? 
_refine.solvent_model_details                    'FLAT BULK SOLVENT MODEL' 
_refine.solvent_model_param_bsol                 40.954 
_refine.solvent_model_param_ksol                 0.366 
_refine.ls_R_factor_gt                           ? 
_refine.ls_goodness_of_fit_gt                    ? 
_refine.ls_goodness_of_fit_ref                   ? 
_refine.ls_shift_over_su_max                     ? 
_refine.ls_shift_over_su_max_lt                  ? 
_refine.ls_shift_over_su_mean                    ? 
_refine.ls_shift_over_su_mean_lt                 ? 
_refine.pdbx_ls_sigma_I                          ? 
_refine.pdbx_ls_sigma_F                          1.35 
_refine.pdbx_ls_sigma_Fsqd                       ? 
_refine.pdbx_data_cutoff_high_absF               ? 
_refine.pdbx_data_cutoff_high_rms_absF           ? 
_refine.pdbx_data_cutoff_low_absF                ? 
_refine.pdbx_isotropic_thermal_model             ? 
_refine.pdbx_ls_cross_valid_method               'FREE R-VALUE' 
_refine.pdbx_method_to_determine_struct          'MOLECULAR REPLACEMENT' 
_refine.pdbx_starting_model                      4YKD 
_refine.pdbx_stereochemistry_target_values       ML 
_refine.pdbx_R_Free_selection_details            Random 
_refine.pdbx_stereochem_target_val_spec_case     ? 
_refine.pdbx_overall_ESU_R                       ? 
_refine.pdbx_overall_ESU_R_Free                  ? 
_refine.pdbx_solvent_vdw_probe_radii             1.30 
_refine.pdbx_solvent_ion_probe_radii             ? 
_refine.pdbx_solvent_shrinkage_radii             1.11 
_refine.pdbx_real_space_R                        ? 
_refine.pdbx_density_correlation                 ? 
_refine.pdbx_pd_number_of_powder_patterns        ? 
_refine.pdbx_pd_number_of_points                 ? 
_refine.pdbx_pd_meas_number_of_points            ? 
_refine.pdbx_pd_proc_ls_prof_R_factor            ? 
_refine.pdbx_pd_proc_ls_prof_wR_factor           ? 
_refine.pdbx_pd_Marquardt_correlation_coeff      ? 
_refine.pdbx_pd_Fsqrd_R_factor                   ? 
_refine.pdbx_pd_ls_matrix_band_width             ? 
_refine.pdbx_overall_phase_error                 21.62 
_refine.pdbx_overall_SU_R_free_Cruickshank_DPI   ? 
_refine.pdbx_overall_SU_R_free_Blow_DPI          ? 
_refine.pdbx_overall_SU_R_Blow_DPI               ? 
_refine.pdbx_TLS_residual_ADP_flag               ? 
_refine.pdbx_diffrn_id                           1 
_refine.overall_SU_B                             ? 
_refine.overall_SU_ML                            0.33 
_refine.overall_SU_R_Cruickshank_DPI             ? 
_refine.overall_SU_R_free                        ? 
_refine.overall_FOM_free_R_set                   ? 
_refine.overall_FOM_work_R_set                   ? 
_refine.pdbx_average_fsc_overall                 ? 
_refine.pdbx_average_fsc_work                    ? 
_refine.pdbx_average_fsc_free                    ? 
# 
_refine_hist.pdbx_refine_id                   'X-RAY DIFFRACTION' 
_refine_hist.cycle_id                         LAST 
_refine_hist.pdbx_number_atoms_protein        858 
_refine_hist.pdbx_number_atoms_nucleic_acid   0 
_refine_hist.pdbx_number_atoms_ligand         0 
_refine_hist.number_atoms_solvent             70 
_refine_hist.number_atoms_total               928 
_refine_hist.d_res_high                       2.100 
_refine_hist.d_res_low                        45.78 
# 
loop_
_refine_ls_restr.pdbx_refine_id 
_refine_ls_restr.criterion 
_refine_ls_restr.dev_ideal 
_refine_ls_restr.dev_ideal_target 
_refine_ls_restr.number 
_refine_ls_restr.rejects 
_refine_ls_restr.type 
_refine_ls_restr.weight 
_refine_ls_restr.pdbx_restraint_function 
'X-RAY DIFFRACTION' ? 0.002  ? 870  ? f_bond_d           ? ? 
'X-RAY DIFFRACTION' ? 0.636  ? 1170 ? f_angle_d          ? ? 
'X-RAY DIFFRACTION' ? 13.001 ? 328  ? f_dihedral_angle_d ? ? 
'X-RAY DIFFRACTION' ? 0.040  ? 133  ? f_chiral_restr     ? ? 
'X-RAY DIFFRACTION' ? 0.002  ? 152  ? f_plane_restr      ? ? 
# 
loop_
_refine_ls_shell.pdbx_refine_id 
_refine_ls_shell.d_res_high 
_refine_ls_shell.d_res_low 
_refine_ls_shell.number_reflns_all 
_refine_ls_shell.number_reflns_obs 
_refine_ls_shell.number_reflns_R_free 
_refine_ls_shell.number_reflns_R_work 
_refine_ls_shell.percent_reflns_obs 
_refine_ls_shell.percent_reflns_R_free 
_refine_ls_shell.R_factor_all 
_refine_ls_shell.R_factor_obs 
_refine_ls_shell.R_factor_R_free 
_refine_ls_shell.R_factor_R_free_error 
_refine_ls_shell.R_factor_R_work 
_refine_ls_shell.redundancy_reflns_all 
_refine_ls_shell.redundancy_reflns_obs 
_refine_ls_shell.wR_factor_all 
_refine_ls_shell.wR_factor_obs 
_refine_ls_shell.wR_factor_R_free 
_refine_ls_shell.wR_factor_R_work 
_refine_ls_shell.pdbx_total_number_of_bins_used 
_refine_ls_shell.pdbx_phase_error 
_refine_ls_shell.pdbx_fsc_work 
_refine_ls_shell.pdbx_fsc_free 
'X-RAY DIFFRACTION' 2.1000 2.4039  . . 125 2440 98.00  . . . 0.2702 . 0.2064 . . . . . . . . . . 
'X-RAY DIFFRACTION' 2.4039 3.0285  . . 123 2533 100.00 . . . 0.2341 . 0.2051 . . . . . . . . . . 
'X-RAY DIFFRACTION' 3.0285 45.7946 . . 122 2693 100.00 . . . 0.2290 . 0.2016 . . . . . . . . . . 
# 
_struct.entry_id                     4YL6 
_struct.title                        
;Crystal structure of truncated cerebral cavernous malformation 2 C-terminal adaptor domain in complex with an internal helix of mitogen-activated protein kinase kinase kinase 3
;
_struct.pdbx_model_details           ? 
_struct.pdbx_formula_weight          ? 
_struct.pdbx_formula_weight_method   ? 
_struct.pdbx_model_type_details      ? 
_struct.pdbx_CASP_flag               ? 
# 
_struct_keywords.entry_id        4YL6 
_struct_keywords.text            'adaptor-partner complex, PROTEIN BINDING' 
_struct_keywords.pdbx_keywords   'PROTEIN BINDING' 
# 
loop_
_struct_asym.id 
_struct_asym.pdbx_blank_PDB_chainid_flag 
_struct_asym.pdbx_modified 
_struct_asym.entity_id 
_struct_asym.details 
A N N 1 ? 
B N N 2 ? 
C N N 3 ? 
D N N 3 ? 
# 
loop_
_struct_conf.conf_type_id 
_struct_conf.id 
_struct_conf.pdbx_PDB_helix_id 
_struct_conf.beg_label_comp_id 
_struct_conf.beg_label_asym_id 
_struct_conf.beg_label_seq_id 
_struct_conf.pdbx_beg_PDB_ins_code 
_struct_conf.end_label_comp_id 
_struct_conf.end_label_asym_id 
_struct_conf.end_label_seq_id 
_struct_conf.pdbx_end_PDB_ins_code 
_struct_conf.beg_auth_comp_id 
_struct_conf.beg_auth_asym_id 
_struct_conf.beg_auth_seq_id 
_struct_conf.end_auth_comp_id 
_struct_conf.end_auth_asym_id 
_struct_conf.end_auth_seq_id 
_struct_conf.pdbx_PDB_helix_class 
_struct_conf.details 
_struct_conf.pdbx_PDB_helix_length 
HELX_P HELX_P1 AA1 SER A 4  ? LEU A 22 ? SER A 292 LEU A 310 1 ? 19 
HELX_P HELX_P2 AA2 SER A 23 ? ASN A 39 ? SER A 311 ASN A 327 1 ? 17 
HELX_P HELX_P3 AA3 SER A 42 ? GLY A 55 ? SER A 330 GLY A 343 1 ? 14 
HELX_P HELX_P4 AA4 ARG A 58 ? GLY A 64 ? ARG A 346 GLY A 352 1 ? 7  
HELX_P HELX_P5 AA5 LEU A 65 ? ILE A 69 ? LEU A 353 ILE A 357 5 ? 5  
HELX_P HELX_P6 AA6 PRO A 70 ? LYS A 72 ? PRO A 358 LYS A 360 5 ? 3  
HELX_P HELX_P7 AA7 ASP A 73 ? GLY A 85 ? ASP A 361 GLY A 373 1 ? 13 
HELX_P HELX_P8 AA8 GLU B 3  ? MET B 19 ? GLU B 3   MET B 19  1 ? 17 
# 
_struct_conf_type.id          HELX_P 
_struct_conf_type.criteria    ? 
_struct_conf_type.reference   ? 
# 
_atom_sites.entry_id                    4YL6 
_atom_sites.fract_transf_matrix[1][1]   0.01035880 
_atom_sites.fract_transf_matrix[1][2]   0.01241182 
_atom_sites.fract_transf_matrix[1][3]   0.00235362 
_atom_sites.fract_transf_matrix[2][1]   0.01262881 
_atom_sites.fract_transf_matrix[2][2]   -0.01025252 
_atom_sites.fract_transf_matrix[2][3]   -0.00151547 
_atom_sites.fract_transf_matrix[3][1]   0.00028901 
_atom_sites.fract_transf_matrix[3][2]   0.00246716 
_atom_sites.fract_transf_matrix[3][3]   -0.01428260 
_atom_sites.fract_transf_vector[1]      1.175480 
_atom_sites.fract_transf_vector[2]      0.743789 
_atom_sites.fract_transf_vector[3]      1.104546 
# 
loop_
_atom_type.symbol 
C 
N 
O 
S 
# 
loop_
_atom_site.group_PDB 
_atom_site.id 
_atom_site.type_symbol 
_atom_site.label_atom_id 
_atom_site.label_alt_id 
_atom_site.label_comp_id 
_atom_site.label_asym_id 
_atom_site.label_entity_id 
_atom_site.label_seq_id 
_atom_site.pdbx_PDB_ins_code 
_atom_site.Cartn_x 
_atom_site.Cartn_y 
_atom_site.Cartn_z 
_atom_site.occupancy 
_atom_site.B_iso_or_equiv 
_atom_site.pdbx_formal_charge 
_atom_site.auth_seq_id 
_atom_site.auth_comp_id 
_atom_site.auth_asym_id 
_atom_site.auth_atom_id 
_atom_site.pdbx_PDB_model_num 
ATOM   1   N N   . LEU A 1 3  ? 18.076  0.672   3.825   1.00 58.11  ? 291 LEU A N   1 
ATOM   2   C CA  . LEU A 1 3  ? 17.165  1.267   2.854   1.00 61.21  ? 291 LEU A CA  1 
ATOM   3   C C   . LEU A 1 3  ? 17.943  2.074   1.820   1.00 46.28  ? 291 LEU A C   1 
ATOM   4   O O   . LEU A 1 3  ? 18.531  3.107   2.141   1.00 50.50  ? 291 LEU A O   1 
ATOM   5   C CB  . LEU A 1 3  ? 16.143  2.159   3.560   1.00 53.52  ? 291 LEU A CB  1 
ATOM   6   C CG  . LEU A 1 3  ? 14.832  2.415   2.816   1.00 40.10  ? 291 LEU A CG  1 
ATOM   7   C CD1 . LEU A 1 3  ? 14.029  1.128   2.704   1.00 44.94  ? 291 LEU A CD1 1 
ATOM   8   C CD2 . LEU A 1 3  ? 14.022  3.500   3.507   1.00 57.91  ? 291 LEU A CD2 1 
ATOM   9   N N   . SER A 1 4  ? 17.940  1.598   0.579   1.00 38.10  ? 292 SER A N   1 
ATOM   10  C CA  . SER A 1 4  ? 18.712  2.226   -0.488  1.00 35.15  ? 292 SER A CA  1 
ATOM   11  C C   . SER A 1 4  ? 18.154  3.590   -0.881  1.00 37.10  ? 292 SER A C   1 
ATOM   12  O O   . SER A 1 4  ? 17.041  3.954   -0.498  1.00 29.14  ? 292 SER A O   1 
ATOM   13  C CB  . SER A 1 4  ? 18.764  1.318   -1.719  1.00 43.10  ? 292 SER A CB  1 
ATOM   14  O OG  . SER A 1 4  ? 17.488  1.207   -2.324  1.00 34.13  ? 292 SER A OG  1 
ATOM   15  N N   . ALA A 1 5  ? 18.942  4.337   -1.649  1.00 30.39  ? 293 ALA A N   1 
ATOM   16  C CA  . ALA A 1 5  ? 18.541  5.656   -2.124  1.00 30.50  ? 293 ALA A CA  1 
ATOM   17  C C   . ALA A 1 5  ? 17.308  5.570   -3.020  1.00 20.87  ? 293 ALA A C   1 
ATOM   18  O O   . ALA A 1 5  ? 16.427  6.428   -2.965  1.00 25.81  ? 293 ALA A O   1 
ATOM   19  C CB  . ALA A 1 5  ? 19.692  6.319   -2.864  1.00 25.82  ? 293 ALA A CB  1 
ATOM   20  N N   . SER A 1 6  ? 17.255  4.529   -3.846  1.00 25.94  ? 294 SER A N   1 
ATOM   21  C CA  . SER A 1 6  ? 16.126  4.312   -4.742  1.00 29.13  ? 294 SER A CA  1 
ATOM   22  C C   . SER A 1 6  ? 14.853  3.983   -3.967  1.00 20.59  ? 294 SER A C   1 
ATOM   23  O O   . SER A 1 6  ? 13.758  4.399   -4.349  1.00 20.75  ? 294 SER A O   1 
ATOM   24  C CB  . SER A 1 6  ? 16.439  3.191   -5.734  1.00 26.90  ? 294 SER A CB  1 
ATOM   25  O OG  . SER A 1 6  ? 16.618  1.953   -5.066  1.00 33.35  ? 294 SER A OG  1 
ATOM   26  N N   . ALA A 1 7  ? 15.004  3.228   -2.883  1.00 18.12  ? 295 ALA A N   1 
ATOM   27  C CA  . ALA A 1 7  ? 13.878  2.894   -2.017  1.00 21.97  ? 295 ALA A CA  1 
ATOM   28  C C   . ALA A 1 7  ? 13.378  4.148   -1.317  1.00 28.72  ? 295 ALA A C   1 
ATOM   29  O O   . ALA A 1 7  ? 12.175  4.333   -1.119  1.00 25.86  ? 295 ALA A O   1 
ATOM   30  C CB  . ALA A 1 7  ? 14.287  1.848   -0.998  1.00 21.62  ? 295 ALA A CB  1 
ATOM   31  N N   . THR A 1 8  ? 14.319  5.006   -0.942  1.00 20.75  ? 296 THR A N   1 
ATOM   32  C CA  . THR A 1 8  ? 14.006  6.290   -0.340  1.00 17.16  ? 296 THR A CA  1 
ATOM   33  C C   . THR A 1 8  ? 13.183  7.141   -1.305  1.00 17.16  ? 296 THR A C   1 
ATOM   34  O O   . THR A 1 8  ? 12.149  7.707   -0.932  1.00 23.73  ? 296 THR A O   1 
ATOM   35  C CB  . THR A 1 8  ? 15.295  7.043   0.023   1.00 30.95  ? 296 THR A CB  1 
ATOM   36  O OG1 . THR A 1 8  ? 15.879  6.458   1.195   1.00 37.30  ? 296 THR A OG1 1 
ATOM   37  C CG2 . THR A 1 8  ? 14.995  8.493   0.285   1.00 18.46  ? 296 THR A CG2 1 
ATOM   38  N N   . GLU A 1 9  ? 13.652  7.218   -2.548  1.00 13.30  ? 297 GLU A N   1 
ATOM   39  C CA  . GLU A 1 9  ? 12.950  7.946   -3.595  1.00 15.86  ? 297 GLU A CA  1 
ATOM   40  C C   . GLU A 1 9  ? 11.543  7.396   -3.796  1.00 17.70  ? 297 GLU A C   1 
ATOM   41  O O   . GLU A 1 9  ? 10.581  8.156   -3.878  1.00 20.80  ? 297 GLU A O   1 
ATOM   42  C CB  . GLU A 1 9  ? 13.721  7.876   -4.913  1.00 17.33  ? 297 GLU A CB  1 
ATOM   43  C CG  . GLU A 1 9  ? 12.987  8.524   -6.079  1.00 18.94  ? 297 GLU A CG  1 
ATOM   44  C CD  . GLU A 1 9  ? 13.690  8.317   -7.404  1.00 22.53  ? 297 GLU A CD  1 
ATOM   45  O OE1 . GLU A 1 9  ? 14.473  7.350   -7.519  1.00 21.95  ? 297 GLU A OE1 1 
ATOM   46  O OE2 . GLU A 1 9  ? 13.460  9.124   -8.328  1.00 28.90  ? 297 GLU A OE2 1 
ATOM   47  N N   . LEU A 1 10 ? 11.434  6.072   -3.875  1.00 17.85  ? 298 LEU A N   1 
ATOM   48  C CA  . LEU A 1 10 ? 10.141  5.416   -4.047  1.00 12.31  ? 298 LEU A CA  1 
ATOM   49  C C   . LEU A 1 10 ? 9.195   5.768   -2.907  1.00 19.86  ? 298 LEU A C   1 
ATOM   50  O O   . LEU A 1 10 ? 8.012   6.020   -3.125  1.00 19.82  ? 298 LEU A O   1 
ATOM   51  C CB  . LEU A 1 10 ? 10.309  3.897   -4.123  1.00 17.67  ? 298 LEU A CB  1 
ATOM   52  C CG  . LEU A 1 10 ? 9.001   3.100   -4.181  1.00 25.23  ? 298 LEU A CG  1 
ATOM   53  C CD1 . LEU A 1 10 ? 8.175   3.512   -5.392  1.00 17.58  ? 298 LEU A CD1 1 
ATOM   54  C CD2 . LEU A 1 10 ? 9.266   1.601   -4.193  1.00 16.28  ? 298 LEU A CD2 1 
ATOM   55  N N   . LEU A 1 11 ? 9.728   5.784   -1.690  1.00 17.59  ? 299 LEU A N   1 
ATOM   56  C CA  . LEU A 1 11 ? 8.938   6.100   -0.510  1.00 24.39  ? 299 LEU A CA  1 
ATOM   57  C C   . LEU A 1 11 ? 8.412   7.532   -0.575  1.00 24.29  ? 299 LEU A C   1 
ATOM   58  O O   . LEU A 1 11 ? 7.223   7.779   -0.334  1.00 20.84  ? 299 LEU A O   1 
ATOM   59  C CB  . LEU A 1 11 ? 9.776   5.889   0.752   1.00 22.77  ? 299 LEU A CB  1 
ATOM   60  C CG  . LEU A 1 11 ? 9.053   5.881   2.097   1.00 34.30  ? 299 LEU A CG  1 
ATOM   61  C CD1 . LEU A 1 11 ? 7.869   4.928   2.071   1.00 30.52  ? 299 LEU A CD1 1 
ATOM   62  C CD2 . LEU A 1 11 ? 10.029  5.488   3.188   1.00 31.12  ? 299 LEU A CD2 1 
ATOM   63  N N   . GLN A 1 12 ? 9.299   8.467   -0.911  1.00 17.87  ? 300 GLN A N   1 
ATOM   64  C CA  . GLN A 1 12 ? 8.910   9.869   -1.072  1.00 20.92  ? 300 GLN A CA  1 
ATOM   65  C C   . GLN A 1 12 ? 7.821   10.024  -2.134  1.00 16.88  ? 300 GLN A C   1 
ATOM   66  O O   . GLN A 1 12 ? 6.812   10.702  -1.912  1.00 21.94  ? 300 GLN A O   1 
ATOM   67  C CB  . GLN A 1 12 ? 10.120  10.724  -1.456  1.00 20.41  ? 300 GLN A CB  1 
ATOM   68  C CG  . GLN A 1 12 ? 11.274  10.687  -0.464  1.00 31.81  ? 300 GLN A CG  1 
ATOM   69  C CD  . GLN A 1 12 ? 11.052  11.580  0.739   1.00 45.17  ? 300 GLN A CD  1 
ATOM   70  O OE1 . GLN A 1 12 ? 10.012  12.226  0.869   1.00 54.28  ? 300 GLN A OE1 1 
ATOM   71  N NE2 . GLN A 1 12 ? 12.038  11.625  1.629   1.00 55.62  ? 300 GLN A NE2 1 
ATOM   72  N N   . ASP A 1 13 ? 8.038   9.391   -3.286  1.00 16.99  ? 301 ASP A N   1 
ATOM   73  C CA  . ASP A 1 13 ? 7.082   9.432   -4.386  1.00 16.26  ? 301 ASP A CA  1 
ATOM   74  C C   . ASP A 1 13 ? 5.724   8.900   -3.949  1.00 14.95  ? 301 ASP A C   1 
ATOM   75  O O   . ASP A 1 13 ? 4.687   9.481   -4.270  1.00 17.97  ? 301 ASP A O   1 
ATOM   76  C CB  . ASP A 1 13 ? 7.579   8.605   -5.575  1.00 18.47  ? 301 ASP A CB  1 
ATOM   77  C CG  . ASP A 1 13 ? 8.799   9.205   -6.240  1.00 16.49  ? 301 ASP A CG  1 
ATOM   78  O OD1 . ASP A 1 13 ? 8.998   10.435  -6.143  1.00 19.91  ? 301 ASP A OD1 1 
ATOM   79  O OD2 . ASP A 1 13 ? 9.558   8.438   -6.872  1.00 21.07  ? 301 ASP A OD2 1 
ATOM   80  N N   . TYR A 1 14 ? 5.740   7.791   -3.218  1.00 15.69  ? 302 TYR A N   1 
ATOM   81  C CA  . TYR A 1 14 ? 4.502   7.154   -2.790  1.00 21.61  ? 302 TYR A CA  1 
ATOM   82  C C   . TYR A 1 14 ? 3.738   8.050   -1.825  1.00 25.59  ? 302 TYR A C   1 
ATOM   83  O O   . TYR A 1 14 ? 2.528   8.222   -1.962  1.00 27.19  ? 302 TYR A O   1 
ATOM   84  C CB  . TYR A 1 14 ? 4.762   5.785   -2.156  1.00 19.37  ? 302 TYR A CB  1 
ATOM   85  C CG  . TYR A 1 14 ? 3.526   4.912   -2.124  1.00 26.56  ? 302 TYR A CG  1 
ATOM   86  C CD1 . TYR A 1 14 ? 3.195   4.107   -3.205  1.00 18.60  ? 302 TYR A CD1 1 
ATOM   87  C CD2 . TYR A 1 14 ? 2.678   4.910   -1.023  1.00 20.42  ? 302 TYR A CD2 1 
ATOM   88  C CE1 . TYR A 1 14 ? 2.061   3.314   -3.190  1.00 18.77  ? 302 TYR A CE1 1 
ATOM   89  C CE2 . TYR A 1 14 ? 1.542   4.123   -0.997  1.00 16.67  ? 302 TYR A CE2 1 
ATOM   90  C CZ  . TYR A 1 14 ? 1.238   3.326   -2.083  1.00 23.94  ? 302 TYR A CZ  1 
ATOM   91  O OH  . TYR A 1 14 ? 0.108   2.541   -2.064  1.00 24.53  ? 302 TYR A OH  1 
ATOM   92  N N   . MET A 1 15 ? 4.445   8.626   -0.857  1.00 20.52  ? 303 MET A N   1 
ATOM   93  C CA  . MET A 1 15 ? 3.799   9.525   0.097   1.00 19.93  ? 303 MET A CA  1 
ATOM   94  C C   . MET A 1 15 ? 3.214   10.755  -0.603  1.00 19.60  ? 303 MET A C   1 
ATOM   95  O O   . MET A 1 15 ? 2.105   11.194  -0.281  1.00 20.82  ? 303 MET A O   1 
ATOM   96  C CB  . MET A 1 15 ? 4.765   9.940   1.210   1.00 23.57  ? 303 MET A CB  1 
ATOM   97  C CG  . MET A 1 15 ? 5.301   8.778   2.040   1.00 35.56  ? 303 MET A CG  1 
ATOM   98  S SD  . MET A 1 15 ? 4.022   7.650   2.636   1.00 31.34  ? 303 MET A SD  1 
ATOM   99  C CE  . MET A 1 15 ? 3.014   8.752   3.623   1.00 23.91  ? 303 MET A CE  1 
ATOM   100 N N   . LEU A 1 16 ? 3.954   11.299  -1.566  1.00 13.62  ? 304 LEU A N   1 
ATOM   101 C CA  . LEU A 1 16 ? 3.466   12.443  -2.336  1.00 19.49  ? 304 LEU A CA  1 
ATOM   102 C C   . LEU A 1 16 ? 2.208   12.090  -3.129  1.00 22.74  ? 304 LEU A C   1 
ATOM   103 O O   . LEU A 1 16 ? 1.255   12.870  -3.182  1.00 19.61  ? 304 LEU A O   1 
ATOM   104 C CB  . LEU A 1 16 ? 4.546   12.966  -3.286  1.00 18.40  ? 304 LEU A CB  1 
ATOM   105 C CG  . LEU A 1 16 ? 4.089   14.067  -4.246  1.00 34.55  ? 304 LEU A CG  1 
ATOM   106 C CD1 . LEU A 1 16 ? 3.631   15.297  -3.476  1.00 32.25  ? 304 LEU A CD1 1 
ATOM   107 C CD2 . LEU A 1 16 ? 5.189   14.425  -5.233  1.00 39.68  ? 304 LEU A CD2 1 
ATOM   108 N N   . THR A 1 17 ? 2.213   10.910  -3.742  1.00 19.81  ? 305 THR A N   1 
ATOM   109 C CA  . THR A 1 17 ? 1.065   10.448  -4.513  1.00 19.05  ? 305 THR A CA  1 
ATOM   110 C C   . THR A 1 17 ? -0.151  10.244  -3.611  1.00 15.13  ? 305 THR A C   1 
ATOM   111 O O   . THR A 1 17 ? -1.278  10.562  -3.995  1.00 18.27  ? 305 THR A O   1 
ATOM   112 C CB  . THR A 1 17 ? 1.383   9.147   -5.277  1.00 26.25  ? 305 THR A CB  1 
ATOM   113 O OG1 . THR A 1 17 ? 2.591   9.317   -6.028  1.00 19.92  ? 305 THR A OG1 1 
ATOM   114 C CG2 . THR A 1 17 ? 0.252   8.798   -6.231  1.00 19.38  ? 305 THR A CG2 1 
ATOM   115 N N   . LEU A 1 18 ? 0.085   9.725   -2.408  1.00 19.08  ? 306 LEU A N   1 
ATOM   116 C CA  . LEU A 1 18 ? -0.978  9.580   -1.417  1.00 18.34  ? 306 LEU A CA  1 
ATOM   117 C C   . LEU A 1 18 ? -1.573  10.940  -1.070  1.00 24.98  ? 306 LEU A C   1 
ATOM   118 O O   . LEU A 1 18 ? -2.792  11.108  -1.071  1.00 23.07  ? 306 LEU A O   1 
ATOM   119 C CB  . LEU A 1 18 ? -0.457  8.909   -0.145  1.00 18.79  ? 306 LEU A CB  1 
ATOM   120 C CG  . LEU A 1 18 ? -0.083  7.428   -0.216  1.00 26.90  ? 306 LEU A CG  1 
ATOM   121 C CD1 . LEU A 1 18 ? 0.420   6.947   1.136   1.00 27.98  ? 306 LEU A CD1 1 
ATOM   122 C CD2 . LEU A 1 18 ? -1.265  6.596   -0.676  1.00 25.54  ? 306 LEU A CD2 1 
ATOM   123 N N   . ARG A 1 19 ? -0.702  11.903  -0.777  1.00 19.44  ? 307 ARG A N   1 
ATOM   124 C CA  . ARG A 1 19 ? -1.135  13.257  -0.440  1.00 31.78  ? 307 ARG A CA  1 
ATOM   125 C C   . ARG A 1 19 ? -1.948  13.890  -1.563  1.00 26.74  ? 307 ARG A C   1 
ATOM   126 O O   . ARG A 1 19 ? -2.939  14.579  -1.316  1.00 25.74  ? 307 ARG A O   1 
ATOM   127 C CB  . ARG A 1 19 ? 0.070   14.147  -0.123  1.00 26.64  ? 307 ARG A CB  1 
ATOM   128 C CG  . ARG A 1 19 ? 0.818   13.784  1.146   1.00 39.47  ? 307 ARG A CG  1 
ATOM   129 C CD  . ARG A 1 19 ? 2.021   14.700  1.344   1.00 44.57  ? 307 ARG A CD  1 
ATOM   130 N NE  . ARG A 1 19 ? 2.795   14.347  2.529   1.00 50.10  ? 307 ARG A NE  1 
ATOM   131 C CZ  . ARG A 1 19 ? 2.591   14.866  3.736   1.00 67.78  ? 307 ARG A CZ  1 
ATOM   132 N NH1 . ARG A 1 19 ? 1.634   15.765  3.921   1.00 50.81  ? 307 ARG A NH1 1 
ATOM   133 N NH2 . ARG A 1 19 ? 3.345   14.485  4.760   1.00 63.91  ? 307 ARG A NH2 1 
ATOM   134 N N   . THR A 1 20 ? -1.525  13.651  -2.799  1.00 23.14  ? 308 THR A N   1 
ATOM   135 C CA  . THR A 1 20 ? -2.171  14.258  -3.959  1.00 20.87  ? 308 THR A CA  1 
ATOM   136 C C   . THR A 1 20 ? -3.525  13.623  -4.290  1.00 22.03  ? 308 THR A C   1 
ATOM   137 O O   . THR A 1 20 ? -4.484  14.325  -4.608  1.00 24.42  ? 308 THR A O   1 
ATOM   138 C CB  . THR A 1 20 ? -1.253  14.197  -5.200  1.00 21.20  ? 308 THR A CB  1 
ATOM   139 O OG1 . THR A 1 20 ? -0.014  14.859  -4.913  1.00 22.79  ? 308 THR A OG1 1 
ATOM   140 C CG2 . THR A 1 20 ? -1.913  14.869  -6.396  1.00 24.32  ? 308 THR A CG2 1 
ATOM   141 N N   . LYS A 1 21 ? -3.602  12.298  -4.198  1.00 15.69  ? 309 LYS A N   1 
ATOM   142 C CA  . LYS A 1 21 ? -4.765  11.563  -4.695  1.00 14.42  ? 309 LYS A CA  1 
ATOM   143 C C   . LYS A 1 21 ? -5.872  11.290  -3.674  1.00 23.14  ? 309 LYS A C   1 
ATOM   144 O O   . LYS A 1 21 ? -7.056  11.380  -4.000  1.00 23.82  ? 309 LYS A O   1 
ATOM   145 C CB  . LYS A 1 21 ? -4.327  10.235  -5.324  1.00 16.07  ? 309 LYS A CB  1 
ATOM   146 C CG  . LYS A 1 21 ? -3.455  10.378  -6.560  1.00 17.36  ? 309 LYS A CG  1 
ATOM   147 C CD  . LYS A 1 21 ? -3.175  9.024   -7.196  1.00 17.38  ? 309 LYS A CD  1 
ATOM   148 C CE  . LYS A 1 21 ? -4.463  8.309   -7.582  1.00 18.97  ? 309 LYS A CE  1 
ATOM   149 N NZ  . LYS A 1 21 ? -5.222  9.042   -8.636  1.00 16.90  ? 309 LYS A NZ  1 
ATOM   150 N N   . LEU A 1 22 ? -5.492  10.947  -2.447  1.00 15.63  ? 310 LEU A N   1 
ATOM   151 C CA  . LEU A 1 22 ? -6.450  10.418  -1.479  1.00 12.37  ? 310 LEU A CA  1 
ATOM   152 C C   . LEU A 1 22 ? -7.167  11.477  -0.644  1.00 22.97  ? 310 LEU A C   1 
ATOM   153 O O   . LEU A 1 22 ? -6.597  12.511  -0.304  1.00 18.06  ? 310 LEU A O   1 
ATOM   154 C CB  . LEU A 1 22 ? -5.767  9.414   -0.545  1.00 20.78  ? 310 LEU A CB  1 
ATOM   155 C CG  . LEU A 1 22 ? -5.196  8.138   -1.166  1.00 23.12  ? 310 LEU A CG  1 
ATOM   156 C CD1 . LEU A 1 22 ? -4.787  7.168   -0.068  1.00 21.77  ? 310 LEU A CD1 1 
ATOM   157 C CD2 . LEU A 1 22 ? -6.199  7.495   -2.111  1.00 18.59  ? 310 LEU A CD2 1 
ATOM   158 N N   . SER A 1 23 ? -8.425  11.199  -0.311  1.00 17.48  ? 311 SER A N   1 
ATOM   159 C CA  . SER A 1 23 ? -9.169  12.036  0.619   1.00 24.69  ? 311 SER A CA  1 
ATOM   160 C C   . SER A 1 23 ? -8.767  11.653  2.037   1.00 29.33  ? 311 SER A C   1 
ATOM   161 O O   . SER A 1 23 ? -8.127  10.621  2.242   1.00 24.08  ? 311 SER A O   1 
ATOM   162 C CB  . SER A 1 23 ? -10.677 11.854  0.429   1.00 26.91  ? 311 SER A CB  1 
ATOM   163 O OG  . SER A 1 23 ? -11.086 10.543  0.780   1.00 25.40  ? 311 SER A OG  1 
ATOM   164 N N   . SER A 1 24 ? -9.138  12.483  3.007   1.00 31.88  ? 312 SER A N   1 
ATOM   165 C CA  . SER A 1 24 ? -8.810  12.234  4.408   1.00 34.07  ? 312 SER A CA  1 
ATOM   166 C C   . SER A 1 24 ? -9.307  10.864  4.859   1.00 24.19  ? 312 SER A C   1 
ATOM   167 O O   . SER A 1 24 ? -8.605  10.136  5.564   1.00 33.69  ? 312 SER A O   1 
ATOM   168 C CB  . SER A 1 24 ? -9.409  13.324  5.300   1.00 40.74  ? 312 SER A CB  1 
ATOM   169 O OG  . SER A 1 24 ? -8.920  14.605  4.941   1.00 41.27  ? 312 SER A OG  1 
ATOM   170 N N   . GLN A 1 25 ? -10.516 10.519  4.429   1.00 21.86  ? 313 GLN A N   1 
ATOM   171 C CA  . GLN A 1 25 ? -11.120 9.237   4.764   1.00 33.62  ? 313 GLN A CA  1 
ATOM   172 C C   . GLN A 1 25 ? -10.318 8.072   4.186   1.00 27.84  ? 313 GLN A C   1 
ATOM   173 O O   . GLN A 1 25 ? -10.034 7.101   4.886   1.00 23.31  ? 313 GLN A O   1 
ATOM   174 C CB  . GLN A 1 25 ? -12.567 9.188   4.267   1.00 35.80  ? 313 GLN A CB  1 
ATOM   175 C CG  . GLN A 1 25 ? -13.324 7.933   4.669   1.00 48.86  ? 313 GLN A CG  1 
ATOM   176 C CD  . GLN A 1 25 ? -14.776 7.965   4.230   1.00 92.09  ? 313 GLN A CD  1 
ATOM   177 O OE1 . GLN A 1 25 ? -15.243 8.955   3.665   1.00 103.16 ? 313 GLN A OE1 1 
ATOM   178 N NE2 . GLN A 1 25 ? -15.498 6.881   4.488   1.00 77.51  ? 313 GLN A NE2 1 
ATOM   179 N N   . GLU A 1 26 ? -9.955  8.177   2.910   1.00 25.69  ? 314 GLU A N   1 
ATOM   180 C CA  . GLU A 1 26 ? -9.147  7.153   2.252   1.00 23.93  ? 314 GLU A CA  1 
ATOM   181 C C   . GLU A 1 26 ? -7.795  6.987   2.938   1.00 20.10  ? 314 GLU A C   1 
ATOM   182 O O   . GLU A 1 26 ? -7.314  5.868   3.121   1.00 19.82  ? 314 GLU A O   1 
ATOM   183 C CB  . GLU A 1 26 ? -8.941  7.493   0.775   1.00 16.42  ? 314 GLU A CB  1 
ATOM   184 C CG  . GLU A 1 26 ? -10.155 7.248   -0.104  1.00 15.94  ? 314 GLU A CG  1 
ATOM   185 C CD  . GLU A 1 26 ? -9.925  7.675   -1.540  1.00 27.27  ? 314 GLU A CD  1 
ATOM   186 O OE1 . GLU A 1 26 ? -9.492  8.828   -1.755  1.00 23.96  ? 314 GLU A OE1 1 
ATOM   187 O OE2 . GLU A 1 26 ? -10.166 6.858   -2.454  1.00 27.74  ? 314 GLU A OE2 1 
ATOM   188 N N   . ILE A 1 27 ? -7.189  8.110   3.312   1.00 21.52  ? 315 ILE A N   1 
ATOM   189 C CA  . ILE A 1 27 ? -5.921  8.098   4.029   1.00 23.12  ? 315 ILE A CA  1 
ATOM   190 C C   . ILE A 1 27 ? -6.055  7.366   5.362   1.00 20.89  ? 315 ILE A C   1 
ATOM   191 O O   . ILE A 1 27 ? -5.215  6.532   5.706   1.00 25.52  ? 315 ILE A O   1 
ATOM   192 C CB  . ILE A 1 27 ? -5.395  9.530   4.272   1.00 27.17  ? 315 ILE A CB  1 
ATOM   193 C CG1 . ILE A 1 27 ? -4.969  10.168  2.948   1.00 22.29  ? 315 ILE A CG1 1 
ATOM   194 C CG2 . ILE A 1 27 ? -4.230  9.518   5.247   1.00 27.92  ? 315 ILE A CG2 1 
ATOM   195 C CD1 . ILE A 1 27 ? -4.442  11.578  3.087   1.00 31.48  ? 315 ILE A CD1 1 
ATOM   196 N N   . GLN A 1 28 ? -7.118  7.673   6.101   1.00 23.94  ? 316 GLN A N   1 
ATOM   197 C CA  . GLN A 1 28 ? -7.373  7.016   7.381   1.00 33.21  ? 316 GLN A CA  1 
ATOM   198 C C   . GLN A 1 28 ? -7.573  5.509   7.220   1.00 22.28  ? 316 GLN A C   1 
ATOM   199 O O   . GLN A 1 28 ? -6.976  4.716   7.950   1.00 27.35  ? 316 GLN A O   1 
ATOM   200 C CB  . GLN A 1 28 ? -8.588  7.634   8.077   1.00 23.63  ? 316 GLN A CB  1 
ATOM   201 C CG  . GLN A 1 28 ? -8.391  9.075   8.524   1.00 48.51  ? 316 GLN A CG  1 
ATOM   202 C CD  . GLN A 1 28 ? -7.331  9.218   9.598   1.00 53.45  ? 316 GLN A CD  1 
ATOM   203 O OE1 . GLN A 1 28 ? -7.101  8.302   10.388  1.00 50.93  ? 316 GLN A OE1 1 
ATOM   204 N NE2 . GLN A 1 28 ? -6.674  10.373  9.630   1.00 41.83  ? 316 GLN A NE2 1 
ATOM   205 N N   . GLN A 1 29 ? -8.413  5.123   6.264   1.00 28.09  ? 317 GLN A N   1 
ATOM   206 C CA  . GLN A 1 29 ? -8.697  3.713   6.009   1.00 24.90  ? 317 GLN A CA  1 
ATOM   207 C C   . GLN A 1 29 ? -7.437  2.944   5.621   1.00 18.69  ? 317 GLN A C   1 
ATOM   208 O O   . GLN A 1 29 ? -7.162  1.868   6.164   1.00 24.33  ? 317 GLN A O   1 
ATOM   209 C CB  . GLN A 1 29 ? -9.750  3.564   4.908   1.00 20.74  ? 317 GLN A CB  1 
ATOM   210 C CG  . GLN A 1 29 ? -11.116 4.123   5.269   1.00 40.56  ? 317 GLN A CG  1 
ATOM   211 C CD  . GLN A 1 29 ? -12.145 3.892   4.177   1.00 47.45  ? 317 GLN A CD  1 
ATOM   212 O OE1 . GLN A 1 29 ? -12.970 4.759   3.892   1.00 71.90  ? 317 GLN A OE1 1 
ATOM   213 N NE2 . GLN A 1 29 ? -12.100 2.715   3.562   1.00 60.96  ? 317 GLN A NE2 1 
ATOM   214 N N   . PHE A 1 30 ? -6.676  3.499   4.682   1.00 20.77  ? 318 PHE A N   1 
ATOM   215 C CA  . PHE A 1 30 ? -5.446  2.853   4.238   1.00 26.61  ? 318 PHE A CA  1 
ATOM   216 C C   . PHE A 1 30 ? -4.440  2.746   5.375   1.00 19.99  ? 318 PHE A C   1 
ATOM   217 O O   . PHE A 1 30 ? -3.770  1.726   5.518   1.00 23.43  ? 318 PHE A O   1 
ATOM   218 C CB  . PHE A 1 30 ? -4.824  3.585   3.048   1.00 24.00  ? 318 PHE A CB  1 
ATOM   219 C CG  . PHE A 1 30 ? -3.523  2.989   2.596   1.00 23.10  ? 318 PHE A CG  1 
ATOM   220 C CD1 . PHE A 1 30 ? -3.477  1.699   2.091   1.00 20.80  ? 318 PHE A CD1 1 
ATOM   221 C CD2 . PHE A 1 30 ? -2.346  3.712   2.683   1.00 21.20  ? 318 PHE A CD2 1 
ATOM   222 C CE1 . PHE A 1 30 ? -2.279  1.143   1.679   1.00 22.95  ? 318 PHE A CE1 1 
ATOM   223 C CE2 . PHE A 1 30 ? -1.146  3.162   2.271   1.00 15.51  ? 318 PHE A CE2 1 
ATOM   224 C CZ  . PHE A 1 30 ? -1.113  1.876   1.770   1.00 21.14  ? 318 PHE A CZ  1 
ATOM   225 N N   . ALA A 1 31 ? -4.339  3.800   6.180   1.00 25.71  ? 319 ALA A N   1 
ATOM   226 C CA  . ALA A 1 31 ? -3.456  3.788   7.341   1.00 23.88  ? 319 ALA A CA  1 
ATOM   227 C C   . ALA A 1 31 ? -3.845  2.657   8.285   1.00 22.49  ? 319 ALA A C   1 
ATOM   228 O O   . ALA A 1 31 ? -2.988  1.913   8.768   1.00 25.79  ? 319 ALA A O   1 
ATOM   229 C CB  . ALA A 1 31 ? -3.507  5.124   8.064   1.00 22.92  ? 319 ALA A CB  1 
ATOM   230 N N   . ALA A 1 32 ? -5.146  2.529   8.528   1.00 24.17  ? 320 ALA A N   1 
ATOM   231 C CA  . ALA A 1 32 ? -5.673  1.492   9.409   1.00 26.31  ? 320 ALA A CA  1 
ATOM   232 C C   . ALA A 1 32 ? -5.355  0.084   8.909   1.00 21.84  ? 320 ALA A C   1 
ATOM   233 O O   . ALA A 1 32 ? -4.747  -0.715  9.626   1.00 26.27  ? 320 ALA A O   1 
ATOM   234 C CB  . ALA A 1 32 ? -7.177  1.666   9.587   1.00 25.92  ? 320 ALA A CB  1 
ATOM   235 N N   . LEU A 1 33 ? -5.764  -0.217  7.678   1.00 25.68  ? 321 LEU A N   1 
ATOM   236 C CA  . LEU A 1 33 ? -5.561  -1.555  7.125   1.00 25.80  ? 321 LEU A CA  1 
ATOM   237 C C   . LEU A 1 33 ? -4.075  -1.908  6.994   1.00 19.24  ? 321 LEU A C   1 
ATOM   238 O O   . LEU A 1 33 ? -3.669  -3.044  7.268   1.00 20.00  ? 321 LEU A O   1 
ATOM   239 C CB  . LEU A 1 33 ? -6.303  -1.721  5.789   1.00 26.13  ? 321 LEU A CB  1 
ATOM   240 C CG  . LEU A 1 33 ? -5.896  -0.885  4.572   1.00 18.27  ? 321 LEU A CG  1 
ATOM   241 C CD1 . LEU A 1 33 ? -4.873  -1.621  3.723   1.00 18.23  ? 321 LEU A CD1 1 
ATOM   242 C CD2 . LEU A 1 33 ? -7.118  -0.518  3.739   1.00 19.86  ? 321 LEU A CD2 1 
ATOM   243 N N   . LEU A 1 34 ? -3.270  -0.925  6.596   1.00 20.80  ? 322 LEU A N   1 
ATOM   244 C CA  . LEU A 1 34 ? -1.827  -1.118  6.484   1.00 17.74  ? 322 LEU A CA  1 
ATOM   245 C C   . LEU A 1 34 ? -1.202  -1.384  7.846   1.00 17.85  ? 322 LEU A C   1 
ATOM   246 O O   . LEU A 1 34 ? -0.286  -2.192  7.966   1.00 22.12  ? 322 LEU A O   1 
ATOM   247 C CB  . LEU A 1 34 ? -1.156  0.091   5.827   1.00 21.06  ? 322 LEU A CB  1 
ATOM   248 C CG  . LEU A 1 34 ? 0.376   0.096   5.806   1.00 22.52  ? 322 LEU A CG  1 
ATOM   249 C CD1 . LEU A 1 34 ? 0.911   -1.094  5.021   1.00 19.44  ? 322 LEU A CD1 1 
ATOM   250 C CD2 . LEU A 1 34 ? 0.913   1.406   5.241   1.00 18.62  ? 322 LEU A CD2 1 
ATOM   251 N N   . HIS A 1 35 ? -1.694  -0.694  8.870   1.00 20.19  ? 323 HIS A N   1 
ATOM   252 C CA  . HIS A 1 35 ? -1.174  -0.882  10.219  1.00 20.17  ? 323 HIS A CA  1 
ATOM   253 C C   . HIS A 1 35 ? -1.541  -2.268  10.732  1.00 23.61  ? 323 HIS A C   1 
ATOM   254 O O   . HIS A 1 35 ? -0.741  -2.925  11.401  1.00 24.26  ? 323 HIS A O   1 
ATOM   255 C CB  . HIS A 1 35 ? -1.711  0.191   11.166  1.00 22.70  ? 323 HIS A CB  1 
ATOM   256 C CG  . HIS A 1 35 ? -0.975  0.271   12.466  1.00 23.84  ? 323 HIS A CG  1 
ATOM   257 N ND1 . HIS A 1 35 ? 0.373   0.555   12.543  1.00 30.71  ? 323 HIS A ND1 1 
ATOM   258 C CD2 . HIS A 1 35 ? -1.396  0.103   13.742  1.00 31.94  ? 323 HIS A CD2 1 
ATOM   259 C CE1 . HIS A 1 35 ? 0.747   0.559   13.810  1.00 27.05  ? 323 HIS A CE1 1 
ATOM   260 N NE2 . HIS A 1 35 ? -0.306  0.288   14.558  1.00 34.59  ? 323 HIS A NE2 1 
ATOM   261 N N   . GLU A 1 36 ? -2.754  -2.707  10.414  1.00 20.94  ? 324 GLU A N   1 
ATOM   262 C CA  . GLU A 1 36 ? -3.189  -4.049  10.775  1.00 26.02  ? 324 GLU A CA  1 
ATOM   263 C C   . GLU A 1 36 ? -2.287  -5.094  10.129  1.00 28.08  ? 324 GLU A C   1 
ATOM   264 O O   . GLU A 1 36 ? -1.836  -6.028  10.792  1.00 23.93  ? 324 GLU A O   1 
ATOM   265 C CB  . GLU A 1 36 ? -4.645  -4.277  10.366  1.00 31.02  ? 324 GLU A CB  1 
ATOM   266 C CG  . GLU A 1 36 ? -5.644  -3.461  11.167  1.00 26.66  ? 324 GLU A CG  1 
ATOM   267 C CD  . GLU A 1 36 ? -7.052  -3.565  10.616  1.00 35.56  ? 324 GLU A CD  1 
ATOM   268 O OE1 . GLU A 1 36 ? -7.265  -4.349  9.666   1.00 33.79  ? 324 GLU A OE1 1 
ATOM   269 O OE2 . GLU A 1 36 ? -7.945  -2.860  11.131  1.00 40.20  ? 324 GLU A OE2 1 
ATOM   270 N N   . TYR A 1 37 ? -2.014  -4.924  8.838   1.00 21.36  ? 325 TYR A N   1 
ATOM   271 C CA  . TYR A 1 37 ? -1.113  -5.834  8.135   1.00 16.82  ? 325 TYR A CA  1 
ATOM   272 C C   . TYR A 1 37 ? 0.307   -5.797  8.712   1.00 29.77  ? 325 TYR A C   1 
ATOM   273 O O   . TYR A 1 37 ? 0.983   -6.825  8.795   1.00 25.41  ? 325 TYR A O   1 
ATOM   274 C CB  . TYR A 1 37 ? -1.093  -5.520  6.639   1.00 17.10  ? 325 TYR A CB  1 
ATOM   275 C CG  . TYR A 1 37 ? -0.068  -6.306  5.850   1.00 18.89  ? 325 TYR A CG  1 
ATOM   276 C CD1 . TYR A 1 37 ? -0.073  -7.695  5.855   1.00 26.79  ? 325 TYR A CD1 1 
ATOM   277 C CD2 . TYR A 1 37 ? 0.896   -5.656  5.090   1.00 23.24  ? 325 TYR A CD2 1 
ATOM   278 C CE1 . TYR A 1 37 ? 0.859   -8.416  5.131   1.00 22.58  ? 325 TYR A CE1 1 
ATOM   279 C CE2 . TYR A 1 37 ? 1.833   -6.370  4.360   1.00 23.92  ? 325 TYR A CE2 1 
ATOM   280 C CZ  . TYR A 1 37 ? 1.809   -7.748  4.386   1.00 27.05  ? 325 TYR A CZ  1 
ATOM   281 O OH  . TYR A 1 37 ? 2.737   -8.462  3.664   1.00 26.76  ? 325 TYR A OH  1 
ATOM   282 N N   . ARG A 1 38 ? 0.745   -4.610  9.113   1.00 20.43  ? 326 ARG A N   1 
ATOM   283 C CA  . ARG A 1 38 ? 2.073   -4.424  9.688   1.00 23.91  ? 326 ARG A CA  1 
ATOM   284 C C   . ARG A 1 38 ? 2.195   -5.137  11.033  1.00 29.17  ? 326 ARG A C   1 
ATOM   285 O O   . ARG A 1 38 ? 3.257   -5.659  11.374  1.00 30.98  ? 326 ARG A O   1 
ATOM   286 C CB  . ARG A 1 38 ? 2.385   -2.929  9.840   1.00 27.97  ? 326 ARG A CB  1 
ATOM   287 C CG  . ARG A 1 38 ? 3.758   -2.615  10.439  1.00 30.68  ? 326 ARG A CG  1 
ATOM   288 C CD  . ARG A 1 38 ? 3.656   -2.231  11.910  1.00 33.20  ? 326 ARG A CD  1 
ATOM   289 N NE  . ARG A 1 38 ? 4.955   -2.245  12.579  1.00 32.36  ? 326 ARG A NE  1 
ATOM   290 C CZ  . ARG A 1 38 ? 5.688   -1.163  12.820  1.00 40.22  ? 326 ARG A CZ  1 
ATOM   291 N NH1 . ARG A 1 38 ? 5.256   0.034   12.446  1.00 30.69  ? 326 ARG A NH1 1 
ATOM   292 N NH2 . ARG A 1 38 ? 6.856   -1.277  13.436  1.00 42.60  ? 326 ARG A NH2 1 
ATOM   293 N N   . ASN A 1 39 ? 1.101   -5.164  11.788  1.00 28.03  ? 327 ASN A N   1 
ATOM   294 C CA  . ASN A 1 39 ? 1.108   -5.779  13.111  1.00 25.93  ? 327 ASN A CA  1 
ATOM   295 C C   . ASN A 1 39 ? 0.934   -7.296  13.106  1.00 34.22  ? 327 ASN A C   1 
ATOM   296 O O   . ASN A 1 39 ? 0.934   -7.927  14.163  1.00 48.81  ? 327 ASN A O   1 
ATOM   297 C CB  . ASN A 1 39 ? 0.071   -5.118  14.025  1.00 24.82  ? 327 ASN A CB  1 
ATOM   298 C CG  . ASN A 1 39 ? 0.524   -3.763  14.531  1.00 35.64  ? 327 ASN A CG  1 
ATOM   299 O OD1 . ASN A 1 39 ? 1.722   -3.479  14.586  1.00 30.72  ? 327 ASN A OD1 1 
ATOM   300 N ND2 . ASN A 1 39 ? -0.430  -2.920  14.907  1.00 31.77  ? 327 ASN A ND2 1 
ATOM   301 N N   . GLY A 1 40 ? 0.786   -7.882  11.922  1.00 31.77  ? 328 GLY A N   1 
ATOM   302 C CA  . GLY A 1 40 ? 0.755   -9.329  11.806  1.00 30.27  ? 328 GLY A CA  1 
ATOM   303 C C   . GLY A 1 40 ? -0.448  -9.937  11.108  1.00 41.95  ? 328 GLY A C   1 
ATOM   304 O O   . GLY A 1 40 ? -0.539  -11.159 10.993  1.00 33.43  ? 328 GLY A O   1 
ATOM   305 N N   . ALA A 1 41 ? -1.374  -9.101  10.644  1.00 31.68  ? 329 ALA A N   1 
ATOM   306 C CA  . ALA A 1 41 ? -2.529  -9.604  9.905   1.00 30.63  ? 329 ALA A CA  1 
ATOM   307 C C   . ALA A 1 41 ? -2.088  -10.208 8.574   1.00 27.64  ? 329 ALA A C   1 
ATOM   308 O O   . ALA A 1 41 ? -1.045  -9.840  8.033   1.00 24.36  ? 329 ALA A O   1 
ATOM   309 C CB  . ALA A 1 41 ? -3.553  -8.502  9.684   1.00 28.36  ? 329 ALA A CB  1 
ATOM   310 N N   . SER A 1 42 ? -2.881  -11.141 8.056   1.00 22.39  ? 330 SER A N   1 
ATOM   311 C CA  . SER A 1 42 ? -2.517  -11.871 6.846   1.00 21.79  ? 330 SER A CA  1 
ATOM   312 C C   . SER A 1 42 ? -2.498  -10.981 5.608   1.00 21.95  ? 330 SER A C   1 
ATOM   313 O O   . SER A 1 42 ? -3.206  -9.976  5.541   1.00 16.36  ? 330 SER A O   1 
ATOM   314 C CB  . SER A 1 42 ? -3.472  -13.048 6.624   1.00 29.42  ? 330 SER A CB  1 
ATOM   315 O OG  . SER A 1 42 ? -4.793  -12.594 6.381   1.00 32.95  ? 330 SER A OG  1 
ATOM   316 N N   . ILE A 1 43 ? -1.679  -11.360 4.631   1.00 20.38  ? 331 ILE A N   1 
ATOM   317 C CA  . ILE A 1 43 ? -1.623  -10.657 3.355   1.00 21.26  ? 331 ILE A CA  1 
ATOM   318 C C   . ILE A 1 43 ? -2.973  -10.750 2.642   1.00 21.16  ? 331 ILE A C   1 
ATOM   319 O O   . ILE A 1 43 ? -3.356  -9.853  1.888   1.00 19.48  ? 331 ILE A O   1 
ATOM   320 C CB  . ILE A 1 43 ? -0.485  -11.207 2.458   1.00 23.58  ? 331 ILE A CB  1 
ATOM   321 C CG1 . ILE A 1 43 ? -0.415  -10.449 1.129   1.00 24.13  ? 331 ILE A CG1 1 
ATOM   322 C CG2 . ILE A 1 43 ? -0.647  -12.707 2.230   1.00 18.76  ? 331 ILE A CG2 1 
ATOM   323 C CD1 . ILE A 1 43 ? -0.063  -8.984  1.279   1.00 20.92  ? 331 ILE A CD1 1 
ATOM   324 N N   . HIS A 1 44 ? -3.696  -11.836 2.905   1.00 17.34  ? 332 HIS A N   1 
ATOM   325 C CA  . HIS A 1 44 ? -5.027  -12.047 2.348   1.00 20.68  ? 332 HIS A CA  1 
ATOM   326 C C   . HIS A 1 44 ? -5.980  -10.922 2.753   1.00 15.66  ? 332 HIS A C   1 
ATOM   327 O O   . HIS A 1 44 ? -6.647  -10.316 1.907   1.00 21.89  ? 332 HIS A O   1 
ATOM   328 C CB  . HIS A 1 44 ? -5.573  -13.399 2.812   1.00 17.45  ? 332 HIS A CB  1 
ATOM   329 C CG  . HIS A 1 44 ? -6.943  -13.711 2.299   1.00 19.12  ? 332 HIS A CG  1 
ATOM   330 N ND1 . HIS A 1 44 ? -7.234  -13.798 0.955   1.00 19.37  ? 332 HIS A ND1 1 
ATOM   331 C CD2 . HIS A 1 44 ? -8.102  -13.967 2.952   1.00 21.22  ? 332 HIS A CD2 1 
ATOM   332 C CE1 . HIS A 1 44 ? -8.514  -14.086 0.801   1.00 28.75  ? 332 HIS A CE1 1 
ATOM   333 N NE2 . HIS A 1 44 ? -9.063  -14.195 1.998   1.00 20.64  ? 332 HIS A NE2 1 
ATOM   334 N N   . GLU A 1 45 ? -6.031  -10.641 4.052   1.00 17.77  ? 333 GLU A N   1 
ATOM   335 C CA  . GLU A 1 45 ? -6.877  -9.572  4.574   1.00 19.54  ? 333 GLU A CA  1 
ATOM   336 C C   . GLU A 1 45 ? -6.419  -8.208  4.064   1.00 18.42  ? 333 GLU A C   1 
ATOM   337 O O   . GLU A 1 45 ? -7.236  -7.323  3.823   1.00 20.42  ? 333 GLU A O   1 
ATOM   338 C CB  . GLU A 1 45 ? -6.893  -9.594  6.104   1.00 18.27  ? 333 GLU A CB  1 
ATOM   339 C CG  . GLU A 1 45 ? -7.596  -10.805 6.702   1.00 21.11  ? 333 GLU A CG  1 
ATOM   340 C CD  . GLU A 1 45 ? -9.079  -10.834 6.385   1.00 18.08  ? 333 GLU A CD  1 
ATOM   341 O OE1 . GLU A 1 45 ? -9.786  -9.872  6.750   1.00 21.99  ? 333 GLU A OE1 1 
ATOM   342 O OE2 . GLU A 1 45 ? -9.538  -11.817 5.765   1.00 27.03  ? 333 GLU A OE2 1 
ATOM   343 N N   . PHE A 1 46 ? -5.109  -8.051  3.902   1.00 21.18  ? 334 PHE A N   1 
ATOM   344 C CA  . PHE A 1 46 ? -4.531  -6.825  3.361   1.00 20.80  ? 334 PHE A CA  1 
ATOM   345 C C   . PHE A 1 46 ? -5.057  -6.574  1.950   1.00 20.01  ? 334 PHE A C   1 
ATOM   346 O O   . PHE A 1 46 ? -5.483  -5.466  1.620   1.00 18.52  ? 334 PHE A O   1 
ATOM   347 C CB  . PHE A 1 46 ? -3.003  -6.932  3.355   1.00 16.48  ? 334 PHE A CB  1 
ATOM   348 C CG  . PHE A 1 46 ? -2.296  -5.677  2.917   1.00 21.01  ? 334 PHE A CG  1 
ATOM   349 C CD1 . PHE A 1 46 ? -2.484  -4.483  3.594   1.00 23.36  ? 334 PHE A CD1 1 
ATOM   350 C CD2 . PHE A 1 46 ? -1.420  -5.701  1.844   1.00 18.94  ? 334 PHE A CD2 1 
ATOM   351 C CE1 . PHE A 1 46 ? -1.823  -3.332  3.199   1.00 18.91  ? 334 PHE A CE1 1 
ATOM   352 C CE2 . PHE A 1 46 ? -0.756  -4.554  1.445   1.00 17.66  ? 334 PHE A CE2 1 
ATOM   353 C CZ  . PHE A 1 46 ? -0.959  -3.368  2.122   1.00 18.60  ? 334 PHE A CZ  1 
ATOM   354 N N   . CYS A 1 47 ? -5.041  -7.619  1.128   1.00 14.55  ? 335 CYS A N   1 
ATOM   355 C CA  . CYS A 1 47 ? -5.523  -7.526  -0.244  1.00 14.37  ? 335 CYS A CA  1 
ATOM   356 C C   . CYS A 1 47 ? -7.027  -7.271  -0.300  1.00 20.16  ? 335 CYS A C   1 
ATOM   357 O O   . CYS A 1 47 ? -7.496  -6.465  -1.107  1.00 20.10  ? 335 CYS A O   1 
ATOM   358 C CB  . CYS A 1 47 ? -5.163  -8.789  -1.032  1.00 19.80  ? 335 CYS A CB  1 
ATOM   359 S SG  . CYS A 1 47 ? -3.385  -9.015  -1.285  1.00 19.67  ? 335 CYS A SG  1 
ATOM   360 N N   . ILE A 1 48 ? -7.779  -7.959  0.558   1.00 17.83  ? 336 ILE A N   1 
ATOM   361 C CA  . ILE A 1 48 ? -9.218  -7.720  0.653   1.00 21.02  ? 336 ILE A CA  1 
ATOM   362 C C   . ILE A 1 48 ? -9.514  -6.260  0.998   1.00 16.59  ? 336 ILE A C   1 
ATOM   363 O O   . ILE A 1 48 ? -10.335 -5.616  0.349   1.00 16.60  ? 336 ILE A O   1 
ATOM   364 C CB  . ILE A 1 48 ? -9.891  -8.637  1.697   1.00 21.06  ? 336 ILE A CB  1 
ATOM   365 C CG1 . ILE A 1 48 ? -9.811  -10.099 1.255   1.00 26.84  ? 336 ILE A CG1 1 
ATOM   366 C CG2 . ILE A 1 48 ? -11.345 -8.237  1.905   1.00 15.87  ? 336 ILE A CG2 1 
ATOM   367 C CD1 . ILE A 1 48 ? -10.399 -11.068 2.257   1.00 13.99  ? 336 ILE A CD1 1 
ATOM   368 N N   . ASN A 1 49 ? -8.833  -5.741  2.015   1.00 21.13  ? 337 ASN A N   1 
ATOM   369 C CA  . ASN A 1 49 ? -9.037  -4.362  2.450   1.00 25.07  ? 337 ASN A CA  1 
ATOM   370 C C   . ASN A 1 49 ? -8.646  -3.338  1.388   1.00 18.76  ? 337 ASN A C   1 
ATOM   371 O O   . ASN A 1 49 ? -9.353  -2.348  1.181   1.00 18.92  ? 337 ASN A O   1 
ATOM   372 C CB  . ASN A 1 49 ? -8.292  -4.090  3.760   1.00 20.46  ? 337 ASN A CB  1 
ATOM   373 C CG  . ASN A 1 49 ? -8.853  -4.887  4.924   1.00 20.97  ? 337 ASN A CG  1 
ATOM   374 O OD1 . ASN A 1 49 ? -10.017 -5.287  4.910   1.00 21.39  ? 337 ASN A OD1 1 
ATOM   375 N ND2 . ASN A 1 49 ? -8.026  -5.123  5.936   1.00 18.78  ? 337 ASN A ND2 1 
ATOM   376 N N   . LEU A 1 50 ? -7.522  -3.581  0.717   1.00 17.81  ? 338 LEU A N   1 
ATOM   377 C CA  . LEU A 1 50 ? -7.098  -2.729  -0.392  1.00 16.20  ? 338 LEU A CA  1 
ATOM   378 C C   . LEU A 1 50 ? -8.148  -2.706  -1.498  1.00 20.31  ? 338 LEU A C   1 
ATOM   379 O O   . LEU A 1 50 ? -8.489  -1.647  -2.023  1.00 22.38  ? 338 LEU A O   1 
ATOM   380 C CB  . LEU A 1 50 ? -5.764  -3.207  -0.970  1.00 17.87  ? 338 LEU A CB  1 
ATOM   381 C CG  . LEU A 1 50 ? -4.492  -2.929  -0.166  1.00 14.86  ? 338 LEU A CG  1 
ATOM   382 C CD1 . LEU A 1 50 ? -3.288  -3.532  -0.872  1.00 14.94  ? 338 LEU A CD1 1 
ATOM   383 C CD2 . LEU A 1 50 ? -4.306  -1.434  0.040   1.00 18.74  ? 338 LEU A CD2 1 
ATOM   384 N N   . ARG A 1 51 ? -8.654  -3.884  -1.848  1.00 17.90  ? 339 ARG A N   1 
ATOM   385 C CA  . ARG A 1 51 ? -9.639  -3.999  -2.916  1.00 11.54  ? 339 ARG A CA  1 
ATOM   386 C C   . ARG A 1 51 ? -10.955 -3.319  -2.537  1.00 21.50  ? 339 ARG A C   1 
ATOM   387 O O   . ARG A 1 51 ? -11.601 -2.692  -3.374  1.00 18.38  ? 339 ARG A O   1 
ATOM   388 C CB  . ARG A 1 51 ? -9.868  -5.470  -3.265  1.00 24.99  ? 339 ARG A CB  1 
ATOM   389 C CG  . ARG A 1 51 ? -10.917 -5.712  -4.336  1.00 22.11  ? 339 ARG A CG  1 
ATOM   390 C CD  . ARG A 1 51 ? -10.462 -5.325  -5.728  1.00 35.52  ? 339 ARG A CD  1 
ATOM   391 N NE  . ARG A 1 51 ? -11.225 -6.055  -6.738  1.00 29.52  ? 339 ARG A NE  1 
ATOM   392 C CZ  . ARG A 1 51 ? -11.303 -5.709  -8.018  1.00 41.02  ? 339 ARG A CZ  1 
ATOM   393 N NH1 . ARG A 1 51 ? -10.673 -4.628  -8.458  1.00 24.44  ? 339 ARG A NH1 1 
ATOM   394 N NH2 . ARG A 1 51 ? -12.023 -6.441  -8.858  1.00 34.28  ? 339 ARG A NH2 1 
ATOM   395 N N   . GLN A 1 52 ? -11.342 -3.440  -1.272  1.00 18.86  ? 340 GLN A N   1 
ATOM   396 C CA  . GLN A 1 52 ? -12.544 -2.780  -0.776  1.00 18.92  ? 340 GLN A CA  1 
ATOM   397 C C   . GLN A 1 52 ? -12.377 -1.264  -0.781  1.00 26.79  ? 340 GLN A C   1 
ATOM   398 O O   . GLN A 1 52 ? -13.331 -0.525  -1.017  1.00 25.57  ? 340 GLN A O   1 
ATOM   399 C CB  . GLN A 1 52 ? -12.890 -3.276  0.630   1.00 18.60  ? 340 GLN A CB  1 
ATOM   400 C CG  . GLN A 1 52 ? -13.406 -4.710  0.663   1.00 31.66  ? 340 GLN A CG  1 
ATOM   401 C CD  . GLN A 1 52 ? -13.617 -5.228  2.073   1.00 28.34  ? 340 GLN A CD  1 
ATOM   402 O OE1 . GLN A 1 52 ? -13.024 -4.726  3.027   1.00 36.48  ? 340 GLN A OE1 1 
ATOM   403 N NE2 . GLN A 1 52 ? -14.467 -6.239  2.209   1.00 22.86  ? 340 GLN A NE2 1 
ATOM   404 N N   . LEU A 1 53 ? -11.154 -0.807  -0.526  1.00 18.20  ? 341 LEU A N   1 
ATOM   405 C CA  . LEU A 1 53 ? -10.858 0.621   -0.497  1.00 20.55  ? 341 LEU A CA  1 
ATOM   406 C C   . LEU A 1 53 ? -10.833 1.245   -1.896  1.00 23.05  ? 341 LEU A C   1 
ATOM   407 O O   . LEU A 1 53 ? -11.466 2.273   -2.134  1.00 22.15  ? 341 LEU A O   1 
ATOM   408 C CB  . LEU A 1 53 ? -9.523  0.868   0.214   1.00 20.19  ? 341 LEU A CB  1 
ATOM   409 C CG  . LEU A 1 53 ? -8.973  2.297   0.265   1.00 27.83  ? 341 LEU A CG  1 
ATOM   410 C CD1 . LEU A 1 53 ? -9.914  3.224   1.018   1.00 22.84  ? 341 LEU A CD1 1 
ATOM   411 C CD2 . LEU A 1 53 ? -7.590  2.305   0.899   1.00 19.59  ? 341 LEU A CD2 1 
ATOM   412 N N   . TYR A 1 54 ? -10.112 0.614   -2.817  1.00 17.19  ? 342 TYR A N   1 
ATOM   413 C CA  . TYR A 1 54 ? -9.866  1.201   -4.133  1.00 19.25  ? 342 TYR A CA  1 
ATOM   414 C C   . TYR A 1 54 ? -10.751 0.647   -5.251  1.00 25.34  ? 342 TYR A C   1 
ATOM   415 O O   . TYR A 1 54 ? -11.016 1.338   -6.235  1.00 24.36  ? 342 TYR A O   1 
ATOM   416 C CB  . TYR A 1 54 ? -8.397  1.029   -4.523  1.00 21.37  ? 342 TYR A CB  1 
ATOM   417 C CG  . TYR A 1 54 ? -7.428  1.815   -3.666  1.00 23.18  ? 342 TYR A CG  1 
ATOM   418 C CD1 . TYR A 1 54 ? -7.768  3.064   -3.162  1.00 26.10  ? 342 TYR A CD1 1 
ATOM   419 C CD2 . TYR A 1 54 ? -6.172  1.305   -3.364  1.00 26.38  ? 342 TYR A CD2 1 
ATOM   420 C CE1 . TYR A 1 54 ? -6.882  3.785   -2.380  1.00 24.47  ? 342 TYR A CE1 1 
ATOM   421 C CE2 . TYR A 1 54 ? -5.280  2.018   -2.585  1.00 23.78  ? 342 TYR A CE2 1 
ATOM   422 C CZ  . TYR A 1 54 ? -5.638  3.255   -2.095  1.00 25.44  ? 342 TYR A CZ  1 
ATOM   423 O OH  . TYR A 1 54 ? -4.751  3.964   -1.317  1.00 30.32  ? 342 TYR A OH  1 
ATOM   424 N N   . GLY A 1 55 ? -11.198 -0.596  -5.106  1.00 25.46  ? 343 GLY A N   1 
ATOM   425 C CA  . GLY A 1 55 ? -11.945 -1.250  -6.167  1.00 21.10  ? 343 GLY A CA  1 
ATOM   426 C C   . GLY A 1 55 ? -11.068 -1.454  -7.387  1.00 21.43  ? 343 GLY A C   1 
ATOM   427 O O   . GLY A 1 55 ? -10.016 -2.089  -7.306  1.00 22.06  ? 343 GLY A O   1 
ATOM   428 N N   . ASP A 1 56 ? -11.495 -0.907  -8.520  1.00 25.08  ? 344 ASP A N   1 
ATOM   429 C CA  . ASP A 1 56 ? -10.707 -0.967  -9.747  1.00 24.15  ? 344 ASP A CA  1 
ATOM   430 C C   . ASP A 1 56 ? -9.851  0.284   -9.929  1.00 29.83  ? 344 ASP A C   1 
ATOM   431 O O   . ASP A 1 56 ? -9.072  0.376   -10.876 1.00 27.01  ? 344 ASP A O   1 
ATOM   432 C CB  . ASP A 1 56 ? -11.617 -1.144  -10.966 1.00 33.94  ? 344 ASP A CB  1 
ATOM   433 C CG  . ASP A 1 56 ? -12.220 -2.534  -11.050 1.00 32.22  ? 344 ASP A CG  1 
ATOM   434 O OD1 . ASP A 1 56 ? -11.519 -3.512  -10.717 1.00 30.09  ? 344 ASP A OD1 1 
ATOM   435 O OD2 . ASP A 1 56 ? -13.396 -2.644  -11.451 1.00 33.89  ? 344 ASP A OD2 1 
ATOM   436 N N   . SER A 1 57 ? -9.995  1.242   -9.019  1.00 17.89  ? 345 SER A N   1 
ATOM   437 C CA  . SER A 1 57 ? -9.304  2.523   -9.151  1.00 25.58  ? 345 SER A CA  1 
ATOM   438 C C   . SER A 1 57 ? -7.967  2.554   -8.410  1.00 18.51  ? 345 SER A C   1 
ATOM   439 O O   . SER A 1 57 ? -7.558  1.563   -7.804  1.00 17.85  ? 345 SER A O   1 
ATOM   440 C CB  . SER A 1 57 ? -10.203 3.667   -8.667  1.00 23.45  ? 345 SER A CB  1 
ATOM   441 O OG  . SER A 1 57 ? -10.499 3.536   -7.288  1.00 36.36  ? 345 SER A OG  1 
ATOM   442 N N   . ARG A 1 58 ? -7.293  3.702   -8.475  1.00 16.29  ? 346 ARG A N   1 
ATOM   443 C CA  . ARG A 1 58 ? -6.001  3.901   -7.818  1.00 17.46  ? 346 ARG A CA  1 
ATOM   444 C C   . ARG A 1 58 ? -4.971  2.828   -8.178  1.00 17.99  ? 346 ARG A C   1 
ATOM   445 O O   . ARG A 1 58 ? -4.237  2.357   -7.312  1.00 16.76  ? 346 ARG A O   1 
ATOM   446 C CB  . ARG A 1 58 ? -6.165  3.976   -6.294  1.00 19.71  ? 346 ARG A CB  1 
ATOM   447 C CG  . ARG A 1 58 ? -6.594  5.339   -5.747  1.00 21.43  ? 346 ARG A CG  1 
ATOM   448 C CD  . ARG A 1 58 ? -8.061  5.647   -6.027  1.00 16.82  ? 346 ARG A CD  1 
ATOM   449 N NE  . ARG A 1 58 ? -8.540  6.758   -5.210  1.00 24.25  ? 346 ARG A NE  1 
ATOM   450 C CZ  . ARG A 1 58 ? -8.458  8.040   -5.559  1.00 23.06  ? 346 ARG A CZ  1 
ATOM   451 N NH1 . ARG A 1 58 ? -7.918  8.382   -6.722  1.00 18.35  ? 346 ARG A NH1 1 
ATOM   452 N NH2 . ARG A 1 58 ? -8.920  8.979   -4.746  1.00 22.95  ? 346 ARG A NH2 1 
ATOM   453 N N   . LYS A 1 59 ? -4.927  2.450   -9.454  1.00 22.80  ? 347 LYS A N   1 
ATOM   454 C CA  . LYS A 1 59 ? -3.996  1.428   -9.935  1.00 17.72  ? 347 LYS A CA  1 
ATOM   455 C C   . LYS A 1 59 ? -2.542  1.743   -9.584  1.00 24.02  ? 347 LYS A C   1 
ATOM   456 O O   . LYS A 1 59 ? -1.784  0.855   -9.187  1.00 18.83  ? 347 LYS A O   1 
ATOM   457 C CB  . LYS A 1 59 ? -4.139  1.247   -11.450 1.00 24.54  ? 347 LYS A CB  1 
ATOM   458 C CG  . LYS A 1 59 ? -5.321  0.384   -11.874 1.00 25.65  ? 347 LYS A CG  1 
ATOM   459 C CD  . LYS A 1 59 ? -5.464  0.351   -13.390 1.00 24.38  ? 347 LYS A CD  1 
ATOM   460 C CE  . LYS A 1 59 ? -6.289  -0.845  -13.851 1.00 29.42  ? 347 LYS A CE  1 
ATOM   461 N NZ  . LYS A 1 59 ? -7.606  -0.922  -13.164 1.00 40.33  ? 347 LYS A NZ  1 
ATOM   462 N N   . PHE A 1 60 ? -2.169  3.012   -9.727  1.00 20.13  ? 348 PHE A N   1 
ATOM   463 C CA  . PHE A 1 60 ? -0.811  3.470   -9.451  1.00 19.96  ? 348 PHE A CA  1 
ATOM   464 C C   . PHE A 1 60 ? -0.392  3.158   -8.015  1.00 16.29  ? 348 PHE A C   1 
ATOM   465 O O   . PHE A 1 60 ? 0.727   2.707   -7.765  1.00 19.18  ? 348 PHE A O   1 
ATOM   466 C CB  . PHE A 1 60 ? -0.707  4.976   -9.704  1.00 24.85  ? 348 PHE A CB  1 
ATOM   467 C CG  . PHE A 1 60 ? 0.666   5.434   -10.108 1.00 21.00  ? 348 PHE A CG  1 
ATOM   468 C CD1 . PHE A 1 60 ? 1.613   4.526   -10.550 1.00 29.12  ? 348 PHE A CD1 1 
ATOM   469 C CD2 . PHE A 1 60 ? 1.009   6.773   -10.040 1.00 34.32  ? 348 PHE A CD2 1 
ATOM   470 C CE1 . PHE A 1 60 ? 2.876   4.945   -10.923 1.00 32.79  ? 348 PHE A CE1 1 
ATOM   471 C CE2 . PHE A 1 60 ? 2.272   7.200   -10.411 1.00 34.52  ? 348 PHE A CE2 1 
ATOM   472 C CZ  . PHE A 1 60 ? 3.206   6.285   -10.853 1.00 28.77  ? 348 PHE A CZ  1 
ATOM   473 N N   . LEU A 1 61 ? -1.302  3.395   -7.076  1.00 19.25  ? 349 LEU A N   1 
ATOM   474 C CA  . LEU A 1 61 ? -1.025  3.166   -5.662  1.00 18.77  ? 349 LEU A CA  1 
ATOM   475 C C   . LEU A 1 61 ? -0.887  1.681   -5.330  1.00 23.12  ? 349 LEU A C   1 
ATOM   476 O O   . LEU A 1 61 ? -0.186  1.313   -4.388  1.00 21.65  ? 349 LEU A O   1 
ATOM   477 C CB  . LEU A 1 61 ? -2.107  3.808   -4.791  1.00 17.23  ? 349 LEU A CB  1 
ATOM   478 C CG  . LEU A 1 61 ? -2.139  5.338   -4.802  1.00 20.25  ? 349 LEU A CG  1 
ATOM   479 C CD1 . LEU A 1 61 ? -3.297  5.863   -3.970  1.00 19.15  ? 349 LEU A CD1 1 
ATOM   480 C CD2 . LEU A 1 61 ? -0.819  5.889   -4.291  1.00 17.84  ? 349 LEU A CD2 1 
ATOM   481 N N   . LEU A 1 62 ? -1.558  0.832   -6.100  1.00 19.98  ? 350 LEU A N   1 
ATOM   482 C CA  . LEU A 1 62 ? -1.452  -0.608  -5.902  1.00 23.63  ? 350 LEU A CA  1 
ATOM   483 C C   . LEU A 1 62 ? -0.144  -1.131  -6.481  1.00 25.40  ? 350 LEU A C   1 
ATOM   484 O O   . LEU A 1 62 ? 0.534   -1.955  -5.866  1.00 21.52  ? 350 LEU A O   1 
ATOM   485 C CB  . LEU A 1 62 ? -2.638  -1.337  -6.534  1.00 15.55  ? 350 LEU A CB  1 
ATOM   486 C CG  . LEU A 1 62 ? -3.998  -1.090  -5.880  1.00 22.23  ? 350 LEU A CG  1 
ATOM   487 C CD1 . LEU A 1 62 ? -5.062  -1.970  -6.516  1.00 26.60  ? 350 LEU A CD1 1 
ATOM   488 C CD2 . LEU A 1 62 ? -3.921  -1.332  -4.380  1.00 29.00  ? 350 LEU A CD2 1 
ATOM   489 N N   . LEU A 1 63 ? 0.202   -0.642  -7.668  1.00 15.71  ? 351 LEU A N   1 
ATOM   490 C CA  . LEU A 1 63 ? 1.454   -1.008  -8.316  1.00 18.05  ? 351 LEU A CA  1 
ATOM   491 C C   . LEU A 1 63 ? 2.651   -0.558  -7.483  1.00 23.62  ? 351 LEU A C   1 
ATOM   492 O O   . LEU A 1 63 ? 3.666   -1.252  -7.415  1.00 18.87  ? 351 LEU A O   1 
ATOM   493 C CB  . LEU A 1 63 ? 1.527   -0.388  -9.713  1.00 16.07  ? 351 LEU A CB  1 
ATOM   494 C CG  . LEU A 1 63 ? 0.515   -0.901  -10.736 1.00 31.16  ? 351 LEU A CG  1 
ATOM   495 C CD1 . LEU A 1 63 ? 0.455   0.027   -11.936 1.00 25.44  ? 351 LEU A CD1 1 
ATOM   496 C CD2 . LEU A 1 63 ? 0.871   -2.315  -11.168 1.00 30.33  ? 351 LEU A CD2 1 
ATOM   497 N N   . GLY A 1 64 ? 2.522   0.601   -6.844  1.00 17.34  ? 352 GLY A N   1 
ATOM   498 C CA  . GLY A 1 64 ? 3.604   1.171   -6.060  1.00 19.37  ? 352 GLY A CA  1 
ATOM   499 C C   . GLY A 1 64 ? 3.895   0.453   -4.753  1.00 18.14  ? 352 GLY A C   1 
ATOM   500 O O   . GLY A 1 64 ? 4.960   0.639   -4.164  1.00 15.97  ? 352 GLY A O   1 
ATOM   501 N N   . LEU A 1 65 ? 2.952   -0.368  -4.299  1.00 17.74  ? 353 LEU A N   1 
ATOM   502 C CA  . LEU A 1 65 ? 3.115   -1.106  -3.048  1.00 20.45  ? 353 LEU A CA  1 
ATOM   503 C C   . LEU A 1 65 ? 4.000   -2.336  -3.201  1.00 18.98  ? 353 LEU A C   1 
ATOM   504 O O   . LEU A 1 65 ? 4.586   -2.807  -2.225  1.00 23.77  ? 353 LEU A O   1 
ATOM   505 C CB  . LEU A 1 65 ? 1.757   -1.543  -2.495  1.00 21.29  ? 353 LEU A CB  1 
ATOM   506 C CG  . LEU A 1 65 ? 0.919   -0.505  -1.754  1.00 22.47  ? 353 LEU A CG  1 
ATOM   507 C CD1 . LEU A 1 65 ? -0.408  -1.109  -1.325  1.00 17.98  ? 353 LEU A CD1 1 
ATOM   508 C CD2 . LEU A 1 65 ? 1.681   0.034   -0.554  1.00 23.80  ? 353 LEU A CD2 1 
ATOM   509 N N   . ARG A 1 66 ? 4.082   -2.854  -4.422  1.00 18.14  ? 354 ARG A N   1 
ATOM   510 C CA  . ARG A 1 66 ? 4.758   -4.126  -4.693  1.00 20.42  ? 354 ARG A CA  1 
ATOM   511 C C   . ARG A 1 66 ? 6.164   -4.292  -4.085  1.00 27.15  ? 354 ARG A C   1 
ATOM   512 O O   . ARG A 1 66 ? 6.440   -5.320  -3.470  1.00 19.24  ? 354 ARG A O   1 
ATOM   513 C CB  . ARG A 1 66 ? 4.759   -4.440  -6.198  1.00 18.19  ? 354 ARG A CB  1 
ATOM   514 C CG  . ARG A 1 66 ? 5.624   -5.628  -6.593  1.00 37.44  ? 354 ARG A CG  1 
ATOM   515 C CD  . ARG A 1 66 ? 5.150   -6.923  -5.943  1.00 50.24  ? 354 ARG A CD  1 
ATOM   516 N NE  . ARG A 1 66 ? 6.055   -8.033  -6.230  1.00 51.50  ? 354 ARG A NE  1 
ATOM   517 C CZ  . ARG A 1 66 ? 7.135   -8.324  -5.512  1.00 54.46  ? 354 ARG A CZ  1 
ATOM   518 N NH1 . ARG A 1 66 ? 7.453   -7.588  -4.456  1.00 39.96  ? 354 ARG A NH1 1 
ATOM   519 N NH2 . ARG A 1 66 ? 7.900   -9.354  -5.849  1.00 46.73  ? 354 ARG A NH2 1 
ATOM   520 N N   . PRO A 1 67 ? 7.052   -3.293  -4.248  1.00 21.54  ? 355 PRO A N   1 
ATOM   521 C CA  . PRO A 1 67 ? 8.380   -3.463  -3.644  1.00 24.31  ? 355 PRO A CA  1 
ATOM   522 C C   . PRO A 1 67 ? 8.360   -3.475  -2.115  1.00 21.45  ? 355 PRO A C   1 
ATOM   523 O O   . PRO A 1 67 ? 9.303   -3.972  -1.499  1.00 26.14  ? 355 PRO A O   1 
ATOM   524 C CB  . PRO A 1 67 ? 9.151   -2.233  -4.144  1.00 23.38  ? 355 PRO A CB  1 
ATOM   525 C CG  . PRO A 1 67 ? 8.438   -1.814  -5.378  1.00 22.73  ? 355 PRO A CG  1 
ATOM   526 C CD  . PRO A 1 67 ? 6.996   -2.089  -5.095  1.00 22.91  ? 355 PRO A CD  1 
ATOM   527 N N   . PHE A 1 68 ? 7.303   -2.939  -1.511  1.00 20.20  ? 356 PHE A N   1 
ATOM   528 C CA  . PHE A 1 68 ? 7.218   -2.866  -0.054  1.00 22.49  ? 356 PHE A CA  1 
ATOM   529 C C   . PHE A 1 68 ? 6.730   -4.164  0.591   1.00 27.00  ? 356 PHE A C   1 
ATOM   530 O O   . PHE A 1 68 ? 6.942   -4.385  1.782   1.00 15.66  ? 356 PHE A O   1 
ATOM   531 C CB  . PHE A 1 68 ? 6.332   -1.696  0.379   1.00 25.93  ? 356 PHE A CB  1 
ATOM   532 C CG  . PHE A 1 68 ? 6.904   -0.348  0.046   1.00 24.27  ? 356 PHE A CG  1 
ATOM   533 C CD1 . PHE A 1 68 ? 7.868   0.228   0.858   1.00 22.11  ? 356 PHE A CD1 1 
ATOM   534 C CD2 . PHE A 1 68 ? 6.479   0.342   -1.076  1.00 26.61  ? 356 PHE A CD2 1 
ATOM   535 C CE1 . PHE A 1 68 ? 8.399   1.470   0.552   1.00 21.76  ? 356 PHE A CE1 1 
ATOM   536 C CE2 . PHE A 1 68 ? 7.004   1.585   -1.385  1.00 25.71  ? 356 PHE A CE2 1 
ATOM   537 C CZ  . PHE A 1 68 ? 7.966   2.147   -0.569  1.00 21.74  ? 356 PHE A CZ  1 
ATOM   538 N N   . ILE A 1 69 ? 6.079   -5.017  -0.195  1.00 21.17  ? 357 ILE A N   1 
ATOM   539 C CA  . ILE A 1 69 ? 5.557   -6.281  0.318   1.00 19.58  ? 357 ILE A CA  1 
ATOM   540 C C   . ILE A 1 69 ? 6.688   -7.228  0.712   1.00 19.20  ? 357 ILE A C   1 
ATOM   541 O O   . ILE A 1 69 ? 7.556   -7.530  -0.105  1.00 24.46  ? 357 ILE A O   1 
ATOM   542 C CB  . ILE A 1 69 ? 4.660   -6.991  -0.717  1.00 20.65  ? 357 ILE A CB  1 
ATOM   543 C CG1 . ILE A 1 69 ? 3.568   -6.048  -1.227  1.00 18.26  ? 357 ILE A CG1 1 
ATOM   544 C CG2 . ILE A 1 69 ? 4.051   -8.250  -0.118  1.00 19.71  ? 357 ILE A CG2 1 
ATOM   545 C CD1 . ILE A 1 69 ? 2.644   -5.535  -0.141  1.00 20.34  ? 357 ILE A CD1 1 
ATOM   546 N N   . PRO A 1 70 ? 6.680   -7.693  1.972   1.00 18.94  ? 358 PRO A N   1 
ATOM   547 C CA  . PRO A 1 70 ? 7.657   -8.665  2.476   1.00 31.02  ? 358 PRO A CA  1 
ATOM   548 C C   . PRO A 1 70 ? 7.779   -9.878  1.558   1.00 33.50  ? 358 PRO A C   1 
ATOM   549 O O   . PRO A 1 70 ? 6.787   -10.303 0.961   1.00 22.84  ? 358 PRO A O   1 
ATOM   550 C CB  . PRO A 1 70 ? 7.066   -9.079  3.825   1.00 26.17  ? 358 PRO A CB  1 
ATOM   551 C CG  . PRO A 1 70 ? 6.320   -7.875  4.275   1.00 26.08  ? 358 PRO A CG  1 
ATOM   552 C CD  . PRO A 1 70 ? 5.748   -7.255  3.027   1.00 19.43  ? 358 PRO A CD  1 
ATOM   553 N N   . GLU A 1 71 ? 8.991   -10.415 1.459   1.00 23.38  ? 359 GLU A N   1 
ATOM   554 C CA  . GLU A 1 71 ? 9.328   -11.490 0.528   1.00 22.73  ? 359 GLU A CA  1 
ATOM   555 C C   . GLU A 1 71 ? 8.361   -12.675 0.554   1.00 21.81  ? 359 GLU A C   1 
ATOM   556 O O   . GLU A 1 71 ? 7.996   -13.209 -0.492  1.00 28.86  ? 359 GLU A O   1 
ATOM   557 C CB  . GLU A 1 71 ? 10.756  -11.975 0.798   1.00 34.80  ? 359 GLU A CB  1 
ATOM   558 C CG  . GLU A 1 71 ? 11.217  -13.123 -0.085  1.00 49.77  ? 359 GLU A CG  1 
ATOM   559 C CD  . GLU A 1 71 ? 12.641  -13.551 0.221   1.00 81.32  ? 359 GLU A CD  1 
ATOM   560 O OE1 . GLU A 1 71 ? 13.343  -12.812 0.943   1.00 65.42  ? 359 GLU A OE1 1 
ATOM   561 O OE2 . GLU A 1 71 ? 13.056  -14.628 -0.257  1.00 96.57  ? 359 GLU A OE2 1 
ATOM   562 N N   . LYS A 1 72 ? 7.941   -13.072 1.750   1.00 29.25  ? 360 LYS A N   1 
ATOM   563 C CA  . LYS A 1 72 ? 7.083   -14.243 1.909   1.00 30.60  ? 360 LYS A CA  1 
ATOM   564 C C   . LYS A 1 72 ? 5.639   -14.000 1.465   1.00 27.88  ? 360 LYS A C   1 
ATOM   565 O O   . LYS A 1 72 ? 4.887   -14.949 1.239   1.00 25.73  ? 360 LYS A O   1 
ATOM   566 C CB  . LYS A 1 72 ? 7.114   -14.736 3.357   1.00 22.21  ? 360 LYS A CB  1 
ATOM   567 C CG  . LYS A 1 72 ? 6.647   -13.711 4.374   1.00 41.76  ? 360 LYS A CG  1 
ATOM   568 C CD  . LYS A 1 72 ? 6.749   -14.255 5.789   1.00 69.54  ? 360 LYS A CD  1 
ATOM   569 C CE  . LYS A 1 72 ? 6.312   -13.218 6.810   1.00 68.71  ? 360 LYS A CE  1 
ATOM   570 N NZ  . LYS A 1 72 ? 7.121   -11.972 6.713   1.00 51.53  ? 360 LYS A NZ  1 
ATOM   571 N N   . ASP A 1 73 ? 5.257   -12.732 1.338   1.00 20.56  ? 361 ASP A N   1 
ATOM   572 C CA  . ASP A 1 73 ? 3.895   -12.381 0.940   1.00 21.24  ? 361 ASP A CA  1 
ATOM   573 C C   . ASP A 1 73 ? 3.829   -11.816 -0.477  1.00 24.66  ? 361 ASP A C   1 
ATOM   574 O O   . ASP A 1 73 ? 2.745   -11.509 -0.977  1.00 23.36  ? 361 ASP A O   1 
ATOM   575 C CB  . ASP A 1 73 ? 3.291   -11.371 1.920   1.00 21.15  ? 361 ASP A CB  1 
ATOM   576 C CG  . ASP A 1 73 ? 3.022   -11.970 3.285   1.00 24.77  ? 361 ASP A CG  1 
ATOM   577 O OD1 . ASP A 1 73 ? 2.770   -13.190 3.363   1.00 26.74  ? 361 ASP A OD1 1 
ATOM   578 O OD2 . ASP A 1 73 ? 3.057   -11.217 4.282   1.00 28.09  ? 361 ASP A OD2 1 
ATOM   579 N N   . SER A 1 74 ? 4.985   -11.680 -1.119  1.00 23.38  ? 362 SER A N   1 
ATOM   580 C CA  . SER A 1 74 ? 5.065   -11.042 -2.431  1.00 31.15  ? 362 SER A CA  1 
ATOM   581 C C   . SER A 1 74 ? 4.296   -11.793 -3.518  1.00 21.92  ? 362 SER A C   1 
ATOM   582 O O   . SER A 1 74 ? 3.621   -11.178 -4.344  1.00 30.67  ? 362 SER A O   1 
ATOM   583 C CB  . SER A 1 74 ? 6.524   -10.853 -2.854  1.00 24.20  ? 362 SER A CB  1 
ATOM   584 O OG  . SER A 1 74 ? 7.191   -12.099 -2.953  1.00 37.76  ? 362 SER A OG  1 
ATOM   585 N N   . GLN A 1 75 ? 4.402   -13.117 -3.517  1.00 26.05  ? 363 GLN A N   1 
ATOM   586 C CA  . GLN A 1 75 ? 3.751   -13.933 -4.538  1.00 25.79  ? 363 GLN A CA  1 
ATOM   587 C C   . GLN A 1 75 ? 2.228   -13.816 -4.472  1.00 22.09  ? 363 GLN A C   1 
ATOM   588 O O   . GLN A 1 75 ? 1.558   -13.718 -5.503  1.00 23.42  ? 363 GLN A O   1 
ATOM   589 C CB  . GLN A 1 75 ? 4.180   -15.398 -4.415  1.00 34.76  ? 363 GLN A CB  1 
ATOM   590 C CG  . GLN A 1 75 ? 3.623   -16.297 -5.506  1.00 38.05  ? 363 GLN A CG  1 
ATOM   591 C CD  . GLN A 1 75 ? 4.025   -15.842 -6.897  1.00 60.08  ? 363 GLN A CD  1 
ATOM   592 O OE1 . GLN A 1 75 ? 3.206   -15.825 -7.816  1.00 58.48  ? 363 GLN A OE1 1 
ATOM   593 N NE2 . GLN A 1 75 ? 5.291   -15.472 -7.060  1.00 55.82  ? 363 GLN A NE2 1 
ATOM   594 N N   . HIS A 1 76 ? 1.693   -13.821 -3.254  1.00 20.67  ? 364 HIS A N   1 
ATOM   595 C CA  . HIS A 1 76 ? 0.259   -13.646 -3.046  1.00 25.13  ? 364 HIS A CA  1 
ATOM   596 C C   . HIS A 1 76 ? -0.194  -12.292 -3.579  1.00 17.47  ? 364 HIS A C   1 
ATOM   597 O O   . HIS A 1 76 ? -1.257  -12.176 -4.186  1.00 24.20  ? 364 HIS A O   1 
ATOM   598 C CB  . HIS A 1 76 ? -0.089  -13.756 -1.559  1.00 30.35  ? 364 HIS A CB  1 
ATOM   599 C CG  . HIS A 1 76 ? -1.549  -13.593 -1.264  1.00 24.88  ? 364 HIS A CG  1 
ATOM   600 N ND1 . HIS A 1 76 ? -2.369  -14.654 -0.948  1.00 27.04  ? 364 HIS A ND1 1 
ATOM   601 C CD2 . HIS A 1 76 ? -2.338  -12.491 -1.243  1.00 20.53  ? 364 HIS A CD2 1 
ATOM   602 C CE1 . HIS A 1 76 ? -3.598  -14.214 -0.742  1.00 26.38  ? 364 HIS A CE1 1 
ATOM   603 N NE2 . HIS A 1 76 ? -3.606  -12.905 -0.917  1.00 28.01  ? 364 HIS A NE2 1 
ATOM   604 N N   . PHE A 1 77 ? 0.622   -11.269 -3.346  1.00 22.19  ? 365 PHE A N   1 
ATOM   605 C CA  . PHE A 1 77 ? 0.285   -9.918  -3.770  1.00 20.32  ? 365 PHE A CA  1 
ATOM   606 C C   . PHE A 1 77 ? 0.310   -9.787  -5.290  1.00 19.91  ? 365 PHE A C   1 
ATOM   607 O O   . PHE A 1 77 ? -0.579  -9.171  -5.879  1.00 20.11  ? 365 PHE A O   1 
ATOM   608 C CB  . PHE A 1 77 ? 1.227   -8.896  -3.127  1.00 19.00  ? 365 PHE A CB  1 
ATOM   609 C CG  . PHE A 1 77 ? 0.766   -7.476  -3.274  1.00 12.54  ? 365 PHE A CG  1 
ATOM   610 C CD1 . PHE A 1 77 ? -0.251  -6.980  -2.476  1.00 21.76  ? 365 PHE A CD1 1 
ATOM   611 C CD2 . PHE A 1 77 ? 1.348   -6.637  -4.208  1.00 16.25  ? 365 PHE A CD2 1 
ATOM   612 C CE1 . PHE A 1 77 ? -0.681  -5.672  -2.607  1.00 23.77  ? 365 PHE A CE1 1 
ATOM   613 C CE2 . PHE A 1 77 ? 0.923   -5.328  -4.342  1.00 14.52  ? 365 PHE A CE2 1 
ATOM   614 C CZ  . PHE A 1 77 ? -0.093  -4.846  -3.541  1.00 21.20  ? 365 PHE A CZ  1 
ATOM   615 N N   . GLU A 1 78 ? 1.328   -10.367 -5.921  1.00 25.62  ? 366 GLU A N   1 
ATOM   616 C CA  . GLU A 1 78 ? 1.418   -10.370 -7.378  1.00 26.75  ? 366 GLU A CA  1 
ATOM   617 C C   . GLU A 1 78 ? 0.238   -11.111 -7.995  1.00 22.70  ? 366 GLU A C   1 
ATOM   618 O O   . GLU A 1 78 ? -0.357  -10.645 -8.970  1.00 28.45  ? 366 GLU A O   1 
ATOM   619 C CB  . GLU A 1 78 ? 2.734   -10.998 -7.851  1.00 20.12  ? 366 GLU A CB  1 
ATOM   620 C CG  . GLU A 1 78 ? 3.970   -10.133 -7.628  1.00 37.10  ? 366 GLU A CG  1 
ATOM   621 C CD  . GLU A 1 78 ? 4.117   -9.011  -8.650  1.00 51.96  ? 366 GLU A CD  1 
ATOM   622 O OE1 . GLU A 1 78 ? 3.124   -8.657  -9.321  1.00 59.21  ? 366 GLU A OE1 1 
ATOM   623 O OE2 . GLU A 1 78 ? 5.241   -8.485  -8.787  1.00 55.34  ? 366 GLU A OE2 1 
ATOM   624 N N   . ASN A 1 79 ? -0.094  -12.264 -7.420  1.00 22.55  ? 367 ASN A N   1 
ATOM   625 C CA  . ASN A 1 79 ? -1.251  -13.030 -7.867  1.00 26.70  ? 367 ASN A CA  1 
ATOM   626 C C   . ASN A 1 79 ? -2.536  -12.225 -7.722  1.00 26.23  ? 367 ASN A C   1 
ATOM   627 O O   . ASN A 1 79 ? -3.418  -12.297 -8.569  1.00 26.74  ? 367 ASN A O   1 
ATOM   628 C CB  . ASN A 1 79 ? -1.363  -14.348 -7.099  1.00 29.37  ? 367 ASN A CB  1 
ATOM   629 C CG  . ASN A 1 79 ? -0.259  -15.324 -7.451  1.00 45.31  ? 367 ASN A CG  1 
ATOM   630 O OD1 . ASN A 1 79 ? 0.295   -15.283 -8.549  1.00 45.83  ? 367 ASN A OD1 1 
ATOM   631 N ND2 . ASN A 1 79 ? 0.064   -16.215 -6.519  1.00 47.31  ? 367 ASN A ND2 1 
ATOM   632 N N   . PHE A 1 80 ? -2.625  -11.458 -6.641  1.00 24.26  ? 368 PHE A N   1 
ATOM   633 C CA  . PHE A 1 80 ? -3.766  -10.583 -6.391  1.00 25.43  ? 368 PHE A CA  1 
ATOM   634 C C   . PHE A 1 80 ? -3.894  -9.504  -7.468  1.00 25.59  ? 368 PHE A C   1 
ATOM   635 O O   . PHE A 1 80 ? -4.963  -9.331  -8.065  1.00 25.79  ? 368 PHE A O   1 
ATOM   636 C CB  . PHE A 1 80 ? -3.633  -9.957  -4.999  1.00 25.69  ? 368 PHE A CB  1 
ATOM   637 C CG  . PHE A 1 80 ? -4.552  -8.795  -4.754  1.00 20.52  ? 368 PHE A CG  1 
ATOM   638 C CD1 . PHE A 1 80 ? -5.922  -8.979  -4.673  1.00 30.19  ? 368 PHE A CD1 1 
ATOM   639 C CD2 . PHE A 1 80 ? -4.038  -7.521  -4.571  1.00 20.42  ? 368 PHE A CD2 1 
ATOM   640 C CE1 . PHE A 1 80 ? -6.766  -7.910  -4.434  1.00 25.07  ? 368 PHE A CE1 1 
ATOM   641 C CE2 . PHE A 1 80 ? -4.876  -6.446  -4.331  1.00 22.65  ? 368 PHE A CE2 1 
ATOM   642 C CZ  . PHE A 1 80 ? -6.241  -6.640  -4.262  1.00 29.72  ? 368 PHE A CZ  1 
ATOM   643 N N   . LEU A 1 81 ? -2.795  -8.796  -7.719  1.00 20.10  ? 369 LEU A N   1 
ATOM   644 C CA  . LEU A 1 81 ? -2.756  -7.753  -8.742  1.00 19.33  ? 369 LEU A CA  1 
ATOM   645 C C   . LEU A 1 81 ? -3.114  -8.291  -10.124 1.00 30.92  ? 369 LEU A C   1 
ATOM   646 O O   . LEU A 1 81 ? -3.858  -7.656  -10.874 1.00 27.88  ? 369 LEU A O   1 
ATOM   647 C CB  . LEU A 1 81 ? -1.372  -7.103  -8.797  1.00 23.44  ? 369 LEU A CB  1 
ATOM   648 C CG  . LEU A 1 81 ? -0.888  -6.348  -7.557  1.00 25.06  ? 369 LEU A CG  1 
ATOM   649 C CD1 . LEU A 1 81 ? 0.464   -5.707  -7.828  1.00 18.73  ? 369 LEU A CD1 1 
ATOM   650 C CD2 . LEU A 1 81 ? -1.908  -5.306  -7.129  1.00 22.74  ? 369 LEU A CD2 1 
ATOM   651 N N   . GLU A 1 82 ? -2.573  -9.460  -10.458 1.00 29.44  ? 370 GLU A N   1 
ATOM   652 C CA  . GLU A 1 82 ? -2.848  -10.087 -11.746 1.00 34.09  ? 370 GLU A CA  1 
ATOM   653 C C   . GLU A 1 82 ? -4.311  -10.502 -11.844 1.00 33.58  ? 370 GLU A C   1 
ATOM   654 O O   . GLU A 1 82 ? -4.953  -10.320 -12.878 1.00 38.82  ? 370 GLU A O   1 
ATOM   655 C CB  . GLU A 1 82 ? -1.939  -11.300 -11.955 1.00 36.45  ? 370 GLU A CB  1 
ATOM   656 C CG  . GLU A 1 82 ? -2.312  -12.160 -13.155 1.00 60.29  ? 370 GLU A CG  1 
ATOM   657 C CD  . GLU A 1 82 ? -2.277  -11.391 -14.462 1.00 79.26  ? 370 GLU A CD  1 
ATOM   658 O OE1 . GLU A 1 82 ? -1.375  -10.543 -14.634 1.00 74.41  ? 370 GLU A OE1 1 
ATOM   659 O OE2 . GLU A 1 82 ? -3.156  -11.632 -15.317 1.00 65.88  ? 370 GLU A OE2 1 
ATOM   660 N N   . THR A 1 83 ? -4.829  -11.054 -10.752 1.00 33.59  ? 371 THR A N   1 
ATOM   661 C CA  . THR A 1 83 ? -6.196  -11.553 -10.698 1.00 42.47  ? 371 THR A CA  1 
ATOM   662 C C   . THR A 1 83 ? -7.233  -10.447 -10.862 1.00 34.32  ? 371 THR A C   1 
ATOM   663 O O   . THR A 1 83 ? -8.155  -10.570 -11.671 1.00 30.60  ? 371 THR A O   1 
ATOM   664 C CB  . THR A 1 83 ? -6.461  -12.307 -9.379  1.00 33.81  ? 371 THR A CB  1 
ATOM   665 O OG1 . THR A 1 83 ? -5.762  -13.558 -9.396  1.00 45.60  ? 371 THR A OG1 1 
ATOM   666 C CG2 . THR A 1 83 ? -7.941  -12.571 -9.199  1.00 55.14  ? 371 THR A CG2 1 
ATOM   667 N N   . ILE A 1 84 ? -7.085  -9.365  -10.104 1.00 26.10  ? 372 ILE A N   1 
ATOM   668 C CA  . ILE A 1 84 ? -8.069  -8.285  -10.165 1.00 24.38  ? 372 ILE A CA  1 
ATOM   669 C C   . ILE A 1 84 ? -7.877  -7.387  -11.388 1.00 37.08  ? 372 ILE A C   1 
ATOM   670 O O   . ILE A 1 84 ? -8.706  -6.521  -11.665 1.00 28.86  ? 372 ILE A O   1 
ATOM   671 C CB  . ILE A 1 84 ? -8.080  -7.435  -8.880  1.00 36.00  ? 372 ILE A CB  1 
ATOM   672 C CG1 . ILE A 1 84 ? -6.803  -6.605  -8.773  1.00 23.50  ? 372 ILE A CG1 1 
ATOM   673 C CG2 . ILE A 1 84 ? -8.261  -8.324  -7.657  1.00 23.91  ? 372 ILE A CG2 1 
ATOM   674 C CD1 . ILE A 1 84 ? -6.825  -5.609  -7.635  1.00 25.13  ? 372 ILE A CD1 1 
ATOM   675 N N   . GLY A 1 85 ? -6.782  -7.598  -12.112 1.00 24.53  ? 373 GLY A N   1 
ATOM   676 C CA  . GLY A 1 85 ? -6.556  -6.918  -13.375 1.00 30.38  ? 373 GLY A CA  1 
ATOM   677 C C   . GLY A 1 85 ? -6.018  -5.502  -13.280 1.00 27.98  ? 373 GLY A C   1 
ATOM   678 O O   . GLY A 1 85 ? -6.464  -4.617  -14.010 1.00 33.96  ? 373 GLY A O   1 
ATOM   679 N N   . VAL A 1 86 ? -5.053  -5.283  -12.392 1.00 25.89  ? 374 VAL A N   1 
ATOM   680 C CA  . VAL A 1 86 ? -4.422  -3.973  -12.262 1.00 25.47  ? 374 VAL A CA  1 
ATOM   681 C C   . VAL A 1 86 ? -3.636  -3.631  -13.526 1.00 27.94  ? 374 VAL A C   1 
ATOM   682 O O   . VAL A 1 86 ? -3.550  -2.470  -13.928 1.00 31.14  ? 374 VAL A O   1 
ATOM   683 C CB  . VAL A 1 86 ? -3.480  -3.914  -11.040 1.00 23.66  ? 374 VAL A CB  1 
ATOM   684 C CG1 . VAL A 1 86 ? -2.875  -2.528  -10.892 1.00 24.90  ? 374 VAL A CG1 1 
ATOM   685 C CG2 . VAL A 1 86 ? -4.230  -4.292  -9.782  1.00 33.83  ? 374 VAL A CG2 1 
ATOM   686 N N   . LYS A 1 87 ? -3.075  -4.655  -14.160 1.00 24.73  ? 375 LYS A N   1 
ATOM   687 C CA  . LYS A 1 87 ? -2.251  -4.461  -15.346 1.00 37.26  ? 375 LYS A CA  1 
ATOM   688 C C   . LYS A 1 87 ? -3.077  -4.521  -16.629 1.00 27.99  ? 375 LYS A C   1 
ATOM   689 O O   . LYS A 1 87 ? -2.539  -4.411  -17.731 1.00 40.26  ? 375 LYS A O   1 
ATOM   690 C CB  . LYS A 1 87 ? -1.120  -5.491  -15.371 1.00 37.60  ? 375 LYS A CB  1 
ATOM   691 C CG  . LYS A 1 87 ? -0.291  -5.485  -14.092 1.00 39.92  ? 375 LYS A CG  1 
ATOM   692 C CD  . LYS A 1 87 ? 0.638   -6.683  -13.995 1.00 54.46  ? 375 LYS A CD  1 
ATOM   693 C CE  . LYS A 1 87 ? 1.364   -6.690  -12.656 1.00 52.71  ? 375 LYS A CE  1 
ATOM   694 N NZ  . LYS A 1 87 ? 2.322   -7.823  -12.529 1.00 52.94  ? 375 LYS A NZ  1 
ATOM   695 N N   . ASP A 1 88 ? -4.387  -4.684  -16.477 1.00 41.44  ? 376 ASP A N   1 
ATOM   696 C CA  . ASP A 1 88 ? -5.296  -4.721  -17.617 1.00 34.07  ? 376 ASP A CA  1 
ATOM   697 C C   . ASP A 1 88 ? -6.054  -3.406  -17.755 1.00 32.93  ? 376 ASP A C   1 
ATOM   698 O O   . ASP A 1 88 ? -6.985  -3.132  -16.996 1.00 40.78  ? 376 ASP A O   1 
ATOM   699 C CB  . ASP A 1 88 ? -6.283  -5.883  -17.481 1.00 37.09  ? 376 ASP A CB  1 
ATOM   700 C CG  . ASP A 1 88 ? -5.594  -7.235  -17.484 1.00 53.16  ? 376 ASP A CG  1 
ATOM   701 O OD1 . ASP A 1 88 ? -4.531  -7.360  -18.127 1.00 68.23  ? 376 ASP A OD1 1 
ATOM   702 O OD2 . ASP A 1 88 ? -6.116  -8.172  -16.842 1.00 63.42  ? 376 ASP A OD2 1 
ATOM   703 N N   . LEU A 1 89 ? -5.654  -2.595  -18.727 1.00 28.08  ? 377 LEU A N   1 
ATOM   704 C CA  . LEU A 1 89 ? -6.271  -1.289  -18.925 1.00 32.85  ? 377 LEU A CA  1 
ATOM   705 C C   . LEU A 1 89 ? -7.652  -1.410  -19.567 1.00 42.49  ? 377 LEU A C   1 
ATOM   706 O O   . LEU A 1 89 ? -8.571  -0.668  -19.219 1.00 63.92  ? 377 LEU A O   1 
ATOM   707 C CB  . LEU A 1 89 ? -5.352  -0.378  -19.742 1.00 27.37  ? 377 LEU A CB  1 
ATOM   708 C CG  . LEU A 1 89 ? -4.010  -0.103  -19.059 1.00 27.44  ? 377 LEU A CG  1 
ATOM   709 C CD1 . LEU A 1 89 ? -3.190  0.914   -19.832 1.00 27.52  ? 377 LEU A CD1 1 
ATOM   710 C CD2 . LEU A 1 89 ? -4.229  0.357   -17.623 1.00 23.12  ? 377 LEU A CD2 1 
ATOM   711 N N   . GLU A 1 90 ? -7.787  -2.352  -20.496 1.00 52.95  ? 378 GLU A N   1 
ATOM   712 C CA  . GLU A 1 90 ? -9.081  -2.688  -21.089 1.00 59.84  ? 378 GLU A CA  1 
ATOM   713 C C   . GLU A 1 90 ? -9.034  -4.042  -21.787 1.00 72.23  ? 378 GLU A C   1 
ATOM   714 O O   . GLU A 1 90 ? -9.946  -4.396  -22.535 1.00 71.17  ? 378 GLU A O   1 
ATOM   715 C CB  . GLU A 1 90 ? -9.544  -1.609  -22.071 1.00 58.18  ? 378 GLU A CB  1 
ATOM   716 C CG  . GLU A 1 90 ? -10.685 -0.749  -21.546 1.00 55.93  ? 378 GLU A CG  1 
ATOM   717 C CD  . GLU A 1 90 ? -11.808 -1.574  -20.946 1.00 61.24  ? 378 GLU A CD  1 
ATOM   718 O OE1 . GLU A 1 90 ? -11.853 -1.707  -19.705 1.00 68.68  ? 378 GLU A OE1 1 
ATOM   719 O OE2 . GLU A 1 90 ? -12.646 -2.089  -21.714 1.00 96.75  ? 378 GLU A OE2 1 
ATOM   720 N N   . ASP B 2 2  ? -4.736  14.958  12.350  1.00 65.52  ? 2   ASP B N   1 
ATOM   721 C CA  . ASP B 2 2  ? -4.722  13.502  12.433  1.00 57.56  ? 2   ASP B CA  1 
ATOM   722 C C   . ASP B 2 2  ? -4.343  12.881  11.093  1.00 53.72  ? 2   ASP B C   1 
ATOM   723 O O   . ASP B 2 2  ? -3.790  11.782  11.043  1.00 45.02  ? 2   ASP B O   1 
ATOM   724 C CB  . ASP B 2 2  ? -6.085  12.978  12.888  1.00 48.24  ? 2   ASP B CB  1 
ATOM   725 C CG  . ASP B 2 2  ? -6.077  11.484  13.149  1.00 46.91  ? 2   ASP B CG  1 
ATOM   726 O OD1 . ASP B 2 2  ? -5.076  10.980  13.699  1.00 49.09  ? 2   ASP B OD1 1 
ATOM   727 O OD2 . ASP B 2 2  ? -7.071  10.814  12.801  1.00 60.26  ? 2   ASP B OD2 1 
ATOM   728 N N   . GLU B 2 3  ? -4.647  13.589  10.009  1.00 38.25  ? 3   GLU B N   1 
ATOM   729 C CA  . GLU B 2 3  ? -4.304  13.126  8.669   1.00 55.91  ? 3   GLU B CA  1 
ATOM   730 C C   . GLU B 2 3  ? -2.792  13.023  8.499   1.00 44.07  ? 3   GLU B C   1 
ATOM   731 O O   . GLU B 2 3  ? -2.286  12.061  7.918   1.00 35.03  ? 3   GLU B O   1 
ATOM   732 C CB  . GLU B 2 3  ? -4.899  14.055  7.605   1.00 37.96  ? 3   GLU B CB  1 
ATOM   733 C CG  . GLU B 2 3  ? -4.459  13.730  6.186   1.00 43.63  ? 3   GLU B CG  1 
ATOM   734 C CD  . GLU B 2 3  ? -5.151  14.587  5.142   1.00 41.06  ? 3   GLU B CD  1 
ATOM   735 O OE1 . GLU B 2 3  ? -6.374  14.807  5.263   1.00 41.64  ? 3   GLU B OE1 1 
ATOM   736 O OE2 . GLU B 2 3  ? -4.470  15.041  4.200   1.00 60.15  ? 3   GLU B OE2 1 
ATOM   737 N N   . GLN B 2 4  ? -2.076  14.018  9.014   1.00 50.21  ? 4   GLN B N   1 
ATOM   738 C CA  . GLN B 2 4  ? -0.617  14.019  8.981   1.00 43.79  ? 4   GLN B CA  1 
ATOM   739 C C   . GLN B 2 4  ? -0.066  12.849  9.791   1.00 38.72  ? 4   GLN B C   1 
ATOM   740 O O   . GLN B 2 4  ? 0.910   12.210  9.395   1.00 35.79  ? 4   GLN B O   1 
ATOM   741 C CB  . GLN B 2 4  ? -0.071  15.341  9.524   1.00 51.80  ? 4   GLN B CB  1 
ATOM   742 C CG  . GLN B 2 4  ? 1.448   15.421  9.555   1.00 45.61  ? 4   GLN B CG  1 
ATOM   743 C CD  . GLN B 2 4  ? 2.065   15.369  8.170   1.00 66.29  ? 4   GLN B CD  1 
ATOM   744 O OE1 . GLN B 2 4  ? 1.493   15.876  7.203   1.00 68.86  ? 4   GLN B OE1 1 
ATOM   745 N NE2 . GLN B 2 4  ? 3.235   14.750  8.066   1.00 64.50  ? 4   GLN B NE2 1 
ATOM   746 N N   . GLU B 2 5  ? -0.702  12.580  10.926  1.00 35.05  ? 5   GLU B N   1 
ATOM   747 C CA  . GLU B 2 5  ? -0.326  11.457  11.775  1.00 41.78  ? 5   GLU B CA  1 
ATOM   748 C C   . GLU B 2 5  ? -0.570  10.135  11.054  1.00 39.85  ? 5   GLU B C   1 
ATOM   749 O O   . GLU B 2 5  ? 0.206   9.190   11.191  1.00 29.56  ? 5   GLU B O   1 
ATOM   750 C CB  . GLU B 2 5  ? -1.111  11.496  13.088  1.00 42.57  ? 5   GLU B CB  1 
ATOM   751 C CG  . GLU B 2 5  ? -0.818  12.715  13.951  1.00 60.51  ? 5   GLU B CG  1 
ATOM   752 C CD  . GLU B 2 5  ? -1.704  12.788  15.180  1.00 52.85  ? 5   GLU B CD  1 
ATOM   753 O OE1 . GLU B 2 5  ? -2.840  12.272  15.129  1.00 60.64  ? 5   GLU B OE1 1 
ATOM   754 O OE2 . GLU B 2 5  ? -1.264  13.362  16.199  1.00 64.85  ? 5   GLU B OE2 1 
ATOM   755 N N   . ALA B 2 6  ? -1.654  10.077  10.286  1.00 34.72  ? 6   ALA B N   1 
ATOM   756 C CA  . ALA B 2 6  ? -1.974  8.895   9.496   1.00 35.73  ? 6   ALA B CA  1 
ATOM   757 C C   . ALA B 2 6  ? -0.926  8.680   8.409   1.00 27.31  ? 6   ALA B C   1 
ATOM   758 O O   . ALA B 2 6  ? -0.514  7.551   8.148   1.00 33.17  ? 6   ALA B O   1 
ATOM   759 C CB  . ALA B 2 6  ? -3.359  9.021   8.885   1.00 32.35  ? 6   ALA B CB  1 
ATOM   760 N N   . LEU B 2 7  ? -0.494  9.772   7.786   1.00 29.35  ? 7   LEU B N   1 
ATOM   761 C CA  . LEU B 2 7  ? 0.547   9.711   6.766   1.00 33.74  ? 7   LEU B CA  1 
ATOM   762 C C   . LEU B 2 7  ? 1.870   9.221   7.356   1.00 36.28  ? 7   LEU B C   1 
ATOM   763 O O   . LEU B 2 7  ? 2.535   8.352   6.783   1.00 35.32  ? 7   LEU B O   1 
ATOM   764 C CB  . LEU B 2 7  ? 0.726   11.078  6.099   1.00 25.68  ? 7   LEU B CB  1 
ATOM   765 C CG  . LEU B 2 7  ? -0.461  11.567  5.264   1.00 24.72  ? 7   LEU B CG  1 
ATOM   766 C CD1 . LEU B 2 7  ? -0.261  13.010  4.826   1.00 35.27  ? 7   LEU B CD1 1 
ATOM   767 C CD2 . LEU B 2 7  ? -0.674  10.666  4.057   1.00 28.42  ? 7   LEU B CD2 1 
ATOM   768 N N   . ASN B 2 8  ? 2.240   9.778   8.507   1.00 35.08  ? 8   ASN B N   1 
ATOM   769 C CA  . ASN B 2 8  ? 3.440   9.344   9.215   1.00 26.51  ? 8   ASN B CA  1 
ATOM   770 C C   . ASN B 2 8  ? 3.367   7.866   9.587   1.00 19.55  ? 8   ASN B C   1 
ATOM   771 O O   . ASN B 2 8  ? 4.358   7.142   9.495   1.00 27.44  ? 8   ASN B O   1 
ATOM   772 C CB  . ASN B 2 8  ? 3.663   10.192  10.470  1.00 42.54  ? 8   ASN B CB  1 
ATOM   773 C CG  . ASN B 2 8  ? 3.987   11.640  10.148  1.00 73.47  ? 8   ASN B CG  1 
ATOM   774 O OD1 . ASN B 2 8  ? 4.575   11.939  9.108   1.00 58.91  ? 8   ASN B OD1 1 
ATOM   775 N ND2 . ASN B 2 8  ? 3.605   12.546  11.042  1.00 60.37  ? 8   ASN B ND2 1 
ATOM   776 N N   . SER B 2 9  ? 2.182   7.430   10.002  1.00 26.34  ? 9   SER B N   1 
ATOM   777 C CA  . SER B 2 9  ? 1.943   6.029   10.326  1.00 24.00  ? 9   SER B CA  1 
ATOM   778 C C   . SER B 2 9  ? 2.150   5.151   9.096   1.00 21.97  ? 9   SER B C   1 
ATOM   779 O O   . SER B 2 9  ? 2.773   4.093   9.177   1.00 23.12  ? 9   SER B O   1 
ATOM   780 C CB  . SER B 2 9  ? 0.526   5.840   10.871  1.00 22.34  ? 9   SER B CB  1 
ATOM   781 O OG  . SER B 2 9  ? 0.265   4.477   11.159  1.00 27.09  ? 9   SER B OG  1 
ATOM   782 N N   . ILE B 2 10 ? 1.624   5.600   7.961   1.00 31.69  ? 10  ILE B N   1 
ATOM   783 C CA  . ILE B 2 10 ? 1.775   4.881   6.701   1.00 22.61  ? 10  ILE B CA  1 
ATOM   784 C C   . ILE B 2 10 ? 3.243   4.734   6.311   1.00 29.53  ? 10  ILE B C   1 
ATOM   785 O O   . ILE B 2 10 ? 3.698   3.635   5.997   1.00 22.54  ? 10  ILE B O   1 
ATOM   786 C CB  . ILE B 2 10 ? 1.000   5.569   5.558   1.00 22.05  ? 10  ILE B CB  1 
ATOM   787 C CG1 . ILE B 2 10 ? -0.506  5.406   5.766   1.00 21.56  ? 10  ILE B CG1 1 
ATOM   788 C CG2 . ILE B 2 10 ? 1.407   4.992   4.210   1.00 18.97  ? 10  ILE B CG2 1 
ATOM   789 C CD1 . ILE B 2 10 ? -1.348  6.259   4.842   1.00 19.49  ? 10  ILE B CD1 1 
ATOM   790 N N   . MET B 2 11 ? 3.983   5.839   6.341   1.00 23.92  ? 11  MET B N   1 
ATOM   791 C CA  . MET B 2 11 ? 5.404   5.800   6.000   1.00 27.30  ? 11  MET B CA  1 
ATOM   792 C C   . MET B 2 11 ? 6.186   4.884   6.943   1.00 24.52  ? 11  MET B C   1 
ATOM   793 O O   . MET B 2 11 ? 6.985   4.045   6.498   1.00 31.22  ? 11  MET B O   1 
ATOM   794 C CB  . MET B 2 11 ? 5.999   7.211   6.005   1.00 32.10  ? 11  MET B CB  1 
ATOM   795 C CG  . MET B 2 11 ? 7.501   7.254   5.779   1.00 51.88  ? 11  MET B CG  1 
ATOM   796 S SD  . MET B 2 11 ? 7.987   8.539   4.611   1.00 86.41  ? 11  MET B SD  1 
ATOM   797 C CE  . MET B 2 11 ? 9.746   8.643   4.927   1.00 55.54  ? 11  MET B CE  1 
ATOM   798 N N   . ASN B 2 12 ? 5.940   5.040   8.241   1.00 24.39  ? 12  ASN B N   1 
ATOM   799 C CA  . ASN B 2 12 ? 6.577   4.203   9.253   1.00 29.01  ? 12  ASN B CA  1 
ATOM   800 C C   . ASN B 2 12 ? 6.306   2.716   9.043   1.00 20.11  ? 12  ASN B C   1 
ATOM   801 O O   . ASN B 2 12 ? 7.212   1.893   9.161   1.00 30.63  ? 12  ASN B O   1 
ATOM   802 C CB  . ASN B 2 12 ? 6.134   4.617   10.659  1.00 28.40  ? 12  ASN B CB  1 
ATOM   803 C CG  . ASN B 2 12 ? 6.744   5.934   11.098  1.00 41.51  ? 12  ASN B CG  1 
ATOM   804 O OD1 . ASN B 2 12 ? 7.837   6.300   10.665  1.00 50.52  ? 12  ASN B OD1 1 
ATOM   805 N ND2 . ASN B 2 12 ? 6.040   6.651   11.965  1.00 41.44  ? 12  ASN B ND2 1 
ATOM   806 N N   . ASP B 2 13 ? 5.059   2.378   8.731   1.00 22.34  ? 13  ASP B N   1 
ATOM   807 C CA  . ASP B 2 13 ? 4.686   0.985   8.503   1.00 20.59  ? 13  ASP B CA  1 
ATOM   808 C C   . ASP B 2 13 ? 5.307   0.438   7.221   1.00 23.43  ? 13  ASP B C   1 
ATOM   809 O O   . ASP B 2 13 ? 5.726   -0.719  7.176   1.00 28.30  ? 13  ASP B O   1 
ATOM   810 C CB  . ASP B 2 13 ? 3.165   0.825   8.472   1.00 24.07  ? 13  ASP B CB  1 
ATOM   811 C CG  . ASP B 2 13 ? 2.534   0.996   9.841   1.00 24.00  ? 13  ASP B CG  1 
ATOM   812 O OD1 . ASP B 2 13 ? 3.261   0.886   10.849  1.00 29.08  ? 13  ASP B OD1 1 
ATOM   813 O OD2 . ASP B 2 13 ? 1.310   1.231   9.909   1.00 27.06  ? 13  ASP B OD2 1 
ATOM   814 N N   . LEU B 2 14 ? 5.369   1.272   6.187   1.00 26.63  ? 14  LEU B N   1 
ATOM   815 C CA  . LEU B 2 14 ? 5.991   0.876   4.928   1.00 21.73  ? 14  LEU B CA  1 
ATOM   816 C C   . LEU B 2 14 ? 7.465   0.557   5.135   1.00 27.47  ? 14  LEU B C   1 
ATOM   817 O O   . LEU B 2 14 ? 7.979   -0.417  4.584   1.00 23.61  ? 14  LEU B O   1 
ATOM   818 C CB  . LEU B 2 14 ? 5.824   1.963   3.863   1.00 22.14  ? 14  LEU B CB  1 
ATOM   819 C CG  . LEU B 2 14 ? 4.427   2.127   3.262   1.00 17.21  ? 14  LEU B CG  1 
ATOM   820 C CD1 . LEU B 2 14 ? 4.432   3.196   2.183   1.00 18.33  ? 14  LEU B CD1 1 
ATOM   821 C CD2 . LEU B 2 14 ? 3.921   0.804   2.709   1.00 20.93  ? 14  LEU B CD2 1 
ATOM   822 N N   . VAL B 2 15 ? 8.142   1.376   5.936   1.00 26.37  ? 15  VAL B N   1 
ATOM   823 C CA  . VAL B 2 15 ? 9.534   1.098   6.278   1.00 27.35  ? 15  VAL B CA  1 
ATOM   824 C C   . VAL B 2 15 ? 9.646   -0.177  7.115   1.00 21.20  ? 15  VAL B C   1 
ATOM   825 O O   . VAL B 2 15 ? 10.502  -1.025  6.863   1.00 27.88  ? 15  VAL B O   1 
ATOM   826 C CB  . VAL B 2 15 ? 10.176  2.266   7.050   1.00 28.15  ? 15  VAL B CB  1 
ATOM   827 C CG1 . VAL B 2 15 ? 11.604  1.922   7.450   1.00 39.21  ? 15  VAL B CG1 1 
ATOM   828 C CG2 . VAL B 2 15 ? 10.148  3.531   6.212   1.00 25.65  ? 15  VAL B CG2 1 
ATOM   829 N N   . ALA B 2 16 ? 8.762   -0.306  8.099   1.00 26.44  ? 16  ALA B N   1 
ATOM   830 C CA  . ALA B 2 16 ? 8.785   -1.429  9.032   1.00 32.41  ? 16  ALA B CA  1 
ATOM   831 C C   . ALA B 2 16 ? 8.557   -2.780  8.356   1.00 42.69  ? 16  ALA B C   1 
ATOM   832 O O   . ALA B 2 16 ? 9.085   -3.796  8.808   1.00 36.34  ? 16  ALA B O   1 
ATOM   833 C CB  . ALA B 2 16 ? 7.765   -1.214  10.135  1.00 29.73  ? 16  ALA B CB  1 
ATOM   834 N N   . LEU B 2 17 ? 7.770   -2.789  7.284   1.00 31.22  ? 17  LEU B N   1 
ATOM   835 C CA  . LEU B 2 17 ? 7.526   -4.017  6.530   1.00 28.40  ? 17  LEU B CA  1 
ATOM   836 C C   . LEU B 2 17 ? 8.814   -4.561  5.915   1.00 32.90  ? 17  LEU B C   1 
ATOM   837 O O   . LEU B 2 17 ? 8.937   -5.760  5.668   1.00 35.19  ? 17  LEU B O   1 
ATOM   838 C CB  . LEU B 2 17 ? 6.480   -3.787  5.436   1.00 24.19  ? 17  LEU B CB  1 
ATOM   839 C CG  . LEU B 2 17 ? 5.027   -3.610  5.881   1.00 34.01  ? 17  LEU B CG  1 
ATOM   840 C CD1 . LEU B 2 17 ? 4.125   -3.355  4.682   1.00 25.91  ? 17  LEU B CD1 1 
ATOM   841 C CD2 . LEU B 2 17 ? 4.555   -4.828  6.658   1.00 35.09  ? 17  LEU B CD2 1 
ATOM   842 N N   . GLN B 2 18 ? 9.771   -3.671  5.674   1.00 27.50  ? 18  GLN B N   1 
ATOM   843 C CA  . GLN B 2 18 ? 11.059  -4.057  5.111   1.00 35.36  ? 18  GLN B CA  1 
ATOM   844 C C   . GLN B 2 18 ? 12.062  -4.423  6.201   1.00 43.21  ? 18  GLN B C   1 
ATOM   845 O O   . GLN B 2 18 ? 13.041  -5.124  5.945   1.00 53.63  ? 18  GLN B O   1 
ATOM   846 C CB  . GLN B 2 18 ? 11.619  -2.933  4.236   1.00 36.27  ? 18  GLN B CB  1 
ATOM   847 C CG  . GLN B 2 18 ? 10.861  -2.731  2.938   1.00 35.41  ? 18  GLN B CG  1 
ATOM   848 C CD  . GLN B 2 18 ? 10.982  -3.923  2.008   1.00 41.37  ? 18  GLN B CD  1 
ATOM   849 O OE1 . GLN B 2 18 ? 12.087  -4.361  1.682   1.00 49.81  ? 18  GLN B OE1 1 
ATOM   850 N NE2 . GLN B 2 18 ? 9.845   -4.461  1.585   1.00 51.35  ? 18  GLN B NE2 1 
ATOM   851 N N   . MET B 2 19 ? 11.811  -3.945  7.415   1.00 50.18  ? 19  MET B N   1 
ATOM   852 C CA  . MET B 2 19 ? 12.699  -4.210  8.542   1.00 62.87  ? 19  MET B CA  1 
ATOM   853 C C   . MET B 2 19 ? 12.136  -5.302  9.450   1.00 58.25  ? 19  MET B C   1 
ATOM   854 O O   . MET B 2 19 ? 11.760  -6.378  8.985   1.00 65.93  ? 19  MET B O   1 
ATOM   855 C CB  . MET B 2 19 ? 12.935  -2.931  9.349   1.00 60.52  ? 19  MET B CB  1 
ATOM   856 C CG  . MET B 2 19 ? 13.488  -1.771  8.533   1.00 59.00  ? 19  MET B CG  1 
ATOM   857 S SD  . MET B 2 19 ? 15.083  -2.137  7.776   1.00 81.27  ? 19  MET B SD  1 
ATOM   858 C CE  . MET B 2 19 ? 15.419  -0.593  6.934   1.00 63.43  ? 19  MET B CE  1 
HETATM 859 O O   . HOH C 3 .  ? 8.647   -7.174  -2.391  1.00 39.83  ? 401 HOH A O   1 
HETATM 860 O O   . HOH C 3 .  ? 16.945  -0.702  -3.797  1.00 37.89  ? 402 HOH A O   1 
HETATM 861 O O   . HOH C 3 .  ? 10.824  -5.906  -1.774  1.00 23.80  ? 403 HOH A O   1 
HETATM 862 O O   . HOH C 3 .  ? -16.258 -7.164  3.741   1.00 37.18  ? 404 HOH A O   1 
HETATM 863 O O   . HOH C 3 .  ? -10.816 -7.529  -12.779 1.00 41.01  ? 405 HOH A O   1 
HETATM 864 O O   . HOH C 3 .  ? -7.251  -2.203  -10.919 1.00 28.57  ? 406 HOH A O   1 
HETATM 865 O O   . HOH C 3 .  ? -8.944  -7.886  8.301   1.00 30.65  ? 407 HOH A O   1 
HETATM 866 O O   . HOH C 3 .  ? -6.574  -12.286 -1.143  1.00 27.67  ? 408 HOH A O   1 
HETATM 867 O O   . HOH C 3 .  ? 13.201  4.998   -6.996  1.00 16.80  ? 409 HOH A O   1 
HETATM 868 O O   . HOH C 3 .  ? -3.814  4.918   -10.838 1.00 16.98  ? 410 HOH A O   1 
HETATM 869 O O   . HOH C 3 .  ? -11.076 -7.796  5.364   1.00 39.27  ? 411 HOH A O   1 
HETATM 870 O O   . HOH C 3 .  ? -3.417  -13.931 -4.311  1.00 29.10  ? 412 HOH A O   1 
HETATM 871 O O   . HOH C 3 .  ? 4.091   -3.155  -9.417  1.00 33.11  ? 413 HOH A O   1 
HETATM 872 O O   . HOH C 3 .  ? -8.975  -3.391  -14.180 1.00 39.27  ? 414 HOH A O   1 
HETATM 873 O O   . HOH C 3 .  ? -13.370 9.271   -0.231  1.00 39.37  ? 415 HOH A O   1 
HETATM 874 O O   . HOH C 3 .  ? 6.924   12.904  -0.181  1.00 23.54  ? 416 HOH A O   1 
HETATM 875 O O   . HOH C 3 .  ? -6.588  -6.806  8.499   1.00 27.36  ? 417 HOH A O   1 
HETATM 876 O O   . HOH C 3 .  ? -6.847  15.195  -3.358  1.00 30.90  ? 418 HOH A O   1 
HETATM 877 O O   . HOH C 3 .  ? 12.567  9.305   3.285   1.00 31.77  ? 419 HOH A O   1 
HETATM 878 O O   . HOH C 3 .  ? -11.229 10.671  -3.226  1.00 35.68  ? 420 HOH A O   1 
HETATM 879 O O   . HOH C 3 .  ? 9.844   -9.493  -3.648  1.00 48.01  ? 421 HOH A O   1 
HETATM 880 O O   . HOH C 3 .  ? 19.567  2.238   -5.027  1.00 38.17  ? 422 HOH A O   1 
HETATM 881 O O   . HOH C 3 .  ? -8.926  13.343  -2.794  1.00 39.09  ? 423 HOH A O   1 
HETATM 882 O O   . HOH C 3 .  ? 21.788  3.213   -1.812  1.00 40.93  ? 424 HOH A O   1 
HETATM 883 O O   . HOH C 3 .  ? 4.155   -5.693  -9.615  1.00 32.49  ? 425 HOH A O   1 
HETATM 884 O O   . HOH C 3 .  ? 2.716   11.619  -8.122  0.50 26.78  ? 426 HOH A O   1 
HETATM 885 O O   . HOH C 3 .  ? -11.731 6.434   -7.192  1.00 43.56  ? 427 HOH A O   1 
HETATM 886 O O   . HOH C 3 .  ? -1.753  -9.790  14.148  1.00 39.87  ? 428 HOH A O   1 
HETATM 887 O O   . HOH C 3 .  ? -13.912 -7.215  5.336   1.00 37.68  ? 429 HOH A O   1 
HETATM 888 O O   . HOH C 3 .  ? -14.136 -4.100  -6.839  1.00 36.76  ? 430 HOH A O   1 
HETATM 889 O O   . HOH C 3 .  ? -2.541  -15.039 3.853   1.00 23.41  ? 431 HOH A O   1 
HETATM 890 O O   . HOH C 3 .  ? 3.287   18.529  -5.585  1.00 43.10  ? 432 HOH A O   1 
HETATM 891 O O   . HOH C 3 .  ? -7.312  -1.147  -8.722  1.00 26.97  ? 433 HOH A O   1 
HETATM 892 O O   . HOH C 3 .  ? -5.171  -5.107  6.253   1.00 22.77  ? 434 HOH A O   1 
HETATM 893 O O   . HOH C 3 .  ? -2.370  2.768   -1.048  1.00 29.31  ? 435 HOH A O   1 
HETATM 894 O O   . HOH C 3 .  ? -10.966 -1.489  3.206   1.00 26.42  ? 436 HOH A O   1 
HETATM 895 O O   . HOH C 3 .  ? 6.125   -14.917 -1.829  1.00 28.60  ? 437 HOH A O   1 
HETATM 896 O O   . HOH C 3 .  ? -9.253  -4.070  -11.453 1.00 32.95  ? 438 HOH A O   1 
HETATM 897 O O   . HOH C 3 .  ? -3.387  -7.426  -14.032 1.00 40.32  ? 439 HOH A O   1 
HETATM 898 O O   . HOH C 3 .  ? 4.084   -10.818 6.523   1.00 39.37  ? 440 HOH A O   1 
HETATM 899 O O   . HOH C 3 .  ? 3.058   -15.116 -0.935  1.00 29.35  ? 441 HOH A O   1 
HETATM 900 O O   . HOH C 3 .  ? 0.697   -12.747 5.792   1.00 29.21  ? 442 HOH A O   1 
HETATM 901 O O   . HOH C 3 .  ? -6.564  5.684   10.492  1.00 30.10  ? 443 HOH A O   1 
HETATM 902 O O   . HOH C 3 .  ? -13.786 0.947   -8.757  1.00 29.02  ? 444 HOH A O   1 
HETATM 903 O O   . HOH C 3 .  ? 11.722  -8.910  2.364   1.00 41.91  ? 445 HOH A O   1 
HETATM 904 O O   . HOH C 3 .  ? -5.057  -0.136  12.529  1.00 33.61  ? 446 HOH A O   1 
HETATM 905 O O   . HOH C 3 .  ? 1.229   -10.738 8.058   1.00 40.57  ? 447 HOH A O   1 
HETATM 906 O O   . HOH C 3 .  ? -13.681 2.881   -7.233  1.00 45.93  ? 448 HOH A O   1 
HETATM 907 O O   . HOH C 3 .  ? -2.951  -7.075  13.274  1.00 32.70  ? 449 HOH A O   1 
HETATM 908 O O   . HOH C 3 .  ? 1.692   -15.759 1.291   1.00 41.93  ? 450 HOH A O   1 
HETATM 909 O O   . HOH C 3 .  ? -5.211  14.549  0.410   1.00 37.52  ? 451 HOH A O   1 
HETATM 910 O O   . HOH C 3 .  ? -6.463  3.792   12.682  1.00 44.21  ? 452 HOH A O   1 
HETATM 911 O O   . HOH C 3 .  ? 2.104   -12.602 9.722   1.00 46.08  ? 453 HOH A O   1 
HETATM 912 O O   . HOH C 3 .  ? -9.877  -4.299  9.139   1.00 37.34  ? 454 HOH A O   1 
HETATM 913 O O   . HOH C 3 .  ? 9.396   -11.942 4.240   1.00 40.58  ? 455 HOH A O   1 
HETATM 914 O O   . HOH C 3 .  ? -1.528  -16.099 1.230   1.00 38.77  ? 456 HOH A O   1 
HETATM 915 O O   . HOH C 3 .  ? -15.053 0.480   -4.686  1.00 46.22  ? 457 HOH A O   1 
HETATM 916 O O   . HOH C 3 .  ? 4.181   -7.953  8.768   1.00 39.22  ? 458 HOH A O   1 
HETATM 917 O O   . HOH C 3 .  ? -5.215  -0.101  17.398  1.00 61.51  ? 459 HOH A O   1 
HETATM 918 O O   . HOH D 3 .  ? 10.337  -6.613  0.522   1.00 32.65  ? 101 HOH B O   1 
HETATM 919 O O   . HOH D 3 .  ? 12.821  -5.226  -0.664  1.00 34.20  ? 102 HOH B O   1 
HETATM 920 O O   . HOH D 3 .  ? 9.784   8.196   11.273  1.00 43.75  ? 103 HOH B O   1 
HETATM 921 O O   . HOH D 3 .  ? 16.655  -3.711  4.875   1.00 53.04  ? 104 HOH B O   1 
HETATM 922 O O   . HOH D 3 .  ? -0.246  2.986   8.951   1.00 21.90  ? 105 HOH B O   1 
HETATM 923 O O   . HOH D 3 .  ? 2.548   3.110   12.491  1.00 34.08  ? 106 HOH B O   1 
HETATM 924 O O   . HOH D 3 .  ? 10.482  5.011   10.177  1.00 37.78  ? 107 HOH B O   1 
HETATM 925 O O   . HOH D 3 .  ? 11.476  0.124   11.508  1.00 44.98  ? 108 HOH B O   1 
HETATM 926 O O   . HOH D 3 .  ? 1.322   8.261   13.554  1.00 41.07  ? 109 HOH B O   1 
HETATM 927 O O   . HOH D 3 .  ? -2.666  7.340   12.807  1.00 36.16  ? 110 HOH B O   1 
HETATM 928 O O   . HOH D 3 .  ? 9.438   2.112   10.838  1.00 38.76  ? 111 HOH B O   1 
# 
loop_
_pdbx_poly_seq_scheme.asym_id 
_pdbx_poly_seq_scheme.entity_id 
_pdbx_poly_seq_scheme.seq_id 
_pdbx_poly_seq_scheme.mon_id 
_pdbx_poly_seq_scheme.ndb_seq_num 
_pdbx_poly_seq_scheme.pdb_seq_num 
_pdbx_poly_seq_scheme.auth_seq_num 
_pdbx_poly_seq_scheme.pdb_mon_id 
_pdbx_poly_seq_scheme.auth_mon_id 
_pdbx_poly_seq_scheme.pdb_strand_id 
_pdbx_poly_seq_scheme.pdb_ins_code 
_pdbx_poly_seq_scheme.hetero 
A 1 1  MET 1  289 ?   ?   ?   A . n 
A 1 2  GLU 2  290 ?   ?   ?   A . n 
A 1 3  LEU 3  291 291 LEU LEU A . n 
A 1 4  SER 4  292 292 SER SER A . n 
A 1 5  ALA 5  293 293 ALA ALA A . n 
A 1 6  SER 6  294 294 SER SER A . n 
A 1 7  ALA 7  295 295 ALA ALA A . n 
A 1 8  THR 8  296 296 THR THR A . n 
A 1 9  GLU 9  297 297 GLU GLU A . n 
A 1 10 LEU 10 298 298 LEU LEU A . n 
A 1 11 LEU 11 299 299 LEU LEU A . n 
A 1 12 GLN 12 300 300 GLN GLN A . n 
A 1 13 ASP 13 301 301 ASP ASP A . n 
A 1 14 TYR 14 302 302 TYR TYR A . n 
A 1 15 MET 15 303 303 MET MET A . n 
A 1 16 LEU 16 304 304 LEU LEU A . n 
A 1 17 THR 17 305 305 THR THR A . n 
A 1 18 LEU 18 306 306 LEU LEU A . n 
A 1 19 ARG 19 307 307 ARG ARG A . n 
A 1 20 THR 20 308 308 THR THR A . n 
A 1 21 LYS 21 309 309 LYS LYS A . n 
A 1 22 LEU 22 310 310 LEU LEU A . n 
A 1 23 SER 23 311 311 SER SER A . n 
A 1 24 SER 24 312 312 SER SER A . n 
A 1 25 GLN 25 313 313 GLN GLN A . n 
A 1 26 GLU 26 314 314 GLU GLU A . n 
A 1 27 ILE 27 315 315 ILE ILE A . n 
A 1 28 GLN 28 316 316 GLN GLN A . n 
A 1 29 GLN 29 317 317 GLN GLN A . n 
A 1 30 PHE 30 318 318 PHE PHE A . n 
A 1 31 ALA 31 319 319 ALA ALA A . n 
A 1 32 ALA 32 320 320 ALA ALA A . n 
A 1 33 LEU 33 321 321 LEU LEU A . n 
A 1 34 LEU 34 322 322 LEU LEU A . n 
A 1 35 HIS 35 323 323 HIS HIS A . n 
A 1 36 GLU 36 324 324 GLU GLU A . n 
A 1 37 TYR 37 325 325 TYR TYR A . n 
A 1 38 ARG 38 326 326 ARG ARG A . n 
A 1 39 ASN 39 327 327 ASN ASN A . n 
A 1 40 GLY 40 328 328 GLY GLY A . n 
A 1 41 ALA 41 329 329 ALA ALA A . n 
A 1 42 SER 42 330 330 SER SER A . n 
A 1 43 ILE 43 331 331 ILE ILE A . n 
A 1 44 HIS 44 332 332 HIS HIS A . n 
A 1 45 GLU 45 333 333 GLU GLU A . n 
A 1 46 PHE 46 334 334 PHE PHE A . n 
A 1 47 CYS 47 335 335 CYS CYS A . n 
A 1 48 ILE 48 336 336 ILE ILE A . n 
A 1 49 ASN 49 337 337 ASN ASN A . n 
A 1 50 LEU 50 338 338 LEU LEU A . n 
A 1 51 ARG 51 339 339 ARG ARG A . n 
A 1 52 GLN 52 340 340 GLN GLN A . n 
A 1 53 LEU 53 341 341 LEU LEU A . n 
A 1 54 TYR 54 342 342 TYR TYR A . n 
A 1 55 GLY 55 343 343 GLY GLY A . n 
A 1 56 ASP 56 344 344 ASP ASP A . n 
A 1 57 SER 57 345 345 SER SER A . n 
A 1 58 ARG 58 346 346 ARG ARG A . n 
A 1 59 LYS 59 347 347 LYS LYS A . n 
A 1 60 PHE 60 348 348 PHE PHE A . n 
A 1 61 LEU 61 349 349 LEU LEU A . n 
A 1 62 LEU 62 350 350 LEU LEU A . n 
A 1 63 LEU 63 351 351 LEU LEU A . n 
A 1 64 GLY 64 352 352 GLY GLY A . n 
A 1 65 LEU 65 353 353 LEU LEU A . n 
A 1 66 ARG 66 354 354 ARG ARG A . n 
A 1 67 PRO 67 355 355 PRO PRO A . n 
A 1 68 PHE 68 356 356 PHE PHE A . n 
A 1 69 ILE 69 357 357 ILE ILE A . n 
A 1 70 PRO 70 358 358 PRO PRO A . n 
A 1 71 GLU 71 359 359 GLU GLU A . n 
A 1 72 LYS 72 360 360 LYS LYS A . n 
A 1 73 ASP 73 361 361 ASP ASP A . n 
A 1 74 SER 74 362 362 SER SER A . n 
A 1 75 GLN 75 363 363 GLN GLN A . n 
A 1 76 HIS 76 364 364 HIS HIS A . n 
A 1 77 PHE 77 365 365 PHE PHE A . n 
A 1 78 GLU 78 366 366 GLU GLU A . n 
A 1 79 ASN 79 367 367 ASN ASN A . n 
A 1 80 PHE 80 368 368 PHE PHE A . n 
A 1 81 LEU 81 369 369 LEU LEU A . n 
A 1 82 GLU 82 370 370 GLU GLU A . n 
A 1 83 THR 83 371 371 THR THR A . n 
A 1 84 ILE 84 372 372 ILE ILE A . n 
A 1 85 GLY 85 373 373 GLY GLY A . n 
A 1 86 VAL 86 374 374 VAL VAL A . n 
A 1 87 LYS 87 375 375 LYS LYS A . n 
A 1 88 ASP 88 376 376 ASP ASP A . n 
A 1 89 LEU 89 377 377 LEU LEU A . n 
A 1 90 GLU 90 378 378 GLU GLU A . n 
A 1 91 HIS 91 379 ?   ?   ?   A . n 
A 1 92 HIS 92 380 ?   ?   ?   A . n 
A 1 93 HIS 93 381 ?   ?   ?   A . n 
A 1 94 HIS 94 382 ?   ?   ?   A . n 
A 1 95 HIS 95 383 ?   ?   ?   A . n 
A 1 96 HIS 96 384 ?   ?   ?   A . n 
B 2 1  MET 1  1   ?   ?   ?   B . n 
B 2 2  ASP 2  2   2   ASP ASP B . n 
B 2 3  GLU 3  3   3   GLU GLU B . n 
B 2 4  GLN 4  4   4   GLN GLN B . n 
B 2 5  GLU 5  5   5   GLU GLU B . n 
B 2 6  ALA 6  6   6   ALA ALA B . n 
B 2 7  LEU 7  7   7   LEU LEU B . n 
B 2 8  ASN 8  8   8   ASN ASN B . n 
B 2 9  SER 9  9   9   SER SER B . n 
B 2 10 ILE 10 10  10  ILE ILE B . n 
B 2 11 MET 11 11  11  MET MET B . n 
B 2 12 ASN 12 12  12  ASN ASN B . n 
B 2 13 ASP 13 13  13  ASP ASP B . n 
B 2 14 LEU 14 14  14  LEU LEU B . n 
B 2 15 VAL 15 15  15  VAL VAL B . n 
B 2 16 ALA 16 16  16  ALA ALA B . n 
B 2 17 LEU 17 17  17  LEU LEU B . n 
B 2 18 GLN 18 18  18  GLN GLN B . n 
B 2 19 MET 19 19  19  MET MET B . n 
B 2 20 ASN 20 20  ?   ?   ?   B . n 
B 2 21 ARG 21 21  ?   ?   ?   B . n 
B 2 22 ARG 22 22  ?   ?   ?   B . n 
# 
loop_
_pdbx_nonpoly_scheme.asym_id 
_pdbx_nonpoly_scheme.entity_id 
_pdbx_nonpoly_scheme.mon_id 
_pdbx_nonpoly_scheme.ndb_seq_num 
_pdbx_nonpoly_scheme.pdb_seq_num 
_pdbx_nonpoly_scheme.auth_seq_num 
_pdbx_nonpoly_scheme.pdb_mon_id 
_pdbx_nonpoly_scheme.auth_mon_id 
_pdbx_nonpoly_scheme.pdb_strand_id 
_pdbx_nonpoly_scheme.pdb_ins_code 
C 3 HOH 1  401 16 HOH HOH A . 
C 3 HOH 2  402 30 HOH HOH A . 
C 3 HOH 3  403 10 HOH HOH A . 
C 3 HOH 4  404 38 HOH HOH A . 
C 3 HOH 5  405 34 HOH HOH A . 
C 3 HOH 6  406 8  HOH HOH A . 
C 3 HOH 7  407 37 HOH HOH A . 
C 3 HOH 8  408 6  HOH HOH A . 
C 3 HOH 9  409 1  HOH HOH A . 
C 3 HOH 10 410 2  HOH HOH A . 
C 3 HOH 11 411 53 HOH HOH A . 
C 3 HOH 12 412 44 HOH HOH A . 
C 3 HOH 13 413 39 HOH HOH A . 
C 3 HOH 14 414 55 HOH HOH A . 
C 3 HOH 15 415 36 HOH HOH A . 
C 3 HOH 16 416 13 HOH HOH A . 
C 3 HOH 17 417 11 HOH HOH A . 
C 3 HOH 18 418 41 HOH HOH A . 
C 3 HOH 19 419 4  HOH HOH A . 
C 3 HOH 20 420 29 HOH HOH A . 
C 3 HOH 21 421 63 HOH HOH A . 
C 3 HOH 22 422 18 HOH HOH A . 
C 3 HOH 23 423 31 HOH HOH A . 
C 3 HOH 24 424 49 HOH HOH A . 
C 3 HOH 25 425 17 HOH HOH A . 
C 3 HOH 26 426 25 HOH HOH A . 
C 3 HOH 27 427 51 HOH HOH A . 
C 3 HOH 28 428 40 HOH HOH A . 
C 3 HOH 29 429 52 HOH HOH A . 
C 3 HOH 30 430 24 HOH HOH A . 
C 3 HOH 31 431 68 HOH HOH A . 
C 3 HOH 32 432 73 HOH HOH A . 
C 3 HOH 33 433 5  HOH HOH A . 
C 3 HOH 34 434 7  HOH HOH A . 
C 3 HOH 35 435 9  HOH HOH A . 
C 3 HOH 36 436 14 HOH HOH A . 
C 3 HOH 37 437 15 HOH HOH A . 
C 3 HOH 38 438 19 HOH HOH A . 
C 3 HOH 39 439 20 HOH HOH A . 
C 3 HOH 40 440 21 HOH HOH A . 
C 3 HOH 41 441 22 HOH HOH A . 
C 3 HOH 42 442 23 HOH HOH A . 
C 3 HOH 43 443 26 HOH HOH A . 
C 3 HOH 44 444 28 HOH HOH A . 
C 3 HOH 45 445 32 HOH HOH A . 
C 3 HOH 46 446 33 HOH HOH A . 
C 3 HOH 47 447 35 HOH HOH A . 
C 3 HOH 48 448 42 HOH HOH A . 
C 3 HOH 49 449 46 HOH HOH A . 
C 3 HOH 50 450 47 HOH HOH A . 
C 3 HOH 51 451 54 HOH HOH A . 
C 3 HOH 52 452 58 HOH HOH A . 
C 3 HOH 53 453 59 HOH HOH A . 
C 3 HOH 54 454 62 HOH HOH A . 
C 3 HOH 55 455 66 HOH HOH A . 
C 3 HOH 56 456 67 HOH HOH A . 
C 3 HOH 57 457 69 HOH HOH A . 
C 3 HOH 58 458 72 HOH HOH A . 
C 3 HOH 59 459 74 HOH HOH A . 
D 3 HOH 1  101 27 HOH HOH B . 
D 3 HOH 2  102 48 HOH HOH B . 
D 3 HOH 3  103 43 HOH HOH B . 
D 3 HOH 4  104 70 HOH HOH B . 
D 3 HOH 5  105 3  HOH HOH B . 
D 3 HOH 6  106 12 HOH HOH B . 
D 3 HOH 7  107 57 HOH HOH B . 
D 3 HOH 8  108 61 HOH HOH B . 
D 3 HOH 9  109 64 HOH HOH B . 
D 3 HOH 10 110 65 HOH HOH B . 
D 3 HOH 11 111 71 HOH HOH B . 
# 
_pdbx_struct_assembly.id                   1 
_pdbx_struct_assembly.details              author_and_software_defined_assembly 
_pdbx_struct_assembly.method_details       PISA 
_pdbx_struct_assembly.oligomeric_details   dimeric 
_pdbx_struct_assembly.oligomeric_count     2 
# 
_pdbx_struct_assembly_gen.assembly_id       1 
_pdbx_struct_assembly_gen.oper_expression   1 
_pdbx_struct_assembly_gen.asym_id_list      A,B,C,D 
# 
loop_
_pdbx_struct_assembly_prop.biol_id 
_pdbx_struct_assembly_prop.type 
_pdbx_struct_assembly_prop.value 
_pdbx_struct_assembly_prop.details 
1 'ABSA (A^2)' 1750 ? 
1 MORE         -15  ? 
1 'SSA (A^2)'  6120 ? 
# 
_pdbx_struct_oper_list.id                   1 
_pdbx_struct_oper_list.type                 'identity operation' 
_pdbx_struct_oper_list.name                 1_555 
_pdbx_struct_oper_list.symmetry_operation   x,y,z 
_pdbx_struct_oper_list.matrix[1][1]         1.0000000000 
_pdbx_struct_oper_list.matrix[1][2]         0.0000000000 
_pdbx_struct_oper_list.matrix[1][3]         0.0000000000 
_pdbx_struct_oper_list.vector[1]            0.0000000000 
_pdbx_struct_oper_list.matrix[2][1]         0.0000000000 
_pdbx_struct_oper_list.matrix[2][2]         1.0000000000 
_pdbx_struct_oper_list.matrix[2][3]         0.0000000000 
_pdbx_struct_oper_list.vector[2]            0.0000000000 
_pdbx_struct_oper_list.matrix[3][1]         0.0000000000 
_pdbx_struct_oper_list.matrix[3][2]         0.0000000000 
_pdbx_struct_oper_list.matrix[3][3]         1.0000000000 
_pdbx_struct_oper_list.vector[3]            0.0000000000 
# 
_pdbx_struct_special_symmetry.id              1 
_pdbx_struct_special_symmetry.PDB_model_num   1 
_pdbx_struct_special_symmetry.auth_asym_id    A 
_pdbx_struct_special_symmetry.auth_comp_id    HOH 
_pdbx_struct_special_symmetry.auth_seq_id     426 
_pdbx_struct_special_symmetry.PDB_ins_code    ? 
_pdbx_struct_special_symmetry.label_asym_id   C 
_pdbx_struct_special_symmetry.label_comp_id   HOH 
_pdbx_struct_special_symmetry.label_seq_id    . 
# 
loop_
_pdbx_audit_revision_history.ordinal 
_pdbx_audit_revision_history.data_content_type 
_pdbx_audit_revision_history.major_revision 
_pdbx_audit_revision_history.minor_revision 
_pdbx_audit_revision_history.revision_date 
1 'Structure model' 1 0 2015-06-03 
2 'Structure model' 1 1 2015-06-17 
3 'Structure model' 1 2 2023-11-08 
# 
_pdbx_audit_revision_details.ordinal             1 
_pdbx_audit_revision_details.revision_ordinal    1 
_pdbx_audit_revision_details.data_content_type   'Structure model' 
_pdbx_audit_revision_details.provider            repository 
_pdbx_audit_revision_details.type                'Initial release' 
_pdbx_audit_revision_details.description         ? 
_pdbx_audit_revision_details.details             ? 
# 
loop_
_pdbx_audit_revision_group.ordinal 
_pdbx_audit_revision_group.revision_ordinal 
_pdbx_audit_revision_group.data_content_type 
_pdbx_audit_revision_group.group 
1 2 'Structure model' 'Database references'    
2 3 'Structure model' 'Data collection'        
3 3 'Structure model' 'Database references'    
4 3 'Structure model' 'Derived calculations'   
5 3 'Structure model' 'Refinement description' 
6 3 'Structure model' 'Source and taxonomy'    
# 
loop_
_pdbx_audit_revision_category.ordinal 
_pdbx_audit_revision_category.revision_ordinal 
_pdbx_audit_revision_category.data_content_type 
_pdbx_audit_revision_category.category 
1 3 'Structure model' chem_comp_atom                
2 3 'Structure model' chem_comp_bond                
3 3 'Structure model' citation                      
4 3 'Structure model' database_2                    
5 3 'Structure model' entity_src_gen                
6 3 'Structure model' pdbx_entity_src_syn           
7 3 'Structure model' pdbx_initial_refinement_model 
8 3 'Structure model' pdbx_struct_oper_list         
# 
loop_
_pdbx_audit_revision_item.ordinal 
_pdbx_audit_revision_item.revision_ordinal 
_pdbx_audit_revision_item.data_content_type 
_pdbx_audit_revision_item.item 
1 3 'Structure model' '_citation.journal_id_CSD'                  
2 3 'Structure model' '_database_2.pdbx_DOI'                      
3 3 'Structure model' '_database_2.pdbx_database_accession'       
4 3 'Structure model' '_entity_src_gen.pdbx_alt_source_flag'      
5 3 'Structure model' '_pdbx_entity_src_syn.pdbx_alt_source_flag' 
6 3 'Structure model' '_pdbx_struct_oper_list.symmetry_operation' 
# 
loop_
_software.citation_id 
_software.classification 
_software.compiler_name 
_software.compiler_version 
_software.contact_author 
_software.contact_author_email 
_software.date 
_software.description 
_software.dependencies 
_software.hardware 
_software.language 
_software.location 
_software.mods 
_software.name 
_software.os 
_software.os_version 
_software.type 
_software.version 
_software.pdbx_ordinal 
? refinement       ? ? ? ? ? ? ? ? ? ? ? PHENIX ? ? ? '(phenix.refine: 1.7.3_928)' 1 
? 'data reduction' ? ? ? ? ? ? ? ? ? ? ? MOSFLM ? ? ? .                            2 
? 'data scaling'   ? ? ? ? ? ? ? ? ? ? ? SCALA  ? ? ? .                            3 
? phasing          ? ? ? ? ? ? ? ? ? ? ? PHASER ? ? ? .                            4 
# 
loop_
_pdbx_unobs_or_zero_occ_residues.id 
_pdbx_unobs_or_zero_occ_residues.PDB_model_num 
_pdbx_unobs_or_zero_occ_residues.polymer_flag 
_pdbx_unobs_or_zero_occ_residues.occupancy_flag 
_pdbx_unobs_or_zero_occ_residues.auth_asym_id 
_pdbx_unobs_or_zero_occ_residues.auth_comp_id 
_pdbx_unobs_or_zero_occ_residues.auth_seq_id 
_pdbx_unobs_or_zero_occ_residues.PDB_ins_code 
_pdbx_unobs_or_zero_occ_residues.label_asym_id 
_pdbx_unobs_or_zero_occ_residues.label_comp_id 
_pdbx_unobs_or_zero_occ_residues.label_seq_id 
1  1 Y 1 A MET 289 ? A MET 1  
2  1 Y 1 A GLU 290 ? A GLU 2  
3  1 Y 1 A HIS 379 ? A HIS 91 
4  1 Y 1 A HIS 380 ? A HIS 92 
5  1 Y 1 A HIS 381 ? A HIS 93 
6  1 Y 1 A HIS 382 ? A HIS 94 
7  1 Y 1 A HIS 383 ? A HIS 95 
8  1 Y 1 A HIS 384 ? A HIS 96 
9  1 Y 1 B MET 1   ? B MET 1  
10 1 Y 1 B ASN 20  ? B ASN 20 
11 1 Y 1 B ARG 21  ? B ARG 21 
12 1 Y 1 B ARG 22  ? B ARG 22 
# 
loop_
_chem_comp_atom.comp_id 
_chem_comp_atom.atom_id 
_chem_comp_atom.type_symbol 
_chem_comp_atom.pdbx_aromatic_flag 
_chem_comp_atom.pdbx_stereo_config 
_chem_comp_atom.pdbx_ordinal 
ALA N    N N N 1   
ALA CA   C N S 2   
ALA C    C N N 3   
ALA O    O N N 4   
ALA CB   C N N 5   
ALA OXT  O N N 6   
ALA H    H N N 7   
ALA H2   H N N 8   
ALA HA   H N N 9   
ALA HB1  H N N 10  
ALA HB2  H N N 11  
ALA HB3  H N N 12  
ALA HXT  H N N 13  
ARG N    N N N 14  
ARG CA   C N S 15  
ARG C    C N N 16  
ARG O    O N N 17  
ARG CB   C N N 18  
ARG CG   C N N 19  
ARG CD   C N N 20  
ARG NE   N N N 21  
ARG CZ   C N N 22  
ARG NH1  N N N 23  
ARG NH2  N N N 24  
ARG OXT  O N N 25  
ARG H    H N N 26  
ARG H2   H N N 27  
ARG HA   H N N 28  
ARG HB2  H N N 29  
ARG HB3  H N N 30  
ARG HG2  H N N 31  
ARG HG3  H N N 32  
ARG HD2  H N N 33  
ARG HD3  H N N 34  
ARG HE   H N N 35  
ARG HH11 H N N 36  
ARG HH12 H N N 37  
ARG HH21 H N N 38  
ARG HH22 H N N 39  
ARG HXT  H N N 40  
ASN N    N N N 41  
ASN CA   C N S 42  
ASN C    C N N 43  
ASN O    O N N 44  
ASN CB   C N N 45  
ASN CG   C N N 46  
ASN OD1  O N N 47  
ASN ND2  N N N 48  
ASN OXT  O N N 49  
ASN H    H N N 50  
ASN H2   H N N 51  
ASN HA   H N N 52  
ASN HB2  H N N 53  
ASN HB3  H N N 54  
ASN HD21 H N N 55  
ASN HD22 H N N 56  
ASN HXT  H N N 57  
ASP N    N N N 58  
ASP CA   C N S 59  
ASP C    C N N 60  
ASP O    O N N 61  
ASP CB   C N N 62  
ASP CG   C N N 63  
ASP OD1  O N N 64  
ASP OD2  O N N 65  
ASP OXT  O N N 66  
ASP H    H N N 67  
ASP H2   H N N 68  
ASP HA   H N N 69  
ASP HB2  H N N 70  
ASP HB3  H N N 71  
ASP HD2  H N N 72  
ASP HXT  H N N 73  
CYS N    N N N 74  
CYS CA   C N R 75  
CYS C    C N N 76  
CYS O    O N N 77  
CYS CB   C N N 78  
CYS SG   S N N 79  
CYS OXT  O N N 80  
CYS H    H N N 81  
CYS H2   H N N 82  
CYS HA   H N N 83  
CYS HB2  H N N 84  
CYS HB3  H N N 85  
CYS HG   H N N 86  
CYS HXT  H N N 87  
GLN N    N N N 88  
GLN CA   C N S 89  
GLN C    C N N 90  
GLN O    O N N 91  
GLN CB   C N N 92  
GLN CG   C N N 93  
GLN CD   C N N 94  
GLN OE1  O N N 95  
GLN NE2  N N N 96  
GLN OXT  O N N 97  
GLN H    H N N 98  
GLN H2   H N N 99  
GLN HA   H N N 100 
GLN HB2  H N N 101 
GLN HB3  H N N 102 
GLN HG2  H N N 103 
GLN HG3  H N N 104 
GLN HE21 H N N 105 
GLN HE22 H N N 106 
GLN HXT  H N N 107 
GLU N    N N N 108 
GLU CA   C N S 109 
GLU C    C N N 110 
GLU O    O N N 111 
GLU CB   C N N 112 
GLU CG   C N N 113 
GLU CD   C N N 114 
GLU OE1  O N N 115 
GLU OE2  O N N 116 
GLU OXT  O N N 117 
GLU H    H N N 118 
GLU H2   H N N 119 
GLU HA   H N N 120 
GLU HB2  H N N 121 
GLU HB3  H N N 122 
GLU HG2  H N N 123 
GLU HG3  H N N 124 
GLU HE2  H N N 125 
GLU HXT  H N N 126 
GLY N    N N N 127 
GLY CA   C N N 128 
GLY C    C N N 129 
GLY O    O N N 130 
GLY OXT  O N N 131 
GLY H    H N N 132 
GLY H2   H N N 133 
GLY HA2  H N N 134 
GLY HA3  H N N 135 
GLY HXT  H N N 136 
HIS N    N N N 137 
HIS CA   C N S 138 
HIS C    C N N 139 
HIS O    O N N 140 
HIS CB   C N N 141 
HIS CG   C Y N 142 
HIS ND1  N Y N 143 
HIS CD2  C Y N 144 
HIS CE1  C Y N 145 
HIS NE2  N Y N 146 
HIS OXT  O N N 147 
HIS H    H N N 148 
HIS H2   H N N 149 
HIS HA   H N N 150 
HIS HB2  H N N 151 
HIS HB3  H N N 152 
HIS HD1  H N N 153 
HIS HD2  H N N 154 
HIS HE1  H N N 155 
HIS HE2  H N N 156 
HIS HXT  H N N 157 
HOH O    O N N 158 
HOH H1   H N N 159 
HOH H2   H N N 160 
ILE N    N N N 161 
ILE CA   C N S 162 
ILE C    C N N 163 
ILE O    O N N 164 
ILE CB   C N S 165 
ILE CG1  C N N 166 
ILE CG2  C N N 167 
ILE CD1  C N N 168 
ILE OXT  O N N 169 
ILE H    H N N 170 
ILE H2   H N N 171 
ILE HA   H N N 172 
ILE HB   H N N 173 
ILE HG12 H N N 174 
ILE HG13 H N N 175 
ILE HG21 H N N 176 
ILE HG22 H N N 177 
ILE HG23 H N N 178 
ILE HD11 H N N 179 
ILE HD12 H N N 180 
ILE HD13 H N N 181 
ILE HXT  H N N 182 
LEU N    N N N 183 
LEU CA   C N S 184 
LEU C    C N N 185 
LEU O    O N N 186 
LEU CB   C N N 187 
LEU CG   C N N 188 
LEU CD1  C N N 189 
LEU CD2  C N N 190 
LEU OXT  O N N 191 
LEU H    H N N 192 
LEU H2   H N N 193 
LEU HA   H N N 194 
LEU HB2  H N N 195 
LEU HB3  H N N 196 
LEU HG   H N N 197 
LEU HD11 H N N 198 
LEU HD12 H N N 199 
LEU HD13 H N N 200 
LEU HD21 H N N 201 
LEU HD22 H N N 202 
LEU HD23 H N N 203 
LEU HXT  H N N 204 
LYS N    N N N 205 
LYS CA   C N S 206 
LYS C    C N N 207 
LYS O    O N N 208 
LYS CB   C N N 209 
LYS CG   C N N 210 
LYS CD   C N N 211 
LYS CE   C N N 212 
LYS NZ   N N N 213 
LYS OXT  O N N 214 
LYS H    H N N 215 
LYS H2   H N N 216 
LYS HA   H N N 217 
LYS HB2  H N N 218 
LYS HB3  H N N 219 
LYS HG2  H N N 220 
LYS HG3  H N N 221 
LYS HD2  H N N 222 
LYS HD3  H N N 223 
LYS HE2  H N N 224 
LYS HE3  H N N 225 
LYS HZ1  H N N 226 
LYS HZ2  H N N 227 
LYS HZ3  H N N 228 
LYS HXT  H N N 229 
MET N    N N N 230 
MET CA   C N S 231 
MET C    C N N 232 
MET O    O N N 233 
MET CB   C N N 234 
MET CG   C N N 235 
MET SD   S N N 236 
MET CE   C N N 237 
MET OXT  O N N 238 
MET H    H N N 239 
MET H2   H N N 240 
MET HA   H N N 241 
MET HB2  H N N 242 
MET HB3  H N N 243 
MET HG2  H N N 244 
MET HG3  H N N 245 
MET HE1  H N N 246 
MET HE2  H N N 247 
MET HE3  H N N 248 
MET HXT  H N N 249 
PHE N    N N N 250 
PHE CA   C N S 251 
PHE C    C N N 252 
PHE O    O N N 253 
PHE CB   C N N 254 
PHE CG   C Y N 255 
PHE CD1  C Y N 256 
PHE CD2  C Y N 257 
PHE CE1  C Y N 258 
PHE CE2  C Y N 259 
PHE CZ   C Y N 260 
PHE OXT  O N N 261 
PHE H    H N N 262 
PHE H2   H N N 263 
PHE HA   H N N 264 
PHE HB2  H N N 265 
PHE HB3  H N N 266 
PHE HD1  H N N 267 
PHE HD2  H N N 268 
PHE HE1  H N N 269 
PHE HE2  H N N 270 
PHE HZ   H N N 271 
PHE HXT  H N N 272 
PRO N    N N N 273 
PRO CA   C N S 274 
PRO C    C N N 275 
PRO O    O N N 276 
PRO CB   C N N 277 
PRO CG   C N N 278 
PRO CD   C N N 279 
PRO OXT  O N N 280 
PRO H    H N N 281 
PRO HA   H N N 282 
PRO HB2  H N N 283 
PRO HB3  H N N 284 
PRO HG2  H N N 285 
PRO HG3  H N N 286 
PRO HD2  H N N 287 
PRO HD3  H N N 288 
PRO HXT  H N N 289 
SER N    N N N 290 
SER CA   C N S 291 
SER C    C N N 292 
SER O    O N N 293 
SER CB   C N N 294 
SER OG   O N N 295 
SER OXT  O N N 296 
SER H    H N N 297 
SER H2   H N N 298 
SER HA   H N N 299 
SER HB2  H N N 300 
SER HB3  H N N 301 
SER HG   H N N 302 
SER HXT  H N N 303 
THR N    N N N 304 
THR CA   C N S 305 
THR C    C N N 306 
THR O    O N N 307 
THR CB   C N R 308 
THR OG1  O N N 309 
THR CG2  C N N 310 
THR OXT  O N N 311 
THR H    H N N 312 
THR H2   H N N 313 
THR HA   H N N 314 
THR HB   H N N 315 
THR HG1  H N N 316 
THR HG21 H N N 317 
THR HG22 H N N 318 
THR HG23 H N N 319 
THR HXT  H N N 320 
TYR N    N N N 321 
TYR CA   C N S 322 
TYR C    C N N 323 
TYR O    O N N 324 
TYR CB   C N N 325 
TYR CG   C Y N 326 
TYR CD1  C Y N 327 
TYR CD2  C Y N 328 
TYR CE1  C Y N 329 
TYR CE2  C Y N 330 
TYR CZ   C Y N 331 
TYR OH   O N N 332 
TYR OXT  O N N 333 
TYR H    H N N 334 
TYR H2   H N N 335 
TYR HA   H N N 336 
TYR HB2  H N N 337 
TYR HB3  H N N 338 
TYR HD1  H N N 339 
TYR HD2  H N N 340 
TYR HE1  H N N 341 
TYR HE2  H N N 342 
TYR HH   H N N 343 
TYR HXT  H N N 344 
VAL N    N N N 345 
VAL CA   C N S 346 
VAL C    C N N 347 
VAL O    O N N 348 
VAL CB   C N N 349 
VAL CG1  C N N 350 
VAL CG2  C N N 351 
VAL OXT  O N N 352 
VAL H    H N N 353 
VAL H2   H N N 354 
VAL HA   H N N 355 
VAL HB   H N N 356 
VAL HG11 H N N 357 
VAL HG12 H N N 358 
VAL HG13 H N N 359 
VAL HG21 H N N 360 
VAL HG22 H N N 361 
VAL HG23 H N N 362 
VAL HXT  H N N 363 
# 
loop_
_chem_comp_bond.comp_id 
_chem_comp_bond.atom_id_1 
_chem_comp_bond.atom_id_2 
_chem_comp_bond.value_order 
_chem_comp_bond.pdbx_aromatic_flag 
_chem_comp_bond.pdbx_stereo_config 
_chem_comp_bond.pdbx_ordinal 
ALA N   CA   sing N N 1   
ALA N   H    sing N N 2   
ALA N   H2   sing N N 3   
ALA CA  C    sing N N 4   
ALA CA  CB   sing N N 5   
ALA CA  HA   sing N N 6   
ALA C   O    doub N N 7   
ALA C   OXT  sing N N 8   
ALA CB  HB1  sing N N 9   
ALA CB  HB2  sing N N 10  
ALA CB  HB3  sing N N 11  
ALA OXT HXT  sing N N 12  
ARG N   CA   sing N N 13  
ARG N   H    sing N N 14  
ARG N   H2   sing N N 15  
ARG CA  C    sing N N 16  
ARG CA  CB   sing N N 17  
ARG CA  HA   sing N N 18  
ARG C   O    doub N N 19  
ARG C   OXT  sing N N 20  
ARG CB  CG   sing N N 21  
ARG CB  HB2  sing N N 22  
ARG CB  HB3  sing N N 23  
ARG CG  CD   sing N N 24  
ARG CG  HG2  sing N N 25  
ARG CG  HG3  sing N N 26  
ARG CD  NE   sing N N 27  
ARG CD  HD2  sing N N 28  
ARG CD  HD3  sing N N 29  
ARG NE  CZ   sing N N 30  
ARG NE  HE   sing N N 31  
ARG CZ  NH1  sing N N 32  
ARG CZ  NH2  doub N N 33  
ARG NH1 HH11 sing N N 34  
ARG NH1 HH12 sing N N 35  
ARG NH2 HH21 sing N N 36  
ARG NH2 HH22 sing N N 37  
ARG OXT HXT  sing N N 38  
ASN N   CA   sing N N 39  
ASN N   H    sing N N 40  
ASN N   H2   sing N N 41  
ASN CA  C    sing N N 42  
ASN CA  CB   sing N N 43  
ASN CA  HA   sing N N 44  
ASN C   O    doub N N 45  
ASN C   OXT  sing N N 46  
ASN CB  CG   sing N N 47  
ASN CB  HB2  sing N N 48  
ASN CB  HB3  sing N N 49  
ASN CG  OD1  doub N N 50  
ASN CG  ND2  sing N N 51  
ASN ND2 HD21 sing N N 52  
ASN ND2 HD22 sing N N 53  
ASN OXT HXT  sing N N 54  
ASP N   CA   sing N N 55  
ASP N   H    sing N N 56  
ASP N   H2   sing N N 57  
ASP CA  C    sing N N 58  
ASP CA  CB   sing N N 59  
ASP CA  HA   sing N N 60  
ASP C   O    doub N N 61  
ASP C   OXT  sing N N 62  
ASP CB  CG   sing N N 63  
ASP CB  HB2  sing N N 64  
ASP CB  HB3  sing N N 65  
ASP CG  OD1  doub N N 66  
ASP CG  OD2  sing N N 67  
ASP OD2 HD2  sing N N 68  
ASP OXT HXT  sing N N 69  
CYS N   CA   sing N N 70  
CYS N   H    sing N N 71  
CYS N   H2   sing N N 72  
CYS CA  C    sing N N 73  
CYS CA  CB   sing N N 74  
CYS CA  HA   sing N N 75  
CYS C   O    doub N N 76  
CYS C   OXT  sing N N 77  
CYS CB  SG   sing N N 78  
CYS CB  HB2  sing N N 79  
CYS CB  HB3  sing N N 80  
CYS SG  HG   sing N N 81  
CYS OXT HXT  sing N N 82  
GLN N   CA   sing N N 83  
GLN N   H    sing N N 84  
GLN N   H2   sing N N 85  
GLN CA  C    sing N N 86  
GLN CA  CB   sing N N 87  
GLN CA  HA   sing N N 88  
GLN C   O    doub N N 89  
GLN C   OXT  sing N N 90  
GLN CB  CG   sing N N 91  
GLN CB  HB2  sing N N 92  
GLN CB  HB3  sing N N 93  
GLN CG  CD   sing N N 94  
GLN CG  HG2  sing N N 95  
GLN CG  HG3  sing N N 96  
GLN CD  OE1  doub N N 97  
GLN CD  NE2  sing N N 98  
GLN NE2 HE21 sing N N 99  
GLN NE2 HE22 sing N N 100 
GLN OXT HXT  sing N N 101 
GLU N   CA   sing N N 102 
GLU N   H    sing N N 103 
GLU N   H2   sing N N 104 
GLU CA  C    sing N N 105 
GLU CA  CB   sing N N 106 
GLU CA  HA   sing N N 107 
GLU C   O    doub N N 108 
GLU C   OXT  sing N N 109 
GLU CB  CG   sing N N 110 
GLU CB  HB2  sing N N 111 
GLU CB  HB3  sing N N 112 
GLU CG  CD   sing N N 113 
GLU CG  HG2  sing N N 114 
GLU CG  HG3  sing N N 115 
GLU CD  OE1  doub N N 116 
GLU CD  OE2  sing N N 117 
GLU OE2 HE2  sing N N 118 
GLU OXT HXT  sing N N 119 
GLY N   CA   sing N N 120 
GLY N   H    sing N N 121 
GLY N   H2   sing N N 122 
GLY CA  C    sing N N 123 
GLY CA  HA2  sing N N 124 
GLY CA  HA3  sing N N 125 
GLY C   O    doub N N 126 
GLY C   OXT  sing N N 127 
GLY OXT HXT  sing N N 128 
HIS N   CA   sing N N 129 
HIS N   H    sing N N 130 
HIS N   H2   sing N N 131 
HIS CA  C    sing N N 132 
HIS CA  CB   sing N N 133 
HIS CA  HA   sing N N 134 
HIS C   O    doub N N 135 
HIS C   OXT  sing N N 136 
HIS CB  CG   sing N N 137 
HIS CB  HB2  sing N N 138 
HIS CB  HB3  sing N N 139 
HIS CG  ND1  sing Y N 140 
HIS CG  CD2  doub Y N 141 
HIS ND1 CE1  doub Y N 142 
HIS ND1 HD1  sing N N 143 
HIS CD2 NE2  sing Y N 144 
HIS CD2 HD2  sing N N 145 
HIS CE1 NE2  sing Y N 146 
HIS CE1 HE1  sing N N 147 
HIS NE2 HE2  sing N N 148 
HIS OXT HXT  sing N N 149 
HOH O   H1   sing N N 150 
HOH O   H2   sing N N 151 
ILE N   CA   sing N N 152 
ILE N   H    sing N N 153 
ILE N   H2   sing N N 154 
ILE CA  C    sing N N 155 
ILE CA  CB   sing N N 156 
ILE CA  HA   sing N N 157 
ILE C   O    doub N N 158 
ILE C   OXT  sing N N 159 
ILE CB  CG1  sing N N 160 
ILE CB  CG2  sing N N 161 
ILE CB  HB   sing N N 162 
ILE CG1 CD1  sing N N 163 
ILE CG1 HG12 sing N N 164 
ILE CG1 HG13 sing N N 165 
ILE CG2 HG21 sing N N 166 
ILE CG2 HG22 sing N N 167 
ILE CG2 HG23 sing N N 168 
ILE CD1 HD11 sing N N 169 
ILE CD1 HD12 sing N N 170 
ILE CD1 HD13 sing N N 171 
ILE OXT HXT  sing N N 172 
LEU N   CA   sing N N 173 
LEU N   H    sing N N 174 
LEU N   H2   sing N N 175 
LEU CA  C    sing N N 176 
LEU CA  CB   sing N N 177 
LEU CA  HA   sing N N 178 
LEU C   O    doub N N 179 
LEU C   OXT  sing N N 180 
LEU CB  CG   sing N N 181 
LEU CB  HB2  sing N N 182 
LEU CB  HB3  sing N N 183 
LEU CG  CD1  sing N N 184 
LEU CG  CD2  sing N N 185 
LEU CG  HG   sing N N 186 
LEU CD1 HD11 sing N N 187 
LEU CD1 HD12 sing N N 188 
LEU CD1 HD13 sing N N 189 
LEU CD2 HD21 sing N N 190 
LEU CD2 HD22 sing N N 191 
LEU CD2 HD23 sing N N 192 
LEU OXT HXT  sing N N 193 
LYS N   CA   sing N N 194 
LYS N   H    sing N N 195 
LYS N   H2   sing N N 196 
LYS CA  C    sing N N 197 
LYS CA  CB   sing N N 198 
LYS CA  HA   sing N N 199 
LYS C   O    doub N N 200 
LYS C   OXT  sing N N 201 
LYS CB  CG   sing N N 202 
LYS CB  HB2  sing N N 203 
LYS CB  HB3  sing N N 204 
LYS CG  CD   sing N N 205 
LYS CG  HG2  sing N N 206 
LYS CG  HG3  sing N N 207 
LYS CD  CE   sing N N 208 
LYS CD  HD2  sing N N 209 
LYS CD  HD3  sing N N 210 
LYS CE  NZ   sing N N 211 
LYS CE  HE2  sing N N 212 
LYS CE  HE3  sing N N 213 
LYS NZ  HZ1  sing N N 214 
LYS NZ  HZ2  sing N N 215 
LYS NZ  HZ3  sing N N 216 
LYS OXT HXT  sing N N 217 
MET N   CA   sing N N 218 
MET N   H    sing N N 219 
MET N   H2   sing N N 220 
MET CA  C    sing N N 221 
MET CA  CB   sing N N 222 
MET CA  HA   sing N N 223 
MET C   O    doub N N 224 
MET C   OXT  sing N N 225 
MET CB  CG   sing N N 226 
MET CB  HB2  sing N N 227 
MET CB  HB3  sing N N 228 
MET CG  SD   sing N N 229 
MET CG  HG2  sing N N 230 
MET CG  HG3  sing N N 231 
MET SD  CE   sing N N 232 
MET CE  HE1  sing N N 233 
MET CE  HE2  sing N N 234 
MET CE  HE3  sing N N 235 
MET OXT HXT  sing N N 236 
PHE N   CA   sing N N 237 
PHE N   H    sing N N 238 
PHE N   H2   sing N N 239 
PHE CA  C    sing N N 240 
PHE CA  CB   sing N N 241 
PHE CA  HA   sing N N 242 
PHE C   O    doub N N 243 
PHE C   OXT  sing N N 244 
PHE CB  CG   sing N N 245 
PHE CB  HB2  sing N N 246 
PHE CB  HB3  sing N N 247 
PHE CG  CD1  doub Y N 248 
PHE CG  CD2  sing Y N 249 
PHE CD1 CE1  sing Y N 250 
PHE CD1 HD1  sing N N 251 
PHE CD2 CE2  doub Y N 252 
PHE CD2 HD2  sing N N 253 
PHE CE1 CZ   doub Y N 254 
PHE CE1 HE1  sing N N 255 
PHE CE2 CZ   sing Y N 256 
PHE CE2 HE2  sing N N 257 
PHE CZ  HZ   sing N N 258 
PHE OXT HXT  sing N N 259 
PRO N   CA   sing N N 260 
PRO N   CD   sing N N 261 
PRO N   H    sing N N 262 
PRO CA  C    sing N N 263 
PRO CA  CB   sing N N 264 
PRO CA  HA   sing N N 265 
PRO C   O    doub N N 266 
PRO C   OXT  sing N N 267 
PRO CB  CG   sing N N 268 
PRO CB  HB2  sing N N 269 
PRO CB  HB3  sing N N 270 
PRO CG  CD   sing N N 271 
PRO CG  HG2  sing N N 272 
PRO CG  HG3  sing N N 273 
PRO CD  HD2  sing N N 274 
PRO CD  HD3  sing N N 275 
PRO OXT HXT  sing N N 276 
SER N   CA   sing N N 277 
SER N   H    sing N N 278 
SER N   H2   sing N N 279 
SER CA  C    sing N N 280 
SER CA  CB   sing N N 281 
SER CA  HA   sing N N 282 
SER C   O    doub N N 283 
SER C   OXT  sing N N 284 
SER CB  OG   sing N N 285 
SER CB  HB2  sing N N 286 
SER CB  HB3  sing N N 287 
SER OG  HG   sing N N 288 
SER OXT HXT  sing N N 289 
THR N   CA   sing N N 290 
THR N   H    sing N N 291 
THR N   H2   sing N N 292 
THR CA  C    sing N N 293 
THR CA  CB   sing N N 294 
THR CA  HA   sing N N 295 
THR C   O    doub N N 296 
THR C   OXT  sing N N 297 
THR CB  OG1  sing N N 298 
THR CB  CG2  sing N N 299 
THR CB  HB   sing N N 300 
THR OG1 HG1  sing N N 301 
THR CG2 HG21 sing N N 302 
THR CG2 HG22 sing N N 303 
THR CG2 HG23 sing N N 304 
THR OXT HXT  sing N N 305 
TYR N   CA   sing N N 306 
TYR N   H    sing N N 307 
TYR N   H2   sing N N 308 
TYR CA  C    sing N N 309 
TYR CA  CB   sing N N 310 
TYR CA  HA   sing N N 311 
TYR C   O    doub N N 312 
TYR C   OXT  sing N N 313 
TYR CB  CG   sing N N 314 
TYR CB  HB2  sing N N 315 
TYR CB  HB3  sing N N 316 
TYR CG  CD1  doub Y N 317 
TYR CG  CD2  sing Y N 318 
TYR CD1 CE1  sing Y N 319 
TYR CD1 HD1  sing N N 320 
TYR CD2 CE2  doub Y N 321 
TYR CD2 HD2  sing N N 322 
TYR CE1 CZ   doub Y N 323 
TYR CE1 HE1  sing N N 324 
TYR CE2 CZ   sing Y N 325 
TYR CE2 HE2  sing N N 326 
TYR CZ  OH   sing N N 327 
TYR OH  HH   sing N N 328 
TYR OXT HXT  sing N N 329 
VAL N   CA   sing N N 330 
VAL N   H    sing N N 331 
VAL N   H2   sing N N 332 
VAL CA  C    sing N N 333 
VAL CA  CB   sing N N 334 
VAL CA  HA   sing N N 335 
VAL C   O    doub N N 336 
VAL C   OXT  sing N N 337 
VAL CB  CG1  sing N N 338 
VAL CB  CG2  sing N N 339 
VAL CB  HB   sing N N 340 
VAL CG1 HG11 sing N N 341 
VAL CG1 HG12 sing N N 342 
VAL CG1 HG13 sing N N 343 
VAL CG2 HG21 sing N N 344 
VAL CG2 HG22 sing N N 345 
VAL CG2 HG23 sing N N 346 
VAL OXT HXT  sing N N 347 
# 
loop_
_pdbx_audit_support.funding_organization 
_pdbx_audit_support.country 
_pdbx_audit_support.grant_number 
_pdbx_audit_support.ordinal 
'Chinese Ministry of Science and Technology 973 program'                 China 2011CB910304 1 
'Strategic Priority Research Program of the Chinese Academy of Sciences' China XDB08020200  2 
# 
_pdbx_entity_nonpoly.entity_id   3 
_pdbx_entity_nonpoly.name        water 
_pdbx_entity_nonpoly.comp_id     HOH 
# 
_pdbx_initial_refinement_model.id               1 
_pdbx_initial_refinement_model.entity_id_list   ? 
_pdbx_initial_refinement_model.type             'experimental model' 
_pdbx_initial_refinement_model.source_name      PDB 
_pdbx_initial_refinement_model.accession_code   4YKD 
_pdbx_initial_refinement_model.details          ? 
# 
